data_4DH4
# 
_entry.id   4DH4 
# 
_audit_conform.dict_name       mmcif_pdbx.dic 
_audit_conform.dict_version    5.387 
_audit_conform.dict_location   http://mmcif.pdb.org/dictionaries/ascii/mmcif_pdbx.dic 
# 
loop_
_database_2.database_id 
_database_2.database_code 
_database_2.pdbx_database_accession 
_database_2.pdbx_DOI 
PDB   4DH4         pdb_00004dh4 10.2210/pdb4dh4/pdb 
RCSB  RCSB070321   ?            ?                   
WWPDB D_1000070321 ?            ?                   
# 
loop_
_pdbx_audit_revision_history.ordinal 
_pdbx_audit_revision_history.data_content_type 
_pdbx_audit_revision_history.major_revision 
_pdbx_audit_revision_history.minor_revision 
_pdbx_audit_revision_history.revision_date 
1 'Structure model' 1 0 2012-11-21 
2 'Structure model' 1 1 2013-05-22 
3 'Structure model' 1 2 2024-02-28 
# 
_pdbx_audit_revision_details.ordinal             1 
_pdbx_audit_revision_details.revision_ordinal    1 
_pdbx_audit_revision_details.data_content_type   'Structure model' 
_pdbx_audit_revision_details.provider            repository 
_pdbx_audit_revision_details.type                'Initial release' 
_pdbx_audit_revision_details.description         ? 
_pdbx_audit_revision_details.details             ? 
# 
loop_
_pdbx_audit_revision_group.ordinal 
_pdbx_audit_revision_group.revision_ordinal 
_pdbx_audit_revision_group.data_content_type 
_pdbx_audit_revision_group.group 
1 2 'Structure model' 'Database references'  
2 3 'Structure model' 'Data collection'      
3 3 'Structure model' 'Database references'  
4 3 'Structure model' 'Derived calculations' 
# 
loop_
_pdbx_audit_revision_category.ordinal 
_pdbx_audit_revision_category.revision_ordinal 
_pdbx_audit_revision_category.data_content_type 
_pdbx_audit_revision_category.category 
1 3 'Structure model' chem_comp_atom 
2 3 'Structure model' chem_comp_bond 
3 3 'Structure model' database_2     
4 3 'Structure model' struct_site    
# 
loop_
_pdbx_audit_revision_item.ordinal 
_pdbx_audit_revision_item.revision_ordinal 
_pdbx_audit_revision_item.data_content_type 
_pdbx_audit_revision_item.item 
1 3 'Structure model' '_database_2.pdbx_DOI'                
2 3 'Structure model' '_database_2.pdbx_database_accession' 
3 3 'Structure model' '_struct_site.pdbx_auth_asym_id'      
4 3 'Structure model' '_struct_site.pdbx_auth_comp_id'      
5 3 'Structure model' '_struct_site.pdbx_auth_seq_id'       
# 
_pdbx_database_status.status_code                     REL 
_pdbx_database_status.entry_id                        4DH4 
_pdbx_database_status.recvd_initial_deposition_date   2012-01-27 
_pdbx_database_status.deposit_site                    RCSB 
_pdbx_database_status.process_site                    RCSB 
_pdbx_database_status.status_code_sf                  REL 
_pdbx_database_status.status_code_mr                  ? 
_pdbx_database_status.SG_entry                        ? 
_pdbx_database_status.status_code_cs                  ? 
_pdbx_database_status.methods_development_category    ? 
_pdbx_database_status.pdb_format_compatible           Y 
_pdbx_database_status.status_code_nmr_data            ? 
# 
_audit_author.name           'Richardson, J.M.' 
_audit_author.pdbx_ordinal   1 
# 
_citation.id                        primary 
_citation.title                     
'Biochemical and Immunological Characterization of Toxoplasma gondii Macrophage Migration Inhibitory Factor.' 
_citation.journal_abbrev            J.Biol.Chem. 
_citation.journal_volume            288 
_citation.page_first                12733 
_citation.page_last                 12741 
_citation.year                      2013 
_citation.journal_id_ASTM           JBCHA3 
_citation.country                   US 
_citation.journal_id_ISSN           0021-9258 
_citation.journal_id_CSD            0071 
_citation.book_publisher            ? 
_citation.pdbx_database_id_PubMed   23443656 
_citation.pdbx_database_id_DOI      10.1074/jbc.M112.419911 
# 
loop_
_citation_author.citation_id 
_citation_author.name 
_citation_author.ordinal 
_citation_author.identifier_ORCID 
primary 'Sommerville, C.'  1 ? 
primary 'Richardson, J.M.' 2 ? 
primary 'Williams, R.A.'   3 ? 
primary 'Mottram, J.C.'    4 ? 
primary 'Roberts, C.W.'    5 ? 
primary 'Alexander, J.'    6 ? 
primary 'Henriquez, F.L.'  7 ? 
# 
loop_
_entity.id 
_entity.type 
_entity.src_method 
_entity.pdbx_description 
_entity.formula_weight 
_entity.pdbx_number_of_molecules 
_entity.pdbx_ec 
_entity.pdbx_mutation 
_entity.pdbx_fragment 
_entity.details 
1 polymer     man MIF           12078.892 1  5.3.2.1 ? ? ? 
2 non-polymer syn 'SULFATE ION' 96.063    1  ?       ? ? ? 
3 water       nat water         18.015    91 ?       ? ? ? 
# 
_entity_name_com.entity_id   1 
_entity_name_com.name        
'Macrophage migration inhibitory factor, putative, Macrophage migration inhibitory factor-like protein' 
# 
_entity_poly.entity_id                      1 
_entity_poly.type                           'polypeptide(L)' 
_entity_poly.nstd_linkage                   no 
_entity_poly.nstd_monomer                   no 
_entity_poly.pdbx_seq_one_letter_code       
;PKCMIFCPVAATPAQQDALLKDAEKAVADALGKPLSYVMVGYSQTGQMRFGGSSDPCAFIRVASIGGITSSTNCKIAAAL
SAACERHLGVPKNRIYTTFTNKSPSEWAMGDRTF
;
_entity_poly.pdbx_seq_one_letter_code_can   
;PKCMIFCPVAATPAQQDALLKDAEKAVADALGKPLSYVMVGYSQTGQMRFGGSSDPCAFIRVASIGGITSSTNCKIAAAL
SAACERHLGVPKNRIYTTFTNKSPSEWAMGDRTF
;
_entity_poly.pdbx_strand_id                 A 
_entity_poly.pdbx_target_identifier         ? 
# 
loop_
_pdbx_entity_nonpoly.entity_id 
_pdbx_entity_nonpoly.name 
_pdbx_entity_nonpoly.comp_id 
2 'SULFATE ION' SO4 
3 water         HOH 
# 
loop_
_entity_poly_seq.entity_id 
_entity_poly_seq.num 
_entity_poly_seq.mon_id 
_entity_poly_seq.hetero 
1 1   PRO n 
1 2   LYS n 
1 3   CYS n 
1 4   MET n 
1 5   ILE n 
1 6   PHE n 
1 7   CYS n 
1 8   PRO n 
1 9   VAL n 
1 10  ALA n 
1 11  ALA n 
1 12  THR n 
1 13  PRO n 
1 14  ALA n 
1 15  GLN n 
1 16  GLN n 
1 17  ASP n 
1 18  ALA n 
1 19  LEU n 
1 20  LEU n 
1 21  LYS n 
1 22  ASP n 
1 23  ALA n 
1 24  GLU n 
1 25  LYS n 
1 26  ALA n 
1 27  VAL n 
1 28  ALA n 
1 29  ASP n 
1 30  ALA n 
1 31  LEU n 
1 32  GLY n 
1 33  LYS n 
1 34  PRO n 
1 35  LEU n 
1 36  SER n 
1 37  TYR n 
1 38  VAL n 
1 39  MET n 
1 40  VAL n 
1 41  GLY n 
1 42  TYR n 
1 43  SER n 
1 44  GLN n 
1 45  THR n 
1 46  GLY n 
1 47  GLN n 
1 48  MET n 
1 49  ARG n 
1 50  PHE n 
1 51  GLY n 
1 52  GLY n 
1 53  SER n 
1 54  SER n 
1 55  ASP n 
1 56  PRO n 
1 57  CYS n 
1 58  ALA n 
1 59  PHE n 
1 60  ILE n 
1 61  ARG n 
1 62  VAL n 
1 63  ALA n 
1 64  SER n 
1 65  ILE n 
1 66  GLY n 
1 67  GLY n 
1 68  ILE n 
1 69  THR n 
1 70  SER n 
1 71  SER n 
1 72  THR n 
1 73  ASN n 
1 74  CYS n 
1 75  LYS n 
1 76  ILE n 
1 77  ALA n 
1 78  ALA n 
1 79  ALA n 
1 80  LEU n 
1 81  SER n 
1 82  ALA n 
1 83  ALA n 
1 84  CYS n 
1 85  GLU n 
1 86  ARG n 
1 87  HIS n 
1 88  LEU n 
1 89  GLY n 
1 90  VAL n 
1 91  PRO n 
1 92  LYS n 
1 93  ASN n 
1 94  ARG n 
1 95  ILE n 
1 96  TYR n 
1 97  THR n 
1 98  THR n 
1 99  PHE n 
1 100 THR n 
1 101 ASN n 
1 102 LYS n 
1 103 SER n 
1 104 PRO n 
1 105 SER n 
1 106 GLU n 
1 107 TRP n 
1 108 ALA n 
1 109 MET n 
1 110 GLY n 
1 111 ASP n 
1 112 ARG n 
1 113 THR n 
1 114 PHE n 
# 
_entity_src_gen.entity_id                          1 
_entity_src_gen.pdbx_src_id                        1 
_entity_src_gen.pdbx_alt_source_flag               sample 
_entity_src_gen.pdbx_seq_type                      ? 
_entity_src_gen.pdbx_beg_seq_num                   ? 
_entity_src_gen.pdbx_end_seq_num                   ? 
_entity_src_gen.gene_src_common_name               ? 
_entity_src_gen.gene_src_genus                     ? 
_entity_src_gen.pdbx_gene_src_gene                 'TGGT1_032990, TGME49_090040, TGVEG_083780' 
_entity_src_gen.gene_src_species                   ? 
_entity_src_gen.gene_src_strain                    ? 
_entity_src_gen.gene_src_tissue                    ? 
_entity_src_gen.gene_src_tissue_fraction           ? 
_entity_src_gen.gene_src_details                   ? 
_entity_src_gen.pdbx_gene_src_fragment             ? 
_entity_src_gen.pdbx_gene_src_scientific_name      'Toxoplasma gondii' 
_entity_src_gen.pdbx_gene_src_ncbi_taxonomy_id     5811 
_entity_src_gen.pdbx_gene_src_variant              ? 
_entity_src_gen.pdbx_gene_src_cell_line            ? 
_entity_src_gen.pdbx_gene_src_atcc                 ? 
_entity_src_gen.pdbx_gene_src_organ                ? 
_entity_src_gen.pdbx_gene_src_organelle            ? 
_entity_src_gen.pdbx_gene_src_cell                 ? 
_entity_src_gen.pdbx_gene_src_cellular_location    ? 
_entity_src_gen.host_org_common_name               ? 
_entity_src_gen.pdbx_host_org_scientific_name      'Escherichia coli' 
_entity_src_gen.pdbx_host_org_ncbi_taxonomy_id     469008 
_entity_src_gen.host_org_genus                     ? 
_entity_src_gen.pdbx_host_org_gene                 ? 
_entity_src_gen.pdbx_host_org_organ                ? 
_entity_src_gen.host_org_species                   ? 
_entity_src_gen.pdbx_host_org_tissue               ? 
_entity_src_gen.pdbx_host_org_tissue_fraction      ? 
_entity_src_gen.pdbx_host_org_strain               'BL21(DE3)' 
_entity_src_gen.pdbx_host_org_variant              ? 
_entity_src_gen.pdbx_host_org_cell_line            ? 
_entity_src_gen.pdbx_host_org_atcc                 ? 
_entity_src_gen.pdbx_host_org_culture_collection   ? 
_entity_src_gen.pdbx_host_org_cell                 ? 
_entity_src_gen.pdbx_host_org_organelle            ? 
_entity_src_gen.pdbx_host_org_cellular_location    ? 
_entity_src_gen.pdbx_host_org_vector_type          plasmid 
_entity_src_gen.pdbx_host_org_vector               ? 
_entity_src_gen.host_org_details                   ? 
_entity_src_gen.expression_system_id               ? 
_entity_src_gen.plasmid_name                       pET21a 
_entity_src_gen.plasmid_details                    ? 
_entity_src_gen.pdbx_description                   ? 
# 
loop_
_chem_comp.id 
_chem_comp.type 
_chem_comp.mon_nstd_flag 
_chem_comp.name 
_chem_comp.pdbx_synonyms 
_chem_comp.formula 
_chem_comp.formula_weight 
ALA 'L-peptide linking' y ALANINE         ? 'C3 H7 N O2'     89.093  
ARG 'L-peptide linking' y ARGININE        ? 'C6 H15 N4 O2 1' 175.209 
ASN 'L-peptide linking' y ASPARAGINE      ? 'C4 H8 N2 O3'    132.118 
ASP 'L-peptide linking' y 'ASPARTIC ACID' ? 'C4 H7 N O4'     133.103 
CYS 'L-peptide linking' y CYSTEINE        ? 'C3 H7 N O2 S'   121.158 
GLN 'L-peptide linking' y GLUTAMINE       ? 'C5 H10 N2 O3'   146.144 
GLU 'L-peptide linking' y 'GLUTAMIC ACID' ? 'C5 H9 N O4'     147.129 
GLY 'peptide linking'   y GLYCINE         ? 'C2 H5 N O2'     75.067  
HIS 'L-peptide linking' y HISTIDINE       ? 'C6 H10 N3 O2 1' 156.162 
HOH non-polymer         . WATER           ? 'H2 O'           18.015  
ILE 'L-peptide linking' y ISOLEUCINE      ? 'C6 H13 N O2'    131.173 
LEU 'L-peptide linking' y LEUCINE         ? 'C6 H13 N O2'    131.173 
LYS 'L-peptide linking' y LYSINE          ? 'C6 H15 N2 O2 1' 147.195 
MET 'L-peptide linking' y METHIONINE      ? 'C5 H11 N O2 S'  149.211 
PHE 'L-peptide linking' y PHENYLALANINE   ? 'C9 H11 N O2'    165.189 
PRO 'L-peptide linking' y PROLINE         ? 'C5 H9 N O2'     115.130 
SER 'L-peptide linking' y SERINE          ? 'C3 H7 N O3'     105.093 
SO4 non-polymer         . 'SULFATE ION'   ? 'O4 S -2'        96.063  
THR 'L-peptide linking' y THREONINE       ? 'C4 H9 N O3'     119.119 
TRP 'L-peptide linking' y TRYPTOPHAN      ? 'C11 H12 N2 O2'  204.225 
TYR 'L-peptide linking' y TYROSINE        ? 'C9 H11 N O3'    181.189 
VAL 'L-peptide linking' y VALINE          ? 'C5 H11 N O2'    117.146 
# 
loop_
_pdbx_poly_seq_scheme.asym_id 
_pdbx_poly_seq_scheme.entity_id 
_pdbx_poly_seq_scheme.seq_id 
_pdbx_poly_seq_scheme.mon_id 
_pdbx_poly_seq_scheme.ndb_seq_num 
_pdbx_poly_seq_scheme.pdb_seq_num 
_pdbx_poly_seq_scheme.auth_seq_num 
_pdbx_poly_seq_scheme.pdb_mon_id 
_pdbx_poly_seq_scheme.auth_mon_id 
_pdbx_poly_seq_scheme.pdb_strand_id 
_pdbx_poly_seq_scheme.pdb_ins_code 
_pdbx_poly_seq_scheme.hetero 
A 1 1   PRO 1   1   1   PRO PRO A . n 
A 1 2   LYS 2   2   2   LYS LYS A . n 
A 1 3   CYS 3   3   3   CYS CYS A . n 
A 1 4   MET 4   4   4   MET MET A . n 
A 1 5   ILE 5   5   5   ILE ILE A . n 
A 1 6   PHE 6   6   6   PHE PHE A . n 
A 1 7   CYS 7   7   7   CYS CYS A . n 
A 1 8   PRO 8   8   8   PRO PRO A . n 
A 1 9   VAL 9   9   9   VAL VAL A . n 
A 1 10  ALA 10  10  10  ALA ALA A . n 
A 1 11  ALA 11  11  11  ALA ALA A . n 
A 1 12  THR 12  12  12  THR THR A . n 
A 1 13  PRO 13  13  13  PRO PRO A . n 
A 1 14  ALA 14  14  14  ALA ALA A . n 
A 1 15  GLN 15  15  15  GLN GLN A . n 
A 1 16  GLN 16  16  16  GLN GLN A . n 
A 1 17  ASP 17  17  17  ASP ASP A . n 
A 1 18  ALA 18  18  18  ALA ALA A . n 
A 1 19  LEU 19  19  19  LEU LEU A . n 
A 1 20  LEU 20  20  20  LEU LEU A . n 
A 1 21  LYS 21  21  21  LYS LYS A . n 
A 1 22  ASP 22  22  22  ASP ASP A . n 
A 1 23  ALA 23  23  23  ALA ALA A . n 
A 1 24  GLU 24  24  24  GLU GLU A . n 
A 1 25  LYS 25  25  25  LYS LYS A . n 
A 1 26  ALA 26  26  26  ALA ALA A . n 
A 1 27  VAL 27  27  27  VAL VAL A . n 
A 1 28  ALA 28  28  28  ALA ALA A . n 
A 1 29  ASP 29  29  29  ASP ASP A . n 
A 1 30  ALA 30  30  30  ALA ALA A . n 
A 1 31  LEU 31  31  31  LEU LEU A . n 
A 1 32  GLY 32  32  32  GLY GLY A . n 
A 1 33  LYS 33  33  33  LYS LYS A . n 
A 1 34  PRO 34  34  34  PRO PRO A . n 
A 1 35  LEU 35  35  35  LEU LEU A . n 
A 1 36  SER 36  36  36  SER SER A . n 
A 1 37  TYR 37  37  37  TYR TYR A . n 
A 1 38  VAL 38  38  38  VAL VAL A . n 
A 1 39  MET 39  39  39  MET MET A . n 
A 1 40  VAL 40  40  40  VAL VAL A . n 
A 1 41  GLY 41  41  41  GLY GLY A . n 
A 1 42  TYR 42  42  42  TYR TYR A . n 
A 1 43  SER 43  43  43  SER SER A . n 
A 1 44  GLN 44  44  44  GLN GLN A . n 
A 1 45  THR 45  45  45  THR THR A . n 
A 1 46  GLY 46  46  46  GLY GLY A . n 
A 1 47  GLN 47  47  47  GLN GLN A . n 
A 1 48  MET 48  48  48  MET MET A . n 
A 1 49  ARG 49  49  49  ARG ARG A . n 
A 1 50  PHE 50  50  50  PHE PHE A . n 
A 1 51  GLY 51  51  51  GLY GLY A . n 
A 1 52  GLY 52  52  52  GLY GLY A . n 
A 1 53  SER 53  53  53  SER SER A . n 
A 1 54  SER 54  54  54  SER SER A . n 
A 1 55  ASP 55  55  55  ASP ASP A . n 
A 1 56  PRO 56  56  56  PRO PRO A . n 
A 1 57  CYS 57  57  57  CYS CYS A . n 
A 1 58  ALA 58  58  58  ALA ALA A . n 
A 1 59  PHE 59  59  59  PHE PHE A . n 
A 1 60  ILE 60  60  60  ILE ILE A . n 
A 1 61  ARG 61  61  61  ARG ARG A . n 
A 1 62  VAL 62  62  62  VAL VAL A . n 
A 1 63  ALA 63  63  63  ALA ALA A . n 
A 1 64  SER 64  64  64  SER SER A . n 
A 1 65  ILE 65  65  65  ILE ILE A . n 
A 1 66  GLY 66  66  66  GLY GLY A . n 
A 1 67  GLY 67  67  67  GLY GLY A . n 
A 1 68  ILE 68  68  68  ILE ILE A . n 
A 1 69  THR 69  69  69  THR THR A . n 
A 1 70  SER 70  70  70  SER SER A . n 
A 1 71  SER 71  71  71  SER SER A . n 
A 1 72  THR 72  72  72  THR THR A . n 
A 1 73  ASN 73  73  73  ASN ASN A . n 
A 1 74  CYS 74  74  74  CYS CYS A . n 
A 1 75  LYS 75  75  75  LYS LYS A . n 
A 1 76  ILE 76  76  76  ILE ILE A . n 
A 1 77  ALA 77  77  77  ALA ALA A . n 
A 1 78  ALA 78  78  78  ALA ALA A . n 
A 1 79  ALA 79  79  79  ALA ALA A . n 
A 1 80  LEU 80  80  80  LEU LEU A . n 
A 1 81  SER 81  81  81  SER SER A . n 
A 1 82  ALA 82  82  82  ALA ALA A . n 
A 1 83  ALA 83  83  83  ALA ALA A . n 
A 1 84  CYS 84  84  84  CYS CYS A . n 
A 1 85  GLU 85  85  85  GLU GLU A . n 
A 1 86  ARG 86  86  86  ARG ARG A . n 
A 1 87  HIS 87  87  87  HIS HIS A . n 
A 1 88  LEU 88  88  88  LEU LEU A . n 
A 1 89  GLY 89  89  89  GLY GLY A . n 
A 1 90  VAL 90  90  90  VAL VAL A . n 
A 1 91  PRO 91  91  91  PRO PRO A . n 
A 1 92  LYS 92  92  92  LYS LYS A . n 
A 1 93  ASN 93  93  93  ASN ASN A . n 
A 1 94  ARG 94  94  94  ARG ARG A . n 
A 1 95  ILE 95  95  95  ILE ILE A . n 
A 1 96  TYR 96  96  96  TYR TYR A . n 
A 1 97  THR 97  97  97  THR THR A . n 
A 1 98  THR 98  98  98  THR THR A . n 
A 1 99  PHE 99  99  99  PHE PHE A . n 
A 1 100 THR 100 100 100 THR THR A . n 
A 1 101 ASN 101 101 101 ASN ASN A . n 
A 1 102 LYS 102 102 102 LYS LYS A . n 
A 1 103 SER 103 103 103 SER SER A . n 
A 1 104 PRO 104 104 104 PRO PRO A . n 
A 1 105 SER 105 105 105 SER SER A . n 
A 1 106 GLU 106 106 106 GLU GLU A . n 
A 1 107 TRP 107 107 107 TRP TRP A . n 
A 1 108 ALA 108 108 108 ALA ALA A . n 
A 1 109 MET 109 109 109 MET MET A . n 
A 1 110 GLY 110 110 110 GLY GLY A . n 
A 1 111 ASP 111 111 111 ASP ASP A . n 
A 1 112 ARG 112 112 112 ARG ARG A . n 
A 1 113 THR 113 113 113 THR THR A . n 
A 1 114 PHE 114 114 114 PHE PHE A . n 
# 
loop_
_pdbx_nonpoly_scheme.asym_id 
_pdbx_nonpoly_scheme.entity_id 
_pdbx_nonpoly_scheme.mon_id 
_pdbx_nonpoly_scheme.ndb_seq_num 
_pdbx_nonpoly_scheme.pdb_seq_num 
_pdbx_nonpoly_scheme.auth_seq_num 
_pdbx_nonpoly_scheme.pdb_mon_id 
_pdbx_nonpoly_scheme.auth_mon_id 
_pdbx_nonpoly_scheme.pdb_strand_id 
_pdbx_nonpoly_scheme.pdb_ins_code 
B 2 SO4 1  201 1  SO4 SO4 A . 
C 3 HOH 1  301 1  HOH HOH A . 
C 3 HOH 2  302 2  HOH HOH A . 
C 3 HOH 3  303 3  HOH HOH A . 
C 3 HOH 4  304 4  HOH HOH A . 
C 3 HOH 5  305 5  HOH HOH A . 
C 3 HOH 6  306 6  HOH HOH A . 
C 3 HOH 7  307 7  HOH HOH A . 
C 3 HOH 8  308 8  HOH HOH A . 
C 3 HOH 9  309 9  HOH HOH A . 
C 3 HOH 10 310 10 HOH HOH A . 
C 3 HOH 11 311 11 HOH HOH A . 
C 3 HOH 12 312 12 HOH HOH A . 
C 3 HOH 13 313 13 HOH HOH A . 
C 3 HOH 14 314 14 HOH HOH A . 
C 3 HOH 15 315 15 HOH HOH A . 
C 3 HOH 16 316 16 HOH HOH A . 
C 3 HOH 17 317 17 HOH HOH A . 
C 3 HOH 18 318 18 HOH HOH A . 
C 3 HOH 19 319 19 HOH HOH A . 
C 3 HOH 20 320 20 HOH HOH A . 
C 3 HOH 21 321 21 HOH HOH A . 
C 3 HOH 22 322 22 HOH HOH A . 
C 3 HOH 23 323 23 HOH HOH A . 
C 3 HOH 24 324 24 HOH HOH A . 
C 3 HOH 25 325 25 HOH HOH A . 
C 3 HOH 26 326 26 HOH HOH A . 
C 3 HOH 27 327 27 HOH HOH A . 
C 3 HOH 28 328 28 HOH HOH A . 
C 3 HOH 29 329 29 HOH HOH A . 
C 3 HOH 30 330 30 HOH HOH A . 
C 3 HOH 31 331 31 HOH HOH A . 
C 3 HOH 32 332 32 HOH HOH A . 
C 3 HOH 33 333 33 HOH HOH A . 
C 3 HOH 34 334 34 HOH HOH A . 
C 3 HOH 35 335 35 HOH HOH A . 
C 3 HOH 36 336 36 HOH HOH A . 
C 3 HOH 37 337 37 HOH HOH A . 
C 3 HOH 38 338 38 HOH HOH A . 
C 3 HOH 39 339 39 HOH HOH A . 
C 3 HOH 40 340 40 HOH HOH A . 
C 3 HOH 41 341 41 HOH HOH A . 
C 3 HOH 42 342 42 HOH HOH A . 
C 3 HOH 43 343 43 HOH HOH A . 
C 3 HOH 44 344 44 HOH HOH A . 
C 3 HOH 45 345 45 HOH HOH A . 
C 3 HOH 46 346 46 HOH HOH A . 
C 3 HOH 47 347 47 HOH HOH A . 
C 3 HOH 48 348 48 HOH HOH A . 
C 3 HOH 49 349 49 HOH HOH A . 
C 3 HOH 50 350 50 HOH HOH A . 
C 3 HOH 51 351 51 HOH HOH A . 
C 3 HOH 52 352 52 HOH HOH A . 
C 3 HOH 53 353 53 HOH HOH A . 
C 3 HOH 54 354 54 HOH HOH A . 
C 3 HOH 55 355 55 HOH HOH A . 
C 3 HOH 56 356 56 HOH HOH A . 
C 3 HOH 57 357 57 HOH HOH A . 
C 3 HOH 58 358 58 HOH HOH A . 
C 3 HOH 59 359 59 HOH HOH A . 
C 3 HOH 60 360 60 HOH HOH A . 
C 3 HOH 61 361 61 HOH HOH A . 
C 3 HOH 62 362 62 HOH HOH A . 
C 3 HOH 63 363 63 HOH HOH A . 
C 3 HOH 64 364 64 HOH HOH A . 
C 3 HOH 65 365 65 HOH HOH A . 
C 3 HOH 66 366 66 HOH HOH A . 
C 3 HOH 67 367 67 HOH HOH A . 
C 3 HOH 68 368 68 HOH HOH A . 
C 3 HOH 69 369 69 HOH HOH A . 
C 3 HOH 70 370 70 HOH HOH A . 
C 3 HOH 71 371 71 HOH HOH A . 
C 3 HOH 72 372 72 HOH HOH A . 
C 3 HOH 73 373 73 HOH HOH A . 
C 3 HOH 74 374 74 HOH HOH A . 
C 3 HOH 75 375 75 HOH HOH A . 
C 3 HOH 76 376 76 HOH HOH A . 
C 3 HOH 77 377 77 HOH HOH A . 
C 3 HOH 78 378 78 HOH HOH A . 
C 3 HOH 79 379 79 HOH HOH A . 
C 3 HOH 80 380 80 HOH HOH A . 
C 3 HOH 81 381 81 HOH HOH A . 
C 3 HOH 82 382 82 HOH HOH A . 
C 3 HOH 83 383 83 HOH HOH A . 
C 3 HOH 84 384 84 HOH HOH A . 
C 3 HOH 85 385 85 HOH HOH A . 
C 3 HOH 86 386 86 HOH HOH A . 
C 3 HOH 87 387 87 HOH HOH A . 
C 3 HOH 88 388 88 HOH HOH A . 
C 3 HOH 89 389 89 HOH HOH A . 
C 3 HOH 90 390 90 HOH HOH A . 
C 3 HOH 91 391 91 HOH HOH A . 
# 
loop_
_software.name 
_software.classification 
_software.version 
_software.citation_id 
_software.pdbx_ordinal 
DNA    'data collection' .        ? 1 
PHASER phasing           .        ? 2 
REFMAC refinement        5.2.0019 ? 3 
MOSFLM 'data reduction'  .        ? 4 
SCALA  'data scaling'    .        ? 5 
# 
_cell.entry_id           4DH4 
_cell.length_a           58.730 
_cell.length_b           58.730 
_cell.length_c           183.971 
_cell.angle_alpha        90.00 
_cell.angle_beta         90.00 
_cell.angle_gamma        120.00 
_cell.Z_PDB              18 
_cell.pdbx_unique_axis   ? 
_cell.length_a_esd       ? 
_cell.length_b_esd       ? 
_cell.length_c_esd       ? 
_cell.angle_alpha_esd    ? 
_cell.angle_beta_esd     ? 
_cell.angle_gamma_esd    ? 
# 
_symmetry.entry_id                         4DH4 
_symmetry.space_group_name_H-M             'H 3 2' 
_symmetry.pdbx_full_space_group_name_H-M   ? 
_symmetry.cell_setting                     ? 
_symmetry.Int_Tables_number                155 
_symmetry.space_group_name_Hall            ? 
# 
_exptl.entry_id          4DH4 
_exptl.method            'X-RAY DIFFRACTION' 
_exptl.crystals_number   1 
# 
_exptl_crystal.id                    1 
_exptl_crystal.density_meas          ? 
_exptl_crystal.density_Matthews      2.53 
_exptl_crystal.density_percent_sol   51.34 
_exptl_crystal.description           ? 
_exptl_crystal.F_000                 ? 
_exptl_crystal.preparation           ? 
# 
_exptl_crystal_grow.crystal_id      1 
_exptl_crystal_grow.method          'VAPOR DIFFUSION, HANGING DROP' 
_exptl_crystal_grow.temp            277 
_exptl_crystal_grow.temp_details    ? 
_exptl_crystal_grow.pH              6.5 
_exptl_crystal_grow.pdbx_details    '1.82M ammonium sulphate, 100mM Tris pH 6.5, VAPOR DIFFUSION, HANGING DROP, temperature 277K' 
_exptl_crystal_grow.pdbx_pH_range   ? 
# 
_diffrn.id                     1 
_diffrn.ambient_temp           200 
_diffrn.ambient_temp_details   ? 
_diffrn.crystal_id             1 
# 
_diffrn_detector.diffrn_id              1 
_diffrn_detector.detector               CCD 
_diffrn_detector.type                   'ADSC QUANTUM 315r' 
_diffrn_detector.pdbx_collection_date   2009-02-14 
_diffrn_detector.details                ? 
# 
_diffrn_radiation.diffrn_id                        1 
_diffrn_radiation.wavelength_id                    1 
_diffrn_radiation.pdbx_monochromatic_or_laue_m_l   M 
_diffrn_radiation.monochromator                    'double crystal Si (iii)' 
_diffrn_radiation.pdbx_diffrn_protocol             'SINGLE WAVELENGTH' 
_diffrn_radiation.pdbx_scattering_type             x-ray 
# 
_diffrn_radiation_wavelength.id           1 
_diffrn_radiation_wavelength.wavelength   0.97630 
_diffrn_radiation_wavelength.wt           1.0 
# 
_diffrn_source.diffrn_id                   1 
_diffrn_source.source                      SYNCHROTRON 
_diffrn_source.type                        'DIAMOND BEAMLINE I03' 
_diffrn_source.pdbx_synchrotron_site       Diamond 
_diffrn_source.pdbx_synchrotron_beamline   I03 
_diffrn_source.pdbx_wavelength             ? 
_diffrn_source.pdbx_wavelength_list        0.97630 
# 
_reflns.entry_id                     4DH4 
_reflns.observed_criterion_sigma_I   2 
_reflns.observed_criterion_sigma_F   2 
_reflns.d_resolution_low             49.0 
_reflns.d_resolution_high            1.82 
_reflns.number_obs                   11318 
_reflns.number_all                   11318 
_reflns.percent_possible_obs         100 
_reflns.pdbx_Rmerge_I_obs            0.083 
_reflns.pdbx_Rsym_value              ? 
_reflns.pdbx_netI_over_sigmaI        ? 
_reflns.B_iso_Wilson_estimate        ? 
_reflns.pdbx_redundancy              ? 
_reflns.R_free_details               ? 
_reflns.limit_h_max                  ? 
_reflns.limit_h_min                  ? 
_reflns.limit_k_max                  ? 
_reflns.limit_k_min                  ? 
_reflns.limit_l_max                  ? 
_reflns.limit_l_min                  ? 
_reflns.observed_criterion_F_max     ? 
_reflns.observed_criterion_F_min     ? 
_reflns.pdbx_chi_squared             ? 
_reflns.pdbx_scaling_rejects         ? 
_reflns.pdbx_ordinal                 1 
_reflns.pdbx_diffrn_id               1 
# 
_reflns_shell.d_res_high             1.82 
_reflns_shell.d_res_low              1.92 
_reflns_shell.percent_possible_all   100 
_reflns_shell.Rmerge_I_obs           0.395 
_reflns_shell.pdbx_Rsym_value        ? 
_reflns_shell.meanI_over_sigI_obs    5.8 
_reflns_shell.pdbx_redundancy        10.6 
_reflns_shell.percent_possible_obs   ? 
_reflns_shell.number_unique_all      1615 
_reflns_shell.number_measured_all    ? 
_reflns_shell.number_measured_obs    ? 
_reflns_shell.number_unique_obs      ? 
_reflns_shell.pdbx_chi_squared       ? 
_reflns_shell.pdbx_ordinal           1 
_reflns_shell.pdbx_diffrn_id         1 
# 
_refine.entry_id                                 4DH4 
_refine.ls_number_reflns_obs                     10778 
_refine.ls_number_reflns_all                     11318 
_refine.pdbx_ls_sigma_I                          ? 
_refine.pdbx_ls_sigma_F                          2 
_refine.pdbx_data_cutoff_high_absF               ? 
_refine.pdbx_data_cutoff_low_absF                ? 
_refine.pdbx_data_cutoff_high_rms_absF           ? 
_refine.ls_d_res_low                             49.0 
_refine.ls_d_res_high                            1.82 
_refine.ls_percent_reflns_obs                    99.95 
_refine.ls_R_factor_obs                          0.19486 
_refine.ls_R_factor_all                          0.195 
_refine.ls_R_factor_R_work                       0.19305 
_refine.ls_R_factor_R_free                       0.23107 
_refine.ls_R_factor_R_free_error                 ? 
_refine.ls_R_factor_R_free_error_details         ? 
_refine.ls_percent_reflns_R_free                 4.8 
_refine.ls_number_reflns_R_free                  540 
_refine.ls_number_parameters                     ? 
_refine.ls_number_restraints                     ? 
_refine.occupancy_min                            ? 
_refine.occupancy_max                            ? 
_refine.correlation_coeff_Fo_to_Fc               0.950 
_refine.correlation_coeff_Fo_to_Fc_free          0.915 
_refine.B_iso_mean                               19.499 
_refine.aniso_B[1][1]                            0.46 
_refine.aniso_B[2][2]                            0.46 
_refine.aniso_B[3][3]                            -0.69 
_refine.aniso_B[1][2]                            0.23 
_refine.aniso_B[1][3]                            0.00 
_refine.aniso_B[2][3]                            0.00 
_refine.solvent_model_details                    MASK 
_refine.solvent_model_param_ksol                 ? 
_refine.solvent_model_param_bsol                 ? 
_refine.pdbx_solvent_vdw_probe_radii             1.20 
_refine.pdbx_solvent_ion_probe_radii             0.80 
_refine.pdbx_solvent_shrinkage_radii             0.80 
_refine.pdbx_ls_cross_valid_method               THROUGHOUT 
_refine.details                                  'HYDROGENS HAVE BEEN ADDED IN THE RIDING POSITIONS' 
_refine.pdbx_starting_model                      ? 
_refine.pdbx_method_to_determine_struct          'MOLECULAR REPLACEMENT' 
_refine.pdbx_isotropic_thermal_model             ? 
_refine.pdbx_stereochemistry_target_values       'MAXIMUM LIKELIHOOD' 
_refine.pdbx_stereochem_target_val_spec_case     ? 
_refine.pdbx_R_Free_selection_details            RANDOM 
_refine.pdbx_overall_ESU_R                       0.140 
_refine.pdbx_overall_ESU_R_Free                  0.132 
_refine.overall_SU_ML                            0.083 
_refine.pdbx_overall_phase_error                 ? 
_refine.overall_SU_B                             2.631 
_refine.overall_SU_R_Cruickshank_DPI             ? 
_refine.ls_redundancy_reflns_obs                 ? 
_refine.B_iso_min                                ? 
_refine.B_iso_max                                ? 
_refine.overall_SU_R_free                        ? 
_refine.ls_wR_factor_R_free                      ? 
_refine.ls_wR_factor_R_work                      ? 
_refine.overall_FOM_free_R_set                   ? 
_refine.overall_FOM_work_R_set                   ? 
_refine.pdbx_diffrn_id                           1 
_refine.pdbx_refine_id                           'X-RAY DIFFRACTION' 
_refine.pdbx_TLS_residual_ADP_flag               ? 
_refine.pdbx_overall_SU_R_free_Cruickshank_DPI   ? 
_refine.pdbx_overall_SU_R_Blow_DPI               ? 
_refine.pdbx_overall_SU_R_free_Blow_DPI          ? 
# 
_refine_hist.pdbx_refine_id                   'X-RAY DIFFRACTION' 
_refine_hist.cycle_id                         LAST 
_refine_hist.pdbx_number_atoms_protein        842 
_refine_hist.pdbx_number_atoms_nucleic_acid   0 
_refine_hist.pdbx_number_atoms_ligand         5 
_refine_hist.number_atoms_solvent             91 
_refine_hist.number_atoms_total               938 
_refine_hist.d_res_high                       1.82 
_refine_hist.d_res_low                        49.0 
# 
loop_
_refine_ls_restr.type 
_refine_ls_restr.dev_ideal 
_refine_ls_restr.dev_ideal_target 
_refine_ls_restr.weight 
_refine_ls_restr.number 
_refine_ls_restr.pdbx_restraint_function 
_refine_ls_restr.pdbx_refine_id 
r_bond_refined_d             0.008  0.022  ? 959  ? 'X-RAY DIFFRACTION' 
r_bond_other_d               ?      ?      ? ?    ? 'X-RAY DIFFRACTION' 
r_angle_refined_deg          1.066  1.967  ? 1316 ? 'X-RAY DIFFRACTION' 
r_angle_other_deg            ?      ?      ? ?    ? 'X-RAY DIFFRACTION' 
r_dihedral_angle_1_deg       4.993  5.000  ? 135  ? 'X-RAY DIFFRACTION' 
r_dihedral_angle_2_deg       33.899 23.636 ? 33   ? 'X-RAY DIFFRACTION' 
r_dihedral_angle_3_deg       13.615 15.000 ? 157  ? 'X-RAY DIFFRACTION' 
r_dihedral_angle_4_deg       16.528 15.000 ? 5    ? 'X-RAY DIFFRACTION' 
r_chiral_restr               0.080  0.200  ? 144  ? 'X-RAY DIFFRACTION' 
r_gen_planes_refined         0.003  0.020  ? 748  ? 'X-RAY DIFFRACTION' 
r_gen_planes_other           ?      ?      ? ?    ? 'X-RAY DIFFRACTION' 
r_nbd_refined                0.197  0.200  ? 425  ? 'X-RAY DIFFRACTION' 
r_nbd_other                  ?      ?      ? ?    ? 'X-RAY DIFFRACTION' 
r_nbtor_refined              0.297  0.200  ? 687  ? 'X-RAY DIFFRACTION' 
r_nbtor_other                ?      ?      ? ?    ? 'X-RAY DIFFRACTION' 
r_xyhbond_nbd_refined        0.144  0.200  ? 58   ? 'X-RAY DIFFRACTION' 
r_xyhbond_nbd_other          ?      ?      ? ?    ? 'X-RAY DIFFRACTION' 
r_metal_ion_refined          ?      ?      ? ?    ? 'X-RAY DIFFRACTION' 
r_metal_ion_other            ?      ?      ? ?    ? 'X-RAY DIFFRACTION' 
r_symmetry_vdw_refined       0.244  0.200  ? 73   ? 'X-RAY DIFFRACTION' 
r_symmetry_vdw_other         ?      ?      ? ?    ? 'X-RAY DIFFRACTION' 
r_symmetry_hbond_refined     0.130  0.200  ? 24   ? 'X-RAY DIFFRACTION' 
r_symmetry_hbond_other       ?      ?      ? ?    ? 'X-RAY DIFFRACTION' 
r_symmetry_metal_ion_refined ?      ?      ? ?    ? 'X-RAY DIFFRACTION' 
r_symmetry_metal_ion_other   ?      ?      ? ?    ? 'X-RAY DIFFRACTION' 
r_mcbond_it                  0.569  1.500  ? 654  ? 'X-RAY DIFFRACTION' 
r_mcbond_other               ?      ?      ? ?    ? 'X-RAY DIFFRACTION' 
r_mcangle_it                 0.949  2.000  ? 1032 ? 'X-RAY DIFFRACTION' 
r_scbond_it                  1.559  3.000  ? 349  ? 'X-RAY DIFFRACTION' 
r_scangle_it                 2.541  4.500  ? 284  ? 'X-RAY DIFFRACTION' 
r_rigid_bond_restr           ?      ?      ? ?    ? 'X-RAY DIFFRACTION' 
r_sphericity_free            ?      ?      ? ?    ? 'X-RAY DIFFRACTION' 
r_sphericity_bonded          ?      ?      ? ?    ? 'X-RAY DIFFRACTION' 
# 
_refine_ls_shell.pdbx_total_number_of_bins_used   20 
_refine_ls_shell.d_res_high                       1.822 
_refine_ls_shell.d_res_low                        1.869 
_refine_ls_shell.number_reflns_R_work             774 
_refine_ls_shell.R_factor_R_work                  0.224 
_refine_ls_shell.percent_reflns_obs               100.00 
_refine_ls_shell.R_factor_R_free                  0.269 
_refine_ls_shell.R_factor_R_free_error            ? 
_refine_ls_shell.percent_reflns_R_free            ? 
_refine_ls_shell.number_reflns_R_free             44 
_refine_ls_shell.number_reflns_all                ? 
_refine_ls_shell.R_factor_all                     ? 
_refine_ls_shell.number_reflns_obs                ? 
_refine_ls_shell.redundancy_reflns_obs            ? 
_refine_ls_shell.pdbx_refine_id                   'X-RAY DIFFRACTION' 
# 
_struct.entry_id                  4DH4 
_struct.title                     'Macrophage migration inhibitory factor Toxoplasma gondii' 
_struct.pdbx_model_details        ? 
_struct.pdbx_CASP_flag            ? 
_struct.pdbx_model_type_details   ? 
# 
_struct_keywords.entry_id        4DH4 
_struct_keywords.pdbx_keywords   ISOMERASE 
_struct_keywords.text            'Trimer, ISOMERASE' 
# 
loop_
_struct_asym.id 
_struct_asym.pdbx_blank_PDB_chainid_flag 
_struct_asym.pdbx_modified 
_struct_asym.entity_id 
_struct_asym.details 
A N N 1 ? 
B N N 2 ? 
C N N 3 ? 
# 
_struct_ref.id                         1 
_struct_ref.db_name                    UNP 
_struct_ref.db_code                    A1XDS9_TOXGO 
_struct_ref.pdbx_db_accession          A1XDS9 
_struct_ref.entity_id                  1 
_struct_ref.pdbx_seq_one_letter_code   
;PKCMIFCPVAATPAQQDALLKDAEKAVADALGKPLSYVMVGYSQTGQMRFGGSSDPCAFIRVASIGGITSSTNCKIAAAL
SAACERHLGVPKNRIYTTFTNKSPSEWAMGDRTF
;
_struct_ref.pdbx_align_begin           2 
_struct_ref.pdbx_db_isoform            ? 
# 
_struct_ref_seq.align_id                      1 
_struct_ref_seq.ref_id                        1 
_struct_ref_seq.pdbx_PDB_id_code              4DH4 
_struct_ref_seq.pdbx_strand_id                A 
_struct_ref_seq.seq_align_beg                 1 
_struct_ref_seq.pdbx_seq_align_beg_ins_code   ? 
_struct_ref_seq.seq_align_end                 114 
_struct_ref_seq.pdbx_seq_align_end_ins_code   ? 
_struct_ref_seq.pdbx_db_accession             A1XDS9 
_struct_ref_seq.db_align_beg                  2 
_struct_ref_seq.pdbx_db_align_beg_ins_code    ? 
_struct_ref_seq.db_align_end                  115 
_struct_ref_seq.pdbx_db_align_end_ins_code    ? 
_struct_ref_seq.pdbx_auth_seq_align_beg       1 
_struct_ref_seq.pdbx_auth_seq_align_end       114 
# 
_pdbx_struct_assembly.id                   1 
_pdbx_struct_assembly.details              author_and_software_defined_assembly 
_pdbx_struct_assembly.method_details       PISA 
_pdbx_struct_assembly.oligomeric_details   trimeric 
_pdbx_struct_assembly.oligomeric_count     3 
# 
loop_
_pdbx_struct_assembly_prop.biol_id 
_pdbx_struct_assembly_prop.type 
_pdbx_struct_assembly_prop.value 
_pdbx_struct_assembly_prop.details 
1 'ABSA (A^2)' 8190  ? 
1 MORE         -93   ? 
1 'SSA (A^2)'  11670 ? 
# 
_pdbx_struct_assembly_gen.assembly_id       1 
_pdbx_struct_assembly_gen.oper_expression   1,2,3 
_pdbx_struct_assembly_gen.asym_id_list      A,B,C 
# 
loop_
_pdbx_struct_oper_list.id 
_pdbx_struct_oper_list.type 
_pdbx_struct_oper_list.name 
_pdbx_struct_oper_list.symmetry_operation 
_pdbx_struct_oper_list.matrix[1][1] 
_pdbx_struct_oper_list.matrix[1][2] 
_pdbx_struct_oper_list.matrix[1][3] 
_pdbx_struct_oper_list.vector[1] 
_pdbx_struct_oper_list.matrix[2][1] 
_pdbx_struct_oper_list.matrix[2][2] 
_pdbx_struct_oper_list.matrix[2][3] 
_pdbx_struct_oper_list.vector[2] 
_pdbx_struct_oper_list.matrix[3][1] 
_pdbx_struct_oper_list.matrix[3][2] 
_pdbx_struct_oper_list.matrix[3][3] 
_pdbx_struct_oper_list.vector[3] 
1 'identity operation'         1_555 x,y,z       1.0000000000  0.0000000000  0.0000000000  0.0000000000   0.0000000000  1.0000000000 0.0000000000  0.0000000000  0.0000000000  0.0000000000  1.0000000000  0.0000000000  
2 'crystal symmetry operation' 2_565 -y,x-y+1,z  -0.4209760707 -0.3364189030 -0.8423784599 -11.7021940145 -0.3337775963 0.9209725824 -0.2010025339 -2.7340010232 0.8434285175  0.1965498006  -0.4999965117 16.3693778173 
3 'crystal symmetry operation' 3_455 -x+y-1,-x,z -0.4209760707 -0.3337775963 0.8434285175  -19.6452920086 -0.3364189030 0.9209725824 0.1965498006  -4.6362972361 -0.8423784599 -0.2010025339 -0.4999965117 -2.2225854954 
# 
_struct_biol.id        1 
_struct_biol.details   ? 
# 
loop_
_struct_conf.conf_type_id 
_struct_conf.id 
_struct_conf.pdbx_PDB_helix_id 
_struct_conf.beg_label_comp_id 
_struct_conf.beg_label_asym_id 
_struct_conf.beg_label_seq_id 
_struct_conf.pdbx_beg_PDB_ins_code 
_struct_conf.end_label_comp_id 
_struct_conf.end_label_asym_id 
_struct_conf.end_label_seq_id 
_struct_conf.pdbx_end_PDB_ins_code 
_struct_conf.beg_auth_comp_id 
_struct_conf.beg_auth_asym_id 
_struct_conf.beg_auth_seq_id 
_struct_conf.end_auth_comp_id 
_struct_conf.end_auth_asym_id 
_struct_conf.end_auth_seq_id 
_struct_conf.pdbx_PDB_helix_class 
_struct_conf.details 
_struct_conf.pdbx_PDB_helix_length 
HELX_P HELX_P1 1 THR A 12  ? GLY A 32  ? THR A 12  GLY A 32  1 ? 21 
HELX_P HELX_P2 2 PRO A 34  ? VAL A 38  ? PRO A 34  VAL A 38  5 ? 5  
HELX_P HELX_P3 3 THR A 69  ? GLY A 89  ? THR A 69  GLY A 89  1 ? 21 
HELX_P HELX_P4 4 PRO A 91  ? ASN A 93  ? PRO A 91  ASN A 93  5 ? 3  
HELX_P HELX_P5 5 SER A 103 ? GLU A 106 ? SER A 103 GLU A 106 5 ? 4  
# 
_struct_conf_type.id          HELX_P 
_struct_conf_type.criteria    ? 
_struct_conf_type.reference   ? 
# 
loop_
_struct_sheet.id 
_struct_sheet.type 
_struct_sheet.number_strands 
_struct_sheet.details 
A ? 4 ? 
B ? 2 ? 
# 
loop_
_struct_sheet_order.sheet_id 
_struct_sheet_order.range_id_1 
_struct_sheet_order.range_id_2 
_struct_sheet_order.offset 
_struct_sheet_order.sense 
A 1 2 ? parallel      
A 2 3 ? anti-parallel 
A 3 4 ? parallel      
B 1 2 ? anti-parallel 
# 
loop_
_struct_sheet_range.sheet_id 
_struct_sheet_range.id 
_struct_sheet_range.beg_label_comp_id 
_struct_sheet_range.beg_label_asym_id 
_struct_sheet_range.beg_label_seq_id 
_struct_sheet_range.pdbx_beg_PDB_ins_code 
_struct_sheet_range.end_label_comp_id 
_struct_sheet_range.end_label_asym_id 
_struct_sheet_range.end_label_seq_id 
_struct_sheet_range.pdbx_end_PDB_ins_code 
_struct_sheet_range.beg_auth_comp_id 
_struct_sheet_range.beg_auth_asym_id 
_struct_sheet_range.beg_auth_seq_id 
_struct_sheet_range.end_auth_comp_id 
_struct_sheet_range.end_auth_asym_id 
_struct_sheet_range.end_auth_seq_id 
A 1 MET A 39  ? GLN A 44  ? MET A 39  GLN A 44  
A 2 LYS A 2   ? CYS A 7   ? LYS A 2   CYS A 7   
A 3 ALA A 58  ? ILE A 65  ? ALA A 58  ILE A 65  
A 4 ILE A 95  ? LYS A 102 ? ILE A 95  LYS A 102 
B 1 ALA A 108 ? MET A 109 ? ALA A 108 MET A 109 
B 2 ARG A 112 ? THR A 113 ? ARG A 112 THR A 113 
# 
loop_
_pdbx_struct_sheet_hbond.sheet_id 
_pdbx_struct_sheet_hbond.range_id_1 
_pdbx_struct_sheet_hbond.range_id_2 
_pdbx_struct_sheet_hbond.range_1_label_atom_id 
_pdbx_struct_sheet_hbond.range_1_label_comp_id 
_pdbx_struct_sheet_hbond.range_1_label_asym_id 
_pdbx_struct_sheet_hbond.range_1_label_seq_id 
_pdbx_struct_sheet_hbond.range_1_PDB_ins_code 
_pdbx_struct_sheet_hbond.range_1_auth_atom_id 
_pdbx_struct_sheet_hbond.range_1_auth_comp_id 
_pdbx_struct_sheet_hbond.range_1_auth_asym_id 
_pdbx_struct_sheet_hbond.range_1_auth_seq_id 
_pdbx_struct_sheet_hbond.range_2_label_atom_id 
_pdbx_struct_sheet_hbond.range_2_label_comp_id 
_pdbx_struct_sheet_hbond.range_2_label_asym_id 
_pdbx_struct_sheet_hbond.range_2_label_seq_id 
_pdbx_struct_sheet_hbond.range_2_PDB_ins_code 
_pdbx_struct_sheet_hbond.range_2_auth_atom_id 
_pdbx_struct_sheet_hbond.range_2_auth_comp_id 
_pdbx_struct_sheet_hbond.range_2_auth_asym_id 
_pdbx_struct_sheet_hbond.range_2_auth_seq_id 
A 1 2 O SER A 43  ? O SER A 43  N ILE A 5   ? N ILE A 5   
A 2 3 N PHE A 6   ? N PHE A 6   O PHE A 59  ? O PHE A 59  
A 3 4 N SER A 64  ? N SER A 64  O LYS A 102 ? O LYS A 102 
B 1 2 N MET A 109 ? N MET A 109 O ARG A 112 ? O ARG A 112 
# 
_struct_site.id                   AC1 
_struct_site.pdbx_evidence_code   Software 
_struct_site.pdbx_auth_asym_id    A 
_struct_site.pdbx_auth_comp_id    SO4 
_struct_site.pdbx_auth_seq_id     201 
_struct_site.pdbx_auth_ins_code   ? 
_struct_site.pdbx_num_residues    10 
_struct_site.details              'BINDING SITE FOR RESIDUE SO4 A 201' 
# 
loop_
_struct_site_gen.id 
_struct_site_gen.site_id 
_struct_site_gen.pdbx_num_res 
_struct_site_gen.label_comp_id 
_struct_site_gen.label_asym_id 
_struct_site_gen.label_seq_id 
_struct_site_gen.pdbx_auth_ins_code 
_struct_site_gen.auth_comp_id 
_struct_site_gen.auth_asym_id 
_struct_site_gen.auth_seq_id 
_struct_site_gen.label_atom_id 
_struct_site_gen.label_alt_id 
_struct_site_gen.symmetry 
_struct_site_gen.details 
1  AC1 10 LYS A 2   ? LYS A 2   . ? 1_555 ? 
2  AC1 10 ARG A 61  ? ARG A 61  . ? 3_455 ? 
3  AC1 10 ARG A 61  ? ARG A 61  . ? 1_555 ? 
4  AC1 10 THR A 98  ? THR A 98  . ? 3_455 ? 
5  AC1 10 THR A 100 ? THR A 100 . ? 1_555 ? 
6  AC1 10 THR A 100 ? THR A 100 . ? 3_455 ? 
7  AC1 10 LYS A 102 ? LYS A 102 . ? 1_555 ? 
8  AC1 10 HOH C .   ? HOH A 305 . ? 3_455 ? 
9  AC1 10 HOH C .   ? HOH A 314 . ? 1_555 ? 
10 AC1 10 HOH C .   ? HOH A 341 . ? 3_455 ? 
# 
loop_
_pdbx_struct_special_symmetry.id 
_pdbx_struct_special_symmetry.PDB_model_num 
_pdbx_struct_special_symmetry.auth_asym_id 
_pdbx_struct_special_symmetry.auth_comp_id 
_pdbx_struct_special_symmetry.auth_seq_id 
_pdbx_struct_special_symmetry.PDB_ins_code 
_pdbx_struct_special_symmetry.label_asym_id 
_pdbx_struct_special_symmetry.label_comp_id 
_pdbx_struct_special_symmetry.label_seq_id 
1 1 A HOH 354 ? C HOH . 
2 1 A HOH 388 ? C HOH . 
# 
loop_
_chem_comp_atom.comp_id 
_chem_comp_atom.atom_id 
_chem_comp_atom.type_symbol 
_chem_comp_atom.pdbx_aromatic_flag 
_chem_comp_atom.pdbx_stereo_config 
_chem_comp_atom.pdbx_ordinal 
ALA N    N N N 1   
ALA CA   C N S 2   
ALA C    C N N 3   
ALA O    O N N 4   
ALA CB   C N N 5   
ALA OXT  O N N 6   
ALA H    H N N 7   
ALA H2   H N N 8   
ALA HA   H N N 9   
ALA HB1  H N N 10  
ALA HB2  H N N 11  
ALA HB3  H N N 12  
ALA HXT  H N N 13  
ARG N    N N N 14  
ARG CA   C N S 15  
ARG C    C N N 16  
ARG O    O N N 17  
ARG CB   C N N 18  
ARG CG   C N N 19  
ARG CD   C N N 20  
ARG NE   N N N 21  
ARG CZ   C N N 22  
ARG NH1  N N N 23  
ARG NH2  N N N 24  
ARG OXT  O N N 25  
ARG H    H N N 26  
ARG H2   H N N 27  
ARG HA   H N N 28  
ARG HB2  H N N 29  
ARG HB3  H N N 30  
ARG HG2  H N N 31  
ARG HG3  H N N 32  
ARG HD2  H N N 33  
ARG HD3  H N N 34  
ARG HE   H N N 35  
ARG HH11 H N N 36  
ARG HH12 H N N 37  
ARG HH21 H N N 38  
ARG HH22 H N N 39  
ARG HXT  H N N 40  
ASN N    N N N 41  
ASN CA   C N S 42  
ASN C    C N N 43  
ASN O    O N N 44  
ASN CB   C N N 45  
ASN CG   C N N 46  
ASN OD1  O N N 47  
ASN ND2  N N N 48  
ASN OXT  O N N 49  
ASN H    H N N 50  
ASN H2   H N N 51  
ASN HA   H N N 52  
ASN HB2  H N N 53  
ASN HB3  H N N 54  
ASN HD21 H N N 55  
ASN HD22 H N N 56  
ASN HXT  H N N 57  
ASP N    N N N 58  
ASP CA   C N S 59  
ASP C    C N N 60  
ASP O    O N N 61  
ASP CB   C N N 62  
ASP CG   C N N 63  
ASP OD1  O N N 64  
ASP OD2  O N N 65  
ASP OXT  O N N 66  
ASP H    H N N 67  
ASP H2   H N N 68  
ASP HA   H N N 69  
ASP HB2  H N N 70  
ASP HB3  H N N 71  
ASP HD2  H N N 72  
ASP HXT  H N N 73  
CYS N    N N N 74  
CYS CA   C N R 75  
CYS C    C N N 76  
CYS O    O N N 77  
CYS CB   C N N 78  
CYS SG   S N N 79  
CYS OXT  O N N 80  
CYS H    H N N 81  
CYS H2   H N N 82  
CYS HA   H N N 83  
CYS HB2  H N N 84  
CYS HB3  H N N 85  
CYS HG   H N N 86  
CYS HXT  H N N 87  
GLN N    N N N 88  
GLN CA   C N S 89  
GLN C    C N N 90  
GLN O    O N N 91  
GLN CB   C N N 92  
GLN CG   C N N 93  
GLN CD   C N N 94  
GLN OE1  O N N 95  
GLN NE2  N N N 96  
GLN OXT  O N N 97  
GLN H    H N N 98  
GLN H2   H N N 99  
GLN HA   H N N 100 
GLN HB2  H N N 101 
GLN HB3  H N N 102 
GLN HG2  H N N 103 
GLN HG3  H N N 104 
GLN HE21 H N N 105 
GLN HE22 H N N 106 
GLN HXT  H N N 107 
GLU N    N N N 108 
GLU CA   C N S 109 
GLU C    C N N 110 
GLU O    O N N 111 
GLU CB   C N N 112 
GLU CG   C N N 113 
GLU CD   C N N 114 
GLU OE1  O N N 115 
GLU OE2  O N N 116 
GLU OXT  O N N 117 
GLU H    H N N 118 
GLU H2   H N N 119 
GLU HA   H N N 120 
GLU HB2  H N N 121 
GLU HB3  H N N 122 
GLU HG2  H N N 123 
GLU HG3  H N N 124 
GLU HE2  H N N 125 
GLU HXT  H N N 126 
GLY N    N N N 127 
GLY CA   C N N 128 
GLY C    C N N 129 
GLY O    O N N 130 
GLY OXT  O N N 131 
GLY H    H N N 132 
GLY H2   H N N 133 
GLY HA2  H N N 134 
GLY HA3  H N N 135 
GLY HXT  H N N 136 
HIS N    N N N 137 
HIS CA   C N S 138 
HIS C    C N N 139 
HIS O    O N N 140 
HIS CB   C N N 141 
HIS CG   C Y N 142 
HIS ND1  N Y N 143 
HIS CD2  C Y N 144 
HIS CE1  C Y N 145 
HIS NE2  N Y N 146 
HIS OXT  O N N 147 
HIS H    H N N 148 
HIS H2   H N N 149 
HIS HA   H N N 150 
HIS HB2  H N N 151 
HIS HB3  H N N 152 
HIS HD1  H N N 153 
HIS HD2  H N N 154 
HIS HE1  H N N 155 
HIS HE2  H N N 156 
HIS HXT  H N N 157 
HOH O    O N N 158 
HOH H1   H N N 159 
HOH H2   H N N 160 
ILE N    N N N 161 
ILE CA   C N S 162 
ILE C    C N N 163 
ILE O    O N N 164 
ILE CB   C N S 165 
ILE CG1  C N N 166 
ILE CG2  C N N 167 
ILE CD1  C N N 168 
ILE OXT  O N N 169 
ILE H    H N N 170 
ILE H2   H N N 171 
ILE HA   H N N 172 
ILE HB   H N N 173 
ILE HG12 H N N 174 
ILE HG13 H N N 175 
ILE HG21 H N N 176 
ILE HG22 H N N 177 
ILE HG23 H N N 178 
ILE HD11 H N N 179 
ILE HD12 H N N 180 
ILE HD13 H N N 181 
ILE HXT  H N N 182 
LEU N    N N N 183 
LEU CA   C N S 184 
LEU C    C N N 185 
LEU O    O N N 186 
LEU CB   C N N 187 
LEU CG   C N N 188 
LEU CD1  C N N 189 
LEU CD2  C N N 190 
LEU OXT  O N N 191 
LEU H    H N N 192 
LEU H2   H N N 193 
LEU HA   H N N 194 
LEU HB2  H N N 195 
LEU HB3  H N N 196 
LEU HG   H N N 197 
LEU HD11 H N N 198 
LEU HD12 H N N 199 
LEU HD13 H N N 200 
LEU HD21 H N N 201 
LEU HD22 H N N 202 
LEU HD23 H N N 203 
LEU HXT  H N N 204 
LYS N    N N N 205 
LYS CA   C N S 206 
LYS C    C N N 207 
LYS O    O N N 208 
LYS CB   C N N 209 
LYS CG   C N N 210 
LYS CD   C N N 211 
LYS CE   C N N 212 
LYS NZ   N N N 213 
LYS OXT  O N N 214 
LYS H    H N N 215 
LYS H2   H N N 216 
LYS HA   H N N 217 
LYS HB2  H N N 218 
LYS HB3  H N N 219 
LYS HG2  H N N 220 
LYS HG3  H N N 221 
LYS HD2  H N N 222 
LYS HD3  H N N 223 
LYS HE2  H N N 224 
LYS HE3  H N N 225 
LYS HZ1  H N N 226 
LYS HZ2  H N N 227 
LYS HZ3  H N N 228 
LYS HXT  H N N 229 
MET N    N N N 230 
MET CA   C N S 231 
MET C    C N N 232 
MET O    O N N 233 
MET CB   C N N 234 
MET CG   C N N 235 
MET SD   S N N 236 
MET CE   C N N 237 
MET OXT  O N N 238 
MET H    H N N 239 
MET H2   H N N 240 
MET HA   H N N 241 
MET HB2  H N N 242 
MET HB3  H N N 243 
MET HG2  H N N 244 
MET HG3  H N N 245 
MET HE1  H N N 246 
MET HE2  H N N 247 
MET HE3  H N N 248 
MET HXT  H N N 249 
PHE N    N N N 250 
PHE CA   C N S 251 
PHE C    C N N 252 
PHE O    O N N 253 
PHE CB   C N N 254 
PHE CG   C Y N 255 
PHE CD1  C Y N 256 
PHE CD2  C Y N 257 
PHE CE1  C Y N 258 
PHE CE2  C Y N 259 
PHE CZ   C Y N 260 
PHE OXT  O N N 261 
PHE H    H N N 262 
PHE H2   H N N 263 
PHE HA   H N N 264 
PHE HB2  H N N 265 
PHE HB3  H N N 266 
PHE HD1  H N N 267 
PHE HD2  H N N 268 
PHE HE1  H N N 269 
PHE HE2  H N N 270 
PHE HZ   H N N 271 
PHE HXT  H N N 272 
PRO N    N N N 273 
PRO CA   C N S 274 
PRO C    C N N 275 
PRO O    O N N 276 
PRO CB   C N N 277 
PRO CG   C N N 278 
PRO CD   C N N 279 
PRO OXT  O N N 280 
PRO H    H N N 281 
PRO HA   H N N 282 
PRO HB2  H N N 283 
PRO HB3  H N N 284 
PRO HG2  H N N 285 
PRO HG3  H N N 286 
PRO HD2  H N N 287 
PRO HD3  H N N 288 
PRO HXT  H N N 289 
SER N    N N N 290 
SER CA   C N S 291 
SER C    C N N 292 
SER O    O N N 293 
SER CB   C N N 294 
SER OG   O N N 295 
SER OXT  O N N 296 
SER H    H N N 297 
SER H2   H N N 298 
SER HA   H N N 299 
SER HB2  H N N 300 
SER HB3  H N N 301 
SER HG   H N N 302 
SER HXT  H N N 303 
SO4 S    S N N 304 
SO4 O1   O N N 305 
SO4 O2   O N N 306 
SO4 O3   O N N 307 
SO4 O4   O N N 308 
THR N    N N N 309 
THR CA   C N S 310 
THR C    C N N 311 
THR O    O N N 312 
THR CB   C N R 313 
THR OG1  O N N 314 
THR CG2  C N N 315 
THR OXT  O N N 316 
THR H    H N N 317 
THR H2   H N N 318 
THR HA   H N N 319 
THR HB   H N N 320 
THR HG1  H N N 321 
THR HG21 H N N 322 
THR HG22 H N N 323 
THR HG23 H N N 324 
THR HXT  H N N 325 
TRP N    N N N 326 
TRP CA   C N S 327 
TRP C    C N N 328 
TRP O    O N N 329 
TRP CB   C N N 330 
TRP CG   C Y N 331 
TRP CD1  C Y N 332 
TRP CD2  C Y N 333 
TRP NE1  N Y N 334 
TRP CE2  C Y N 335 
TRP CE3  C Y N 336 
TRP CZ2  C Y N 337 
TRP CZ3  C Y N 338 
TRP CH2  C Y N 339 
TRP OXT  O N N 340 
TRP H    H N N 341 
TRP H2   H N N 342 
TRP HA   H N N 343 
TRP HB2  H N N 344 
TRP HB3  H N N 345 
TRP HD1  H N N 346 
TRP HE1  H N N 347 
TRP HE3  H N N 348 
TRP HZ2  H N N 349 
TRP HZ3  H N N 350 
TRP HH2  H N N 351 
TRP HXT  H N N 352 
TYR N    N N N 353 
TYR CA   C N S 354 
TYR C    C N N 355 
TYR O    O N N 356 
TYR CB   C N N 357 
TYR CG   C Y N 358 
TYR CD1  C Y N 359 
TYR CD2  C Y N 360 
TYR CE1  C Y N 361 
TYR CE2  C Y N 362 
TYR CZ   C Y N 363 
TYR OH   O N N 364 
TYR OXT  O N N 365 
TYR H    H N N 366 
TYR H2   H N N 367 
TYR HA   H N N 368 
TYR HB2  H N N 369 
TYR HB3  H N N 370 
TYR HD1  H N N 371 
TYR HD2  H N N 372 
TYR HE1  H N N 373 
TYR HE2  H N N 374 
TYR HH   H N N 375 
TYR HXT  H N N 376 
VAL N    N N N 377 
VAL CA   C N S 378 
VAL C    C N N 379 
VAL O    O N N 380 
VAL CB   C N N 381 
VAL CG1  C N N 382 
VAL CG2  C N N 383 
VAL OXT  O N N 384 
VAL H    H N N 385 
VAL H2   H N N 386 
VAL HA   H N N 387 
VAL HB   H N N 388 
VAL HG11 H N N 389 
VAL HG12 H N N 390 
VAL HG13 H N N 391 
VAL HG21 H N N 392 
VAL HG22 H N N 393 
VAL HG23 H N N 394 
VAL HXT  H N N 395 
# 
loop_
_chem_comp_bond.comp_id 
_chem_comp_bond.atom_id_1 
_chem_comp_bond.atom_id_2 
_chem_comp_bond.value_order 
_chem_comp_bond.pdbx_aromatic_flag 
_chem_comp_bond.pdbx_stereo_config 
_chem_comp_bond.pdbx_ordinal 
ALA N   CA   sing N N 1   
ALA N   H    sing N N 2   
ALA N   H2   sing N N 3   
ALA CA  C    sing N N 4   
ALA CA  CB   sing N N 5   
ALA CA  HA   sing N N 6   
ALA C   O    doub N N 7   
ALA C   OXT  sing N N 8   
ALA CB  HB1  sing N N 9   
ALA CB  HB2  sing N N 10  
ALA CB  HB3  sing N N 11  
ALA OXT HXT  sing N N 12  
ARG N   CA   sing N N 13  
ARG N   H    sing N N 14  
ARG N   H2   sing N N 15  
ARG CA  C    sing N N 16  
ARG CA  CB   sing N N 17  
ARG CA  HA   sing N N 18  
ARG C   O    doub N N 19  
ARG C   OXT  sing N N 20  
ARG CB  CG   sing N N 21  
ARG CB  HB2  sing N N 22  
ARG CB  HB3  sing N N 23  
ARG CG  CD   sing N N 24  
ARG CG  HG2  sing N N 25  
ARG CG  HG3  sing N N 26  
ARG CD  NE   sing N N 27  
ARG CD  HD2  sing N N 28  
ARG CD  HD3  sing N N 29  
ARG NE  CZ   sing N N 30  
ARG NE  HE   sing N N 31  
ARG CZ  NH1  sing N N 32  
ARG CZ  NH2  doub N N 33  
ARG NH1 HH11 sing N N 34  
ARG NH1 HH12 sing N N 35  
ARG NH2 HH21 sing N N 36  
ARG NH2 HH22 sing N N 37  
ARG OXT HXT  sing N N 38  
ASN N   CA   sing N N 39  
ASN N   H    sing N N 40  
ASN N   H2   sing N N 41  
ASN CA  C    sing N N 42  
ASN CA  CB   sing N N 43  
ASN CA  HA   sing N N 44  
ASN C   O    doub N N 45  
ASN C   OXT  sing N N 46  
ASN CB  CG   sing N N 47  
ASN CB  HB2  sing N N 48  
ASN CB  HB3  sing N N 49  
ASN CG  OD1  doub N N 50  
ASN CG  ND2  sing N N 51  
ASN ND2 HD21 sing N N 52  
ASN ND2 HD22 sing N N 53  
ASN OXT HXT  sing N N 54  
ASP N   CA   sing N N 55  
ASP N   H    sing N N 56  
ASP N   H2   sing N N 57  
ASP CA  C    sing N N 58  
ASP CA  CB   sing N N 59  
ASP CA  HA   sing N N 60  
ASP C   O    doub N N 61  
ASP C   OXT  sing N N 62  
ASP CB  CG   sing N N 63  
ASP CB  HB2  sing N N 64  
ASP CB  HB3  sing N N 65  
ASP CG  OD1  doub N N 66  
ASP CG  OD2  sing N N 67  
ASP OD2 HD2  sing N N 68  
ASP OXT HXT  sing N N 69  
CYS N   CA   sing N N 70  
CYS N   H    sing N N 71  
CYS N   H2   sing N N 72  
CYS CA  C    sing N N 73  
CYS CA  CB   sing N N 74  
CYS CA  HA   sing N N 75  
CYS C   O    doub N N 76  
CYS C   OXT  sing N N 77  
CYS CB  SG   sing N N 78  
CYS CB  HB2  sing N N 79  
CYS CB  HB3  sing N N 80  
CYS SG  HG   sing N N 81  
CYS OXT HXT  sing N N 82  
GLN N   CA   sing N N 83  
GLN N   H    sing N N 84  
GLN N   H2   sing N N 85  
GLN CA  C    sing N N 86  
GLN CA  CB   sing N N 87  
GLN CA  HA   sing N N 88  
GLN C   O    doub N N 89  
GLN C   OXT  sing N N 90  
GLN CB  CG   sing N N 91  
GLN CB  HB2  sing N N 92  
GLN CB  HB3  sing N N 93  
GLN CG  CD   sing N N 94  
GLN CG  HG2  sing N N 95  
GLN CG  HG3  sing N N 96  
GLN CD  OE1  doub N N 97  
GLN CD  NE2  sing N N 98  
GLN NE2 HE21 sing N N 99  
GLN NE2 HE22 sing N N 100 
GLN OXT HXT  sing N N 101 
GLU N   CA   sing N N 102 
GLU N   H    sing N N 103 
GLU N   H2   sing N N 104 
GLU CA  C    sing N N 105 
GLU CA  CB   sing N N 106 
GLU CA  HA   sing N N 107 
GLU C   O    doub N N 108 
GLU C   OXT  sing N N 109 
GLU CB  CG   sing N N 110 
GLU CB  HB2  sing N N 111 
GLU CB  HB3  sing N N 112 
GLU CG  CD   sing N N 113 
GLU CG  HG2  sing N N 114 
GLU CG  HG3  sing N N 115 
GLU CD  OE1  doub N N 116 
GLU CD  OE2  sing N N 117 
GLU OE2 HE2  sing N N 118 
GLU OXT HXT  sing N N 119 
GLY N   CA   sing N N 120 
GLY N   H    sing N N 121 
GLY N   H2   sing N N 122 
GLY CA  C    sing N N 123 
GLY CA  HA2  sing N N 124 
GLY CA  HA3  sing N N 125 
GLY C   O    doub N N 126 
GLY C   OXT  sing N N 127 
GLY OXT HXT  sing N N 128 
HIS N   CA   sing N N 129 
HIS N   H    sing N N 130 
HIS N   H2   sing N N 131 
HIS CA  C    sing N N 132 
HIS CA  CB   sing N N 133 
HIS CA  HA   sing N N 134 
HIS C   O    doub N N 135 
HIS C   OXT  sing N N 136 
HIS CB  CG   sing N N 137 
HIS CB  HB2  sing N N 138 
HIS CB  HB3  sing N N 139 
HIS CG  ND1  sing Y N 140 
HIS CG  CD2  doub Y N 141 
HIS ND1 CE1  doub Y N 142 
HIS ND1 HD1  sing N N 143 
HIS CD2 NE2  sing Y N 144 
HIS CD2 HD2  sing N N 145 
HIS CE1 NE2  sing Y N 146 
HIS CE1 HE1  sing N N 147 
HIS NE2 HE2  sing N N 148 
HIS OXT HXT  sing N N 149 
HOH O   H1   sing N N 150 
HOH O   H2   sing N N 151 
ILE N   CA   sing N N 152 
ILE N   H    sing N N 153 
ILE N   H2   sing N N 154 
ILE CA  C    sing N N 155 
ILE CA  CB   sing N N 156 
ILE CA  HA   sing N N 157 
ILE C   O    doub N N 158 
ILE C   OXT  sing N N 159 
ILE CB  CG1  sing N N 160 
ILE CB  CG2  sing N N 161 
ILE CB  HB   sing N N 162 
ILE CG1 CD1  sing N N 163 
ILE CG1 HG12 sing N N 164 
ILE CG1 HG13 sing N N 165 
ILE CG2 HG21 sing N N 166 
ILE CG2 HG22 sing N N 167 
ILE CG2 HG23 sing N N 168 
ILE CD1 HD11 sing N N 169 
ILE CD1 HD12 sing N N 170 
ILE CD1 HD13 sing N N 171 
ILE OXT HXT  sing N N 172 
LEU N   CA   sing N N 173 
LEU N   H    sing N N 174 
LEU N   H2   sing N N 175 
LEU CA  C    sing N N 176 
LEU CA  CB   sing N N 177 
LEU CA  HA   sing N N 178 
LEU C   O    doub N N 179 
LEU C   OXT  sing N N 180 
LEU CB  CG   sing N N 181 
LEU CB  HB2  sing N N 182 
LEU CB  HB3  sing N N 183 
LEU CG  CD1  sing N N 184 
LEU CG  CD2  sing N N 185 
LEU CG  HG   sing N N 186 
LEU CD1 HD11 sing N N 187 
LEU CD1 HD12 sing N N 188 
LEU CD1 HD13 sing N N 189 
LEU CD2 HD21 sing N N 190 
LEU CD2 HD22 sing N N 191 
LEU CD2 HD23 sing N N 192 
LEU OXT HXT  sing N N 193 
LYS N   CA   sing N N 194 
LYS N   H    sing N N 195 
LYS N   H2   sing N N 196 
LYS CA  C    sing N N 197 
LYS CA  CB   sing N N 198 
LYS CA  HA   sing N N 199 
LYS C   O    doub N N 200 
LYS C   OXT  sing N N 201 
LYS CB  CG   sing N N 202 
LYS CB  HB2  sing N N 203 
LYS CB  HB3  sing N N 204 
LYS CG  CD   sing N N 205 
LYS CG  HG2  sing N N 206 
LYS CG  HG3  sing N N 207 
LYS CD  CE   sing N N 208 
LYS CD  HD2  sing N N 209 
LYS CD  HD3  sing N N 210 
LYS CE  NZ   sing N N 211 
LYS CE  HE2  sing N N 212 
LYS CE  HE3  sing N N 213 
LYS NZ  HZ1  sing N N 214 
LYS NZ  HZ2  sing N N 215 
LYS NZ  HZ3  sing N N 216 
LYS OXT HXT  sing N N 217 
MET N   CA   sing N N 218 
MET N   H    sing N N 219 
MET N   H2   sing N N 220 
MET CA  C    sing N N 221 
MET CA  CB   sing N N 222 
MET CA  HA   sing N N 223 
MET C   O    doub N N 224 
MET C   OXT  sing N N 225 
MET CB  CG   sing N N 226 
MET CB  HB2  sing N N 227 
MET CB  HB3  sing N N 228 
MET CG  SD   sing N N 229 
MET CG  HG2  sing N N 230 
MET CG  HG3  sing N N 231 
MET SD  CE   sing N N 232 
MET CE  HE1  sing N N 233 
MET CE  HE2  sing N N 234 
MET CE  HE3  sing N N 235 
MET OXT HXT  sing N N 236 
PHE N   CA   sing N N 237 
PHE N   H    sing N N 238 
PHE N   H2   sing N N 239 
PHE CA  C    sing N N 240 
PHE CA  CB   sing N N 241 
PHE CA  HA   sing N N 242 
PHE C   O    doub N N 243 
PHE C   OXT  sing N N 244 
PHE CB  CG   sing N N 245 
PHE CB  HB2  sing N N 246 
PHE CB  HB3  sing N N 247 
PHE CG  CD1  doub Y N 248 
PHE CG  CD2  sing Y N 249 
PHE CD1 CE1  sing Y N 250 
PHE CD1 HD1  sing N N 251 
PHE CD2 CE2  doub Y N 252 
PHE CD2 HD2  sing N N 253 
PHE CE1 CZ   doub Y N 254 
PHE CE1 HE1  sing N N 255 
PHE CE2 CZ   sing Y N 256 
PHE CE2 HE2  sing N N 257 
PHE CZ  HZ   sing N N 258 
PHE OXT HXT  sing N N 259 
PRO N   CA   sing N N 260 
PRO N   CD   sing N N 261 
PRO N   H    sing N N 262 
PRO CA  C    sing N N 263 
PRO CA  CB   sing N N 264 
PRO CA  HA   sing N N 265 
PRO C   O    doub N N 266 
PRO C   OXT  sing N N 267 
PRO CB  CG   sing N N 268 
PRO CB  HB2  sing N N 269 
PRO CB  HB3  sing N N 270 
PRO CG  CD   sing N N 271 
PRO CG  HG2  sing N N 272 
PRO CG  HG3  sing N N 273 
PRO CD  HD2  sing N N 274 
PRO CD  HD3  sing N N 275 
PRO OXT HXT  sing N N 276 
SER N   CA   sing N N 277 
SER N   H    sing N N 278 
SER N   H2   sing N N 279 
SER CA  C    sing N N 280 
SER CA  CB   sing N N 281 
SER CA  HA   sing N N 282 
SER C   O    doub N N 283 
SER C   OXT  sing N N 284 
SER CB  OG   sing N N 285 
SER CB  HB2  sing N N 286 
SER CB  HB3  sing N N 287 
SER OG  HG   sing N N 288 
SER OXT HXT  sing N N 289 
SO4 S   O1   doub N N 290 
SO4 S   O2   doub N N 291 
SO4 S   O3   sing N N 292 
SO4 S   O4   sing N N 293 
THR N   CA   sing N N 294 
THR N   H    sing N N 295 
THR N   H2   sing N N 296 
THR CA  C    sing N N 297 
THR CA  CB   sing N N 298 
THR CA  HA   sing N N 299 
THR C   O    doub N N 300 
THR C   OXT  sing N N 301 
THR CB  OG1  sing N N 302 
THR CB  CG2  sing N N 303 
THR CB  HB   sing N N 304 
THR OG1 HG1  sing N N 305 
THR CG2 HG21 sing N N 306 
THR CG2 HG22 sing N N 307 
THR CG2 HG23 sing N N 308 
THR OXT HXT  sing N N 309 
TRP N   CA   sing N N 310 
TRP N   H    sing N N 311 
TRP N   H2   sing N N 312 
TRP CA  C    sing N N 313 
TRP CA  CB   sing N N 314 
TRP CA  HA   sing N N 315 
TRP C   O    doub N N 316 
TRP C   OXT  sing N N 317 
TRP CB  CG   sing N N 318 
TRP CB  HB2  sing N N 319 
TRP CB  HB3  sing N N 320 
TRP CG  CD1  doub Y N 321 
TRP CG  CD2  sing Y N 322 
TRP CD1 NE1  sing Y N 323 
TRP CD1 HD1  sing N N 324 
TRP CD2 CE2  doub Y N 325 
TRP CD2 CE3  sing Y N 326 
TRP NE1 CE2  sing Y N 327 
TRP NE1 HE1  sing N N 328 
TRP CE2 CZ2  sing Y N 329 
TRP CE3 CZ3  doub Y N 330 
TRP CE3 HE3  sing N N 331 
TRP CZ2 CH2  doub Y N 332 
TRP CZ2 HZ2  sing N N 333 
TRP CZ3 CH2  sing Y N 334 
TRP CZ3 HZ3  sing N N 335 
TRP CH2 HH2  sing N N 336 
TRP OXT HXT  sing N N 337 
TYR N   CA   sing N N 338 
TYR N   H    sing N N 339 
TYR N   H2   sing N N 340 
TYR CA  C    sing N N 341 
TYR CA  CB   sing N N 342 
TYR CA  HA   sing N N 343 
TYR C   O    doub N N 344 
TYR C   OXT  sing N N 345 
TYR CB  CG   sing N N 346 
TYR CB  HB2  sing N N 347 
TYR CB  HB3  sing N N 348 
TYR CG  CD1  doub Y N 349 
TYR CG  CD2  sing Y N 350 
TYR CD1 CE1  sing Y N 351 
TYR CD1 HD1  sing N N 352 
TYR CD2 CE2  doub Y N 353 
TYR CD2 HD2  sing N N 354 
TYR CE1 CZ   doub Y N 355 
TYR CE1 HE1  sing N N 356 
TYR CE2 CZ   sing Y N 357 
TYR CE2 HE2  sing N N 358 
TYR CZ  OH   sing N N 359 
TYR OH  HH   sing N N 360 
TYR OXT HXT  sing N N 361 
VAL N   CA   sing N N 362 
VAL N   H    sing N N 363 
VAL N   H2   sing N N 364 
VAL CA  C    sing N N 365 
VAL CA  CB   sing N N 366 
VAL CA  HA   sing N N 367 
VAL C   O    doub N N 368 
VAL C   OXT  sing N N 369 
VAL CB  CG1  sing N N 370 
VAL CB  CG2  sing N N 371 
VAL CB  HB   sing N N 372 
VAL CG1 HG11 sing N N 373 
VAL CG1 HG12 sing N N 374 
VAL CG1 HG13 sing N N 375 
VAL CG2 HG21 sing N N 376 
VAL CG2 HG22 sing N N 377 
VAL CG2 HG23 sing N N 378 
VAL OXT HXT  sing N N 379 
# 
_atom_sites.entry_id                    4DH4 
_atom_sites.fract_transf_matrix[1][1]   0.01913633 
_atom_sites.fract_transf_matrix[1][2]   0.00451269 
_atom_sites.fract_transf_matrix[1][3]   -0.00006115 
_atom_sites.fract_transf_matrix[2][1]   0.00961393 
_atom_sites.fract_transf_matrix[2][2]   0.00229382 
_atom_sites.fract_transf_matrix[2][3]   0.01699605 
_atom_sites.fract_transf_matrix[3][1]   0.00124771 
_atom_sites.fract_transf_matrix[3][2]   -0.00529086 
_atom_sites.fract_transf_matrix[3][3]   0.00000829 
_atom_sites.fract_transf_vector[1]      -0.121991 
_atom_sites.fract_transf_vector[2]      0.359277 
_atom_sites.fract_transf_vector[3]      0.091568 
# 
loop_
_atom_type.symbol 
C 
N 
O 
S 
# 
loop_
_atom_site.group_PDB 
_atom_site.id 
_atom_site.type_symbol 
_atom_site.label_atom_id 
_atom_site.label_alt_id 
_atom_site.label_comp_id 
_atom_site.label_asym_id 
_atom_site.label_entity_id 
_atom_site.label_seq_id 
_atom_site.pdbx_PDB_ins_code 
_atom_site.Cartn_x 
_atom_site.Cartn_y 
_atom_site.Cartn_z 
_atom_site.occupancy 
_atom_site.B_iso_or_equiv 
_atom_site.pdbx_formal_charge 
_atom_site.auth_seq_id 
_atom_site.auth_comp_id 
_atom_site.auth_asym_id 
_atom_site.auth_atom_id 
_atom_site.pdbx_PDB_model_num 
ATOM   1    N N   . PRO A 1 1   ? -3.003  -6.345  -8.485  1.00 15.22 ? 1   PRO A N   1 
ATOM   2    C CA  . PRO A 1 1   ? -2.701  -6.100  -7.073  1.00 15.02 ? 1   PRO A CA  1 
ATOM   3    C C   . PRO A 1 1   ? -3.428  -4.862  -6.574  1.00 15.04 ? 1   PRO A C   1 
ATOM   4    O O   . PRO A 1 1   ? -3.899  -4.053  -7.374  1.00 14.72 ? 1   PRO A O   1 
ATOM   5    C CB  . PRO A 1 1   ? -1.185  -5.858  -7.067  1.00 14.96 ? 1   PRO A CB  1 
ATOM   6    C CG  . PRO A 1 1   ? -0.684  -6.587  -8.256  1.00 15.33 ? 1   PRO A CG  1 
ATOM   7    C CD  . PRO A 1 1   ? -1.788  -6.563  -9.290  1.00 15.37 ? 1   PRO A CD  1 
ATOM   8    N N   . LYS A 1 2   ? -3.515  -4.720  -5.257  1.00 14.98 ? 2   LYS A N   1 
ATOM   9    C CA  . LYS A 1 2   ? -4.197  -3.586  -4.653  1.00 15.87 ? 2   LYS A CA  1 
ATOM   10   C C   . LYS A 1 2   ? -3.364  -3.079  -3.472  1.00 15.82 ? 2   LYS A C   1 
ATOM   11   O O   . LYS A 1 2   ? -2.780  -3.872  -2.725  1.00 15.80 ? 2   LYS A O   1 
ATOM   12   C CB  . LYS A 1 2   ? -5.591  -4.035  -4.220  1.00 16.36 ? 2   LYS A CB  1 
ATOM   13   C CG  . LYS A 1 2   ? -6.510  -2.972  -3.707  1.00 19.62 ? 2   LYS A CG  1 
ATOM   14   C CD  . LYS A 1 2   ? -7.928  -3.523  -3.574  1.00 22.89 ? 2   LYS A CD  1 
ATOM   15   C CE  . LYS A 1 2   ? -8.004  -4.705  -2.585  1.00 24.19 ? 2   LYS A CE  1 
ATOM   16   N NZ  . LYS A 1 2   ? -9.290  -4.677  -1.832  1.00 25.40 ? 2   LYS A NZ  1 
ATOM   17   N N   . CYS A 1 3   ? -3.267  -1.762  -3.341  1.00 15.84 ? 3   CYS A N   1 
ATOM   18   C CA  . CYS A 1 3   ? -2.587  -1.150  -2.207  1.00 15.72 ? 3   CYS A CA  1 
ATOM   19   C C   . CYS A 1 3   ? -3.394  0.046   -1.718  1.00 15.70 ? 3   CYS A C   1 
ATOM   20   O O   . CYS A 1 3   ? -3.587  1.015   -2.458  1.00 15.57 ? 3   CYS A O   1 
ATOM   21   C CB  . CYS A 1 3   ? -1.167  -0.720  -2.585  1.00 15.75 ? 3   CYS A CB  1 
ATOM   22   S SG  . CYS A 1 3   ? -0.346  0.302   -1.326  1.00 18.18 ? 3   CYS A SG  1 
ATOM   23   N N   A MET A 1 4   ? -3.864  -0.033  -0.477  0.50 15.50 ? 4   MET A N   1 
ATOM   24   N N   B MET A 1 4   ? -3.869  -0.027  -0.476  0.50 15.45 ? 4   MET A N   1 
ATOM   25   C CA  A MET A 1 4   ? -4.665  1.035   0.113   0.50 15.60 ? 4   MET A CA  1 
ATOM   26   C CA  B MET A 1 4   ? -4.697  1.027   0.111   0.50 15.52 ? 4   MET A CA  1 
ATOM   27   C C   A MET A 1 4   ? -4.026  1.555   1.387   0.50 15.39 ? 4   MET A C   1 
ATOM   28   C C   B MET A 1 4   ? -4.061  1.558   1.393   0.50 15.33 ? 4   MET A C   1 
ATOM   29   O O   A MET A 1 4   ? -3.772  0.791   2.321   0.50 15.01 ? 4   MET A O   1 
ATOM   30   O O   B MET A 1 4   ? -3.837  0.799   2.340   0.50 14.93 ? 4   MET A O   1 
ATOM   31   C CB  A MET A 1 4   ? -6.088  0.554   0.389   0.50 15.98 ? 4   MET A CB  1 
ATOM   32   C CB  B MET A 1 4   ? -6.111  0.496   0.377   0.50 15.84 ? 4   MET A CB  1 
ATOM   33   C CG  A MET A 1 4   ? -6.874  0.225   -0.871  0.50 16.91 ? 4   MET A CG  1 
ATOM   34   C CG  B MET A 1 4   ? -7.121  1.511   0.908   0.50 16.75 ? 4   MET A CG  1 
ATOM   35   S SD  A MET A 1 4   ? -7.150  1.644   -1.947  0.50 21.95 ? 4   MET A SD  1 
ATOM   36   S SD  B MET A 1 4   ? -7.446  2.949   -0.135  0.50 19.52 ? 4   MET A SD  1 
ATOM   37   C CE  A MET A 1 4   ? -7.970  2.774   -0.814  0.50 19.57 ? 4   MET A CE  1 
ATOM   38   C CE  B MET A 1 4   ? -7.851  2.208   -1.706  0.50 20.44 ? 4   MET A CE  1 
ATOM   39   N N   . ILE A 1 5   ? -3.779  2.862   1.403   1.00 15.30 ? 5   ILE A N   1 
ATOM   40   C CA  . ILE A 1 5   ? -3.096  3.546   2.508   1.00 15.55 ? 5   ILE A CA  1 
ATOM   41   C C   . ILE A 1 5   ? -4.118  4.315   3.353   1.00 15.83 ? 5   ILE A C   1 
ATOM   42   O O   . ILE A 1 5   ? -4.867  5.145   2.831   1.00 15.78 ? 5   ILE A O   1 
ATOM   43   C CB  . ILE A 1 5   ? -2.042  4.541   1.943   1.00 15.37 ? 5   ILE A CB  1 
ATOM   44   C CG1 . ILE A 1 5   ? -0.998  3.799   1.098   1.00 15.70 ? 5   ILE A CG1 1 
ATOM   45   C CG2 . ILE A 1 5   ? -1.393  5.376   3.070   1.00 15.11 ? 5   ILE A CG2 1 
ATOM   46   C CD1 . ILE A 1 5   ? -0.153  4.703   0.210   1.00 15.93 ? 5   ILE A CD1 1 
ATOM   47   N N   . PHE A 1 6   ? -4.144  4.023   4.653   1.00 15.95 ? 6   PHE A N   1 
ATOM   48   C CA  . PHE A 1 6   ? -5.039  4.679   5.595   1.00 16.16 ? 6   PHE A CA  1 
ATOM   49   C C   . PHE A 1 6   ? -4.201  5.494   6.570   1.00 16.12 ? 6   PHE A C   1 
ATOM   50   O O   . PHE A 1 6   ? -3.311  4.958   7.231   1.00 15.02 ? 6   PHE A O   1 
ATOM   51   C CB  . PHE A 1 6   ? -5.846  3.653   6.391   1.00 16.77 ? 6   PHE A CB  1 
ATOM   52   C CG  . PHE A 1 6   ? -6.794  2.833   5.564   1.00 17.43 ? 6   PHE A CG  1 
ATOM   53   C CD1 . PHE A 1 6   ? -6.365  1.660   4.947   1.00 19.19 ? 6   PHE A CD1 1 
ATOM   54   C CD2 . PHE A 1 6   ? -8.126  3.221   5.424   1.00 18.72 ? 6   PHE A CD2 1 
ATOM   55   C CE1 . PHE A 1 6   ? -7.246  0.894   4.188   1.00 19.66 ? 6   PHE A CE1 1 
ATOM   56   C CE2 . PHE A 1 6   ? -9.023  2.463   4.668   1.00 19.52 ? 6   PHE A CE2 1 
ATOM   57   C CZ  . PHE A 1 6   ? -8.582  1.298   4.047   1.00 19.17 ? 6   PHE A CZ  1 
ATOM   58   N N   . CYS A 1 7   ? -4.496  6.787   6.665   1.00 16.36 ? 7   CYS A N   1 
ATOM   59   C CA  . CYS A 1 7   ? -3.671  7.691   7.466   1.00 16.46 ? 7   CYS A CA  1 
ATOM   60   C C   . CYS A 1 7   ? -4.486  8.925   7.869   1.00 16.88 ? 7   CYS A C   1 
ATOM   61   O O   . CYS A 1 7   ? -5.313  9.388   7.089   1.00 16.44 ? 7   CYS A O   1 
ATOM   62   C CB  . CYS A 1 7   ? -2.438  8.085   6.650   1.00 16.45 ? 7   CYS A CB  1 
ATOM   63   S SG  . CYS A 1 7   ? -1.255  9.127   7.495   1.00 17.01 ? 7   CYS A SG  1 
ATOM   64   N N   . PRO A 1 8   ? -4.292  9.430   9.104   1.00 17.93 ? 8   PRO A N   1 
ATOM   65   C CA  . PRO A 1 8   ? -5.025  10.637  9.520   1.00 18.87 ? 8   PRO A CA  1 
ATOM   66   C C   . PRO A 1 8   ? -4.546  11.939  8.857   1.00 19.94 ? 8   PRO A C   1 
ATOM   67   O O   . PRO A 1 8   ? -5.265  12.946  8.906   1.00 20.09 ? 8   PRO A O   1 
ATOM   68   C CB  . PRO A 1 8   ? -4.819  10.688  11.040  1.00 19.13 ? 8   PRO A CB  1 
ATOM   69   C CG  . PRO A 1 8   ? -3.650  9.837   11.328  1.00 18.97 ? 8   PRO A CG  1 
ATOM   70   C CD  . PRO A 1 8   ? -3.456  8.876   10.187  1.00 17.56 ? 8   PRO A CD  1 
ATOM   71   N N   . VAL A 1 9   ? -3.367  11.912  8.235   1.00 20.81 ? 9   VAL A N   1 
ATOM   72   C CA  . VAL A 1 9   ? -2.773  13.117  7.627   1.00 22.02 ? 9   VAL A CA  1 
ATOM   73   C C   . VAL A 1 9   ? -3.668  13.701  6.525   1.00 22.69 ? 9   VAL A C   1 
ATOM   74   O O   . VAL A 1 9   ? -4.116  12.987  5.623   1.00 22.03 ? 9   VAL A O   1 
ATOM   75   C CB  . VAL A 1 9   ? -1.329  12.857  7.102   1.00 22.00 ? 9   VAL A CB  1 
ATOM   76   C CG1 . VAL A 1 9   ? -0.828  14.015  6.240   1.00 22.83 ? 9   VAL A CG1 1 
ATOM   77   C CG2 . VAL A 1 9   ? -0.362  12.605  8.262   1.00 23.14 ? 9   VAL A CG2 1 
ATOM   78   N N   . ALA A 1 10  ? -3.938  15.002  6.620   1.00 23.71 ? 10  ALA A N   1 
ATOM   79   C CA  . ALA A 1 10  ? -4.748  15.696  5.629   1.00 25.14 ? 10  ALA A CA  1 
ATOM   80   C C   . ALA A 1 10  ? -3.903  16.019  4.398   1.00 26.31 ? 10  ALA A C   1 
ATOM   81   O O   . ALA A 1 10  ? -3.510  17.171  4.177   1.00 27.13 ? 10  ALA A O   1 
ATOM   82   C CB  . ALA A 1 10  ? -5.362  16.965  6.230   1.00 25.20 ? 10  ALA A CB  1 
ATOM   83   N N   . ALA A 1 11  ? -3.610  14.991  3.606   1.00 27.15 ? 11  ALA A N   1 
ATOM   84   C CA  . ALA A 1 11  ? -2.761  15.137  2.430   1.00 28.00 ? 11  ALA A CA  1 
ATOM   85   C C   . ALA A 1 11  ? -3.481  15.879  1.319   1.00 28.64 ? 11  ALA A C   1 
ATOM   86   O O   . ALA A 1 11  ? -4.649  15.608  1.025   1.00 28.34 ? 11  ALA A O   1 
ATOM   87   C CB  . ALA A 1 11  ? -2.290  13.776  1.937   1.00 27.93 ? 11  ALA A CB  1 
ATOM   88   N N   . THR A 1 12  ? -2.776  16.834  0.720   1.00 29.88 ? 12  THR A N   1 
ATOM   89   C CA  . THR A 1 12  ? -3.266  17.539  -0.452  1.00 30.91 ? 12  THR A CA  1 
ATOM   90   C C   . THR A 1 12  ? -3.266  16.555  -1.610  1.00 31.88 ? 12  THR A C   1 
ATOM   91   O O   . THR A 1 12  ? -2.402  15.677  -1.662  1.00 32.07 ? 12  THR A O   1 
ATOM   92   C CB  . THR A 1 12  ? -2.377  18.762  -0.807  1.00 31.14 ? 12  THR A CB  1 
ATOM   93   O OG1 . THR A 1 12  ? -1.019  18.343  -1.025  1.00 30.93 ? 12  THR A OG1 1 
ATOM   94   C CG2 . THR A 1 12  ? -2.410  19.786  0.314   1.00 30.75 ? 12  THR A CG2 1 
ATOM   95   N N   . PRO A 1 13  ? -4.241  16.674  -2.530  1.00 32.60 ? 13  PRO A N   1 
ATOM   96   C CA  . PRO A 1 13  ? -4.284  15.765  -3.669  1.00 32.97 ? 13  PRO A CA  1 
ATOM   97   C C   . PRO A 1 13  ? -2.944  15.635  -4.409  1.00 33.00 ? 13  PRO A C   1 
ATOM   98   O O   . PRO A 1 13  ? -2.694  14.605  -5.031  1.00 33.21 ? 13  PRO A O   1 
ATOM   99   C CB  . PRO A 1 13  ? -5.355  16.392  -4.566  1.00 33.05 ? 13  PRO A CB  1 
ATOM   100  C CG  . PRO A 1 13  ? -6.274  17.060  -3.610  1.00 33.24 ? 13  PRO A CG  1 
ATOM   101  C CD  . PRO A 1 13  ? -5.367  17.629  -2.558  1.00 32.92 ? 13  PRO A CD  1 
ATOM   102  N N   . ALA A 1 14  ? -2.090  16.654  -4.317  1.00 32.82 ? 14  ALA A N   1 
ATOM   103  C CA  . ALA A 1 14  ? -0.778  16.633  -4.970  1.00 32.25 ? 14  ALA A CA  1 
ATOM   104  C C   . ALA A 1 14  ? 0.272   15.826  -4.201  1.00 31.58 ? 14  ALA A C   1 
ATOM   105  O O   . ALA A 1 14  ? 1.139   15.192  -4.815  1.00 31.90 ? 14  ALA A O   1 
ATOM   106  C CB  . ALA A 1 14  ? -0.284  18.045  -5.237  1.00 32.52 ? 14  ALA A CB  1 
ATOM   107  N N   . GLN A 1 15  ? 0.209   15.869  -2.869  1.00 30.25 ? 15  GLN A N   1 
ATOM   108  C CA  . GLN A 1 15  ? 0.951   14.927  -2.037  1.00 28.85 ? 15  GLN A CA  1 
ATOM   109  C C   . GLN A 1 15  ? 0.481   13.515  -2.377  1.00 27.51 ? 15  GLN A C   1 
ATOM   110  O O   . GLN A 1 15  ? 1.294   12.598  -2.504  1.00 27.19 ? 15  GLN A O   1 
ATOM   111  C CB  . GLN A 1 15  ? 0.674   15.171  -0.558  1.00 29.09 ? 15  GLN A CB  1 
ATOM   112  C CG  . GLN A 1 15  ? 1.584   16.147  0.128   1.00 29.97 ? 15  GLN A CG  1 
ATOM   113  C CD  . GLN A 1 15  ? 1.040   16.548  1.482   1.00 29.81 ? 15  GLN A CD  1 
ATOM   114  O OE1 . GLN A 1 15  ? 0.081   17.316  1.576   1.00 31.23 ? 15  GLN A OE1 1 
ATOM   115  N NE2 . GLN A 1 15  ? 1.642   16.019  2.538   1.00 29.71 ? 15  GLN A NE2 1 
ATOM   116  N N   . GLN A 1 16  ? -0.839  13.363  -2.510  1.00 25.78 ? 16  GLN A N   1 
ATOM   117  C CA  . GLN A 1 16  ? -1.466  12.058  -2.719  1.00 24.11 ? 16  GLN A CA  1 
ATOM   118  C C   . GLN A 1 16  ? -1.076  11.484  -4.072  1.00 23.65 ? 16  GLN A C   1 
ATOM   119  O O   . GLN A 1 16  ? -0.758  10.303  -4.171  1.00 23.11 ? 16  GLN A O   1 
ATOM   120  C CB  . GLN A 1 16  ? -2.989  12.154  -2.608  1.00 24.06 ? 16  GLN A CB  1 
ATOM   121  C CG  . GLN A 1 16  ? -3.509  12.501  -1.213  1.00 22.75 ? 16  GLN A CG  1 
ATOM   122  C CD  . GLN A 1 16  ? -5.022  12.432  -1.120  1.00 23.35 ? 16  GLN A CD  1 
ATOM   123  O OE1 . GLN A 1 16  ? -5.665  13.322  -0.552  1.00 23.48 ? 16  GLN A OE1 1 
ATOM   124  N NE2 . GLN A 1 16  ? -5.603  11.383  -1.690  1.00 19.31 ? 16  GLN A NE2 1 
ATOM   125  N N   A ASP A 1 17  ? -1.106  12.324  -5.109  0.50 23.23 ? 17  ASP A N   1 
ATOM   126  N N   B ASP A 1 17  ? -1.093  12.333  -5.098  0.50 23.21 ? 17  ASP A N   1 
ATOM   127  C CA  A ASP A 1 17  ? -0.717  11.911  -6.461  0.50 23.08 ? 17  ASP A CA  1 
ATOM   128  C CA  B ASP A 1 17  ? -0.724  11.939  -6.454  0.50 23.04 ? 17  ASP A CA  1 
ATOM   129  C C   A ASP A 1 17  ? 0.709   11.367  -6.498  0.50 22.50 ? 17  ASP A C   1 
ATOM   130  C C   B ASP A 1 17  ? 0.702   11.384  -6.508  0.50 22.48 ? 17  ASP A C   1 
ATOM   131  O O   A ASP A 1 17  ? 0.945   10.285  -7.038  0.50 22.45 ? 17  ASP A O   1 
ATOM   132  O O   B ASP A 1 17  ? 0.929   10.310  -7.067  0.50 22.44 ? 17  ASP A O   1 
ATOM   133  C CB  A ASP A 1 17  ? -0.872  13.068  -7.462  0.50 23.40 ? 17  ASP A CB  1 
ATOM   134  C CB  B ASP A 1 17  ? -0.883  13.129  -7.409  0.50 23.37 ? 17  ASP A CB  1 
ATOM   135  C CG  A ASP A 1 17  ? -2.208  13.045  -8.188  0.50 24.17 ? 17  ASP A CG  1 
ATOM   136  C CG  B ASP A 1 17  ? -0.626  12.763  -8.856  0.50 23.92 ? 17  ASP A CG  1 
ATOM   137  O OD1 A ASP A 1 17  ? -2.603  11.966  -8.688  0.50 26.03 ? 17  ASP A OD1 1 
ATOM   138  O OD1 B ASP A 1 17  ? -1.120  11.714  -9.316  0.50 25.73 ? 17  ASP A OD1 1 
ATOM   139  O OD2 A ASP A 1 17  ? -2.865  14.107  -8.273  0.50 25.47 ? 17  ASP A OD2 1 
ATOM   140  O OD2 B ASP A 1 17  ? 0.069   13.540  -9.542  0.50 25.78 ? 17  ASP A OD2 1 
ATOM   141  N N   . ALA A 1 18  ? 1.643   12.113  -5.910  1.00 21.97 ? 18  ALA A N   1 
ATOM   142  C CA  . ALA A 1 18  ? 3.058   11.720  -5.871  1.00 21.13 ? 18  ALA A CA  1 
ATOM   143  C C   . ALA A 1 18  ? 3.273   10.430  -5.071  1.00 20.22 ? 18  ALA A C   1 
ATOM   144  O O   . ALA A 1 18  ? 4.012   9.532   -5.500  1.00 20.17 ? 18  ALA A O   1 
ATOM   145  C CB  . ALA A 1 18  ? 3.912   12.848  -5.301  1.00 21.46 ? 18  ALA A CB  1 
ATOM   146  N N   . LEU A 1 19  ? 2.618   10.349  -3.916  1.00 18.92 ? 19  LEU A N   1 
ATOM   147  C CA  . LEU A 1 19  ? 2.630   9.140   -3.099  1.00 17.87 ? 19  LEU A CA  1 
ATOM   148  C C   . LEU A 1 19  ? 2.135   7.924   -3.879  1.00 17.46 ? 19  LEU A C   1 
ATOM   149  O O   . LEU A 1 19  ? 2.794   6.872   -3.897  1.00 16.81 ? 19  LEU A O   1 
ATOM   150  C CB  . LEU A 1 19  ? 1.780   9.335   -1.836  1.00 17.90 ? 19  LEU A CB  1 
ATOM   151  C CG  . LEU A 1 19  ? 1.665   8.135   -0.888  1.00 17.50 ? 19  LEU A CG  1 
ATOM   152  C CD1 . LEU A 1 19  ? 3.046   7.671   -0.398  1.00 16.55 ? 19  LEU A CD1 1 
ATOM   153  C CD2 . LEU A 1 19  ? 0.748   8.470   0.278   1.00 18.27 ? 19  LEU A CD2 1 
ATOM   154  N N   . LEU A 1 20  ? 0.980   8.069   -4.521  1.00 17.04 ? 20  LEU A N   1 
ATOM   155  C CA  . LEU A 1 20  ? 0.346   6.935   -5.186  1.00 17.03 ? 20  LEU A CA  1 
ATOM   156  C C   . LEU A 1 20  ? 1.116   6.495   -6.425  1.00 17.33 ? 20  LEU A C   1 
ATOM   157  O O   . LEU A 1 20  ? 1.153   5.310   -6.740  1.00 16.96 ? 20  LEU A O   1 
ATOM   158  C CB  . LEU A 1 20  ? -1.129  7.210   -5.496  1.00 17.16 ? 20  LEU A CB  1 
ATOM   159  C CG  . LEU A 1 20  ? -2.064  7.446   -4.302  1.00 16.38 ? 20  LEU A CG  1 
ATOM   160  C CD1 . LEU A 1 20  ? -3.472  7.748   -4.787  1.00 17.41 ? 20  LEU A CD1 1 
ATOM   161  C CD2 . LEU A 1 20  ? -2.090  6.264   -3.319  1.00 15.56 ? 20  LEU A CD2 1 
ATOM   162  N N   . LYS A 1 21  ? 1.756   7.446   -7.103  1.00 17.33 ? 21  LYS A N   1 
ATOM   163  C CA  . LYS A 1 21  ? 2.670   7.117   -8.199  1.00 18.29 ? 21  LYS A CA  1 
ATOM   164  C C   . LYS A 1 21  ? 3.862   6.296   -7.721  1.00 18.04 ? 21  LYS A C   1 
ATOM   165  O O   . LYS A 1 21  ? 4.274   5.354   -8.397  1.00 18.40 ? 21  LYS A O   1 
ATOM   166  C CB  . LYS A 1 21  ? 3.156   8.383   -8.905  1.00 18.48 ? 21  LYS A CB  1 
ATOM   167  C CG  . LYS A 1 21  ? 2.108   8.997   -9.788  1.00 20.42 ? 21  LYS A CG  1 
ATOM   168  C CD  . LYS A 1 21  ? 2.647   10.224  -10.493 1.00 22.99 ? 21  LYS A CD  1 
ATOM   169  C CE  . LYS A 1 21  ? 1.515   11.070  -11.051 1.00 25.43 ? 21  LYS A CE  1 
ATOM   170  N NZ  . LYS A 1 21  ? 0.701   10.342  -12.047 1.00 27.32 ? 21  LYS A NZ  1 
ATOM   171  N N   . ASP A 1 22  ? 4.421   6.662   -6.569  1.00 18.22 ? 22  ASP A N   1 
ATOM   172  C CA  . ASP A 1 22  ? 5.507   5.897   -5.959  1.00 18.24 ? 22  ASP A CA  1 
ATOM   173  C C   . ASP A 1 22  ? 5.004   4.507   -5.573  1.00 17.82 ? 22  ASP A C   1 
ATOM   174  O O   . ASP A 1 22  ? 5.686   3.510   -5.802  1.00 18.04 ? 22  ASP A O   1 
ATOM   175  C CB  . ASP A 1 22  ? 6.057   6.613   -4.721  1.00 18.27 ? 22  ASP A CB  1 
ATOM   176  C CG  . ASP A 1 22  ? 7.032   7.740   -5.064  1.00 20.02 ? 22  ASP A CG  1 
ATOM   177  O OD1 . ASP A 1 22  ? 7.431   8.471   -4.134  1.00 22.43 ? 22  ASP A OD1 1 
ATOM   178  O OD2 . ASP A 1 22  ? 7.407   7.892   -6.250  1.00 21.21 ? 22  ASP A OD2 1 
ATOM   179  N N   . ALA A 1 23  ? 3.809   4.459   -4.985  1.00 17.41 ? 23  ALA A N   1 
ATOM   180  C CA  . ALA A 1 23  ? 3.215   3.206   -4.509  1.00 16.86 ? 23  ALA A CA  1 
ATOM   181  C C   . ALA A 1 23  ? 2.967   2.208   -5.647  1.00 16.88 ? 23  ALA A C   1 
ATOM   182  O O   . ALA A 1 23  ? 3.348   1.035   -5.544  1.00 16.38 ? 23  ALA A O   1 
ATOM   183  C CB  . ALA A 1 23  ? 1.928   3.490   -3.756  1.00 16.98 ? 23  ALA A CB  1 
ATOM   184  N N   . GLU A 1 24  ? 2.329   2.668   -6.722  1.00 16.28 ? 24  GLU A N   1 
ATOM   185  C CA  . GLU A 1 24  ? 1.996   1.783   -7.834  1.00 16.37 ? 24  GLU A CA  1 
ATOM   186  C C   . GLU A 1 24  ? 3.239   1.159   -8.486  1.00 16.40 ? 24  GLU A C   1 
ATOM   187  O O   . GLU A 1 24  ? 3.229   -0.027  -8.831  1.00 16.08 ? 24  GLU A O   1 
ATOM   188  C CB  . GLU A 1 24  ? 1.085   2.481   -8.858  1.00 16.51 ? 24  GLU A CB  1 
ATOM   189  C CG  . GLU A 1 24  ? 1.735   3.620   -9.617  1.00 17.11 ? 24  GLU A CG  1 
ATOM   190  C CD  . GLU A 1 24  ? 0.754   4.462   -10.412 1.00 17.11 ? 24  GLU A CD  1 
ATOM   191  O OE1 . GLU A 1 24  ? -0.455  4.465   -10.099 1.00 17.32 ? 24  GLU A OE1 1 
ATOM   192  O OE2 . GLU A 1 24  ? 1.212   5.131   -11.364 1.00 18.49 ? 24  GLU A OE2 1 
ATOM   193  N N   A LYS A 1 25  ? 4.298   1.957   -8.629  0.50 16.28 ? 25  LYS A N   1 
ATOM   194  N N   B LYS A 1 25  ? 4.303   1.949   -8.637  0.50 16.37 ? 25  LYS A N   1 
ATOM   195  C CA  A LYS A 1 25  ? 5.555   1.495   -9.213  0.50 16.57 ? 25  LYS A CA  1 
ATOM   196  C CA  B LYS A 1 25  ? 5.544   1.453   -9.235  0.50 16.73 ? 25  LYS A CA  1 
ATOM   197  C C   A LYS A 1 25  ? 6.201   0.415   -8.346  0.50 16.23 ? 25  LYS A C   1 
ATOM   198  C C   B LYS A 1 25  ? 6.221   0.408   -8.346  0.50 16.33 ? 25  LYS A C   1 
ATOM   199  O O   A LYS A 1 25  ? 6.640   -0.612  -8.859  0.50 16.19 ? 25  LYS A O   1 
ATOM   200  O O   B LYS A 1 25  ? 6.700   -0.609  -8.845  0.50 16.30 ? 25  LYS A O   1 
ATOM   201  C CB  A LYS A 1 25  ? 6.527   2.667   -9.399  0.50 16.56 ? 25  LYS A CB  1 
ATOM   202  C CB  B LYS A 1 25  ? 6.507   2.605   -9.559  0.50 16.84 ? 25  LYS A CB  1 
ATOM   203  C CG  A LYS A 1 25  ? 7.863   2.276   -10.027 0.50 17.78 ? 25  LYS A CG  1 
ATOM   204  C CG  B LYS A 1 25  ? 7.902   2.146   -9.992  0.50 18.42 ? 25  LYS A CG  1 
ATOM   205  C CD  A LYS A 1 25  ? 8.941   3.297   -9.715  0.50 18.54 ? 25  LYS A CD  1 
ATOM   206  C CD  B LYS A 1 25  ? 8.587   3.140   -10.922 0.50 20.31 ? 25  LYS A CD  1 
ATOM   207  C CE  A LYS A 1 25  ? 10.307  2.806   -10.169 0.50 19.14 ? 25  LYS A CE  1 
ATOM   208  C CE  B LYS A 1 25  ? 9.992   2.673   -11.284 0.50 21.54 ? 25  LYS A CE  1 
ATOM   209  N NZ  A LYS A 1 25  ? 11.391  3.638   -9.585  0.50 20.60 ? 25  LYS A NZ  1 
ATOM   210  N NZ  B LYS A 1 25  ? 9.992   1.327   -11.924 0.50 22.86 ? 25  LYS A NZ  1 
ATOM   211  N N   . ALA A 1 26  ? 6.251   0.664   -7.037  1.00 16.01 ? 26  ALA A N   1 
ATOM   212  C CA  . ALA A 1 26  ? 6.882   -0.250  -6.081  1.00 15.73 ? 26  ALA A CA  1 
ATOM   213  C C   . ALA A 1 26  ? 6.159   -1.597  -6.006  1.00 15.43 ? 26  ALA A C   1 
ATOM   214  O O   . ALA A 1 26  ? 6.797   -2.649  -5.902  1.00 14.79 ? 26  ALA A O   1 
ATOM   215  C CB  . ALA A 1 26  ? 6.947   0.389   -4.707  1.00 15.75 ? 26  ALA A CB  1 
ATOM   216  N N   . VAL A 1 27  ? 4.828   -1.554  -6.065  1.00 14.84 ? 27  VAL A N   1 
ATOM   217  C CA  . VAL A 1 27  ? 4.008   -2.766  -6.007  1.00 14.48 ? 27  VAL A CA  1 
ATOM   218  C C   . VAL A 1 27  ? 4.175   -3.571  -7.306  1.00 14.57 ? 27  VAL A C   1 
ATOM   219  O O   . VAL A 1 27  ? 4.443   -4.774  -7.262  1.00 13.67 ? 27  VAL A O   1 
ATOM   220  C CB  . VAL A 1 27  ? 2.515   -2.420  -5.702  1.00 14.68 ? 27  VAL A CB  1 
ATOM   221  C CG1 . VAL A 1 27  ? 1.579   -3.605  -5.967  1.00 14.10 ? 27  VAL A CG1 1 
ATOM   222  C CG2 . VAL A 1 27  ? 2.366   -1.907  -4.257  1.00 14.46 ? 27  VAL A CG2 1 
ATOM   223  N N   . ALA A 1 28  ? 4.044   -2.900  -8.450  1.00 14.50 ? 28  ALA A N   1 
ATOM   224  C CA  . ALA A 1 28  ? 4.255   -3.555  -9.752  1.00 15.06 ? 28  ALA A CA  1 
ATOM   225  C C   . ALA A 1 28  ? 5.650   -4.183  -9.863  1.00 15.41 ? 28  ALA A C   1 
ATOM   226  O O   . ALA A 1 28  ? 5.783   -5.337  -10.283 1.00 15.58 ? 28  ALA A O   1 
ATOM   227  C CB  . ALA A 1 28  ? 4.004   -2.575  -10.904 1.00 14.77 ? 28  ALA A CB  1 
ATOM   228  N N   A ASP A 1 29  ? 6.677   -3.421  -9.484  0.50 15.52 ? 29  ASP A N   1 
ATOM   229  N N   B ASP A 1 29  ? 6.672   -3.422  -9.480  0.50 15.58 ? 29  ASP A N   1 
ATOM   230  C CA  A ASP A 1 29  ? 8.068   -3.891  -9.541  0.50 15.74 ? 29  ASP A CA  1 
ATOM   231  C CA  B ASP A 1 29  ? 8.061   -3.884  -9.535  0.50 15.84 ? 29  ASP A CA  1 
ATOM   232  C C   A ASP A 1 29  ? 8.305   -5.127  -8.672  0.50 15.64 ? 29  ASP A C   1 
ATOM   233  C C   B ASP A 1 29  ? 8.302   -5.124  -8.672  0.50 15.71 ? 29  ASP A C   1 
ATOM   234  O O   A ASP A 1 29  ? 8.854   -6.125  -9.148  0.50 15.61 ? 29  ASP A O   1 
ATOM   235  O O   B ASP A 1 29  ? 8.849   -6.121  -9.153  0.50 15.67 ? 29  ASP A O   1 
ATOM   236  C CB  A ASP A 1 29  ? 9.050   -2.780  -9.136  0.50 15.95 ? 29  ASP A CB  1 
ATOM   237  C CB  B ASP A 1 29  ? 9.016   -2.756  -9.128  0.50 16.18 ? 29  ASP A CB  1 
ATOM   238  C CG  A ASP A 1 29  ? 9.123   -1.640  -10.149 0.50 17.15 ? 29  ASP A CG  1 
ATOM   239  C CG  B ASP A 1 29  ? 10.427  -3.246  -8.873  0.50 17.33 ? 29  ASP A CG  1 
ATOM   240  O OD1 A ASP A 1 29  ? 9.759   -0.615  -9.820  0.50 18.02 ? 29  ASP A OD1 1 
ATOM   241  O OD1 B ASP A 1 29  ? 11.098  -3.674  -9.836  0.50 19.39 ? 29  ASP A OD1 1 
ATOM   242  O OD2 A ASP A 1 29  ? 8.560   -1.756  -11.263 0.50 17.69 ? 29  ASP A OD2 1 
ATOM   243  O OD2 B ASP A 1 29  ? 10.868  -3.202  -7.706  0.50 19.57 ? 29  ASP A OD2 1 
ATOM   244  N N   . ALA A 1 30  ? 7.889   -5.060  -7.405  1.00 15.49 ? 30  ALA A N   1 
ATOM   245  C CA  . ALA A 1 30  ? 8.131   -6.159  -6.440  1.00 15.05 ? 30  ALA A CA  1 
ATOM   246  C C   . ALA A 1 30  ? 7.420   -7.464  -6.806  1.00 14.72 ? 30  ALA A C   1 
ATOM   247  O O   . ALA A 1 30  ? 7.972   -8.559  -6.632  1.00 14.71 ? 30  ALA A O   1 
ATOM   248  C CB  . ALA A 1 30  ? 7.741   -5.735  -5.050  1.00 14.79 ? 30  ALA A CB  1 
ATOM   249  N N   . LEU A 1 31  ? 6.200   -7.336  -7.317  1.00 14.32 ? 31  LEU A N   1 
ATOM   250  C CA  . LEU A 1 31  ? 5.382   -8.497  -7.652  1.00 14.59 ? 31  LEU A CA  1 
ATOM   251  C C   . LEU A 1 31  ? 5.597   -8.982  -9.087  1.00 14.69 ? 31  LEU A C   1 
ATOM   252  O O   . LEU A 1 31  ? 5.121   -10.058 -9.459  1.00 14.80 ? 31  LEU A O   1 
ATOM   253  C CB  . LEU A 1 31  ? 3.896   -8.195  -7.389  1.00 14.13 ? 31  LEU A CB  1 
ATOM   254  C CG  . LEU A 1 31  ? 3.505   -7.858  -5.941  1.00 13.97 ? 31  LEU A CG  1 
ATOM   255  C CD1 . LEU A 1 31  ? 2.065   -7.350  -5.855  1.00 14.65 ? 31  LEU A CD1 1 
ATOM   256  C CD2 . LEU A 1 31  ? 3.696   -9.048  -5.022  1.00 14.43 ? 31  LEU A CD2 1 
ATOM   257  N N   . GLY A 1 32  ? 6.313   -8.196  -9.888  1.00 15.04 ? 32  GLY A N   1 
ATOM   258  C CA  . GLY A 1 32  ? 6.511   -8.523  -11.301 1.00 15.47 ? 32  GLY A CA  1 
ATOM   259  C C   . GLY A 1 32  ? 5.190   -8.618  -12.047 1.00 15.82 ? 32  GLY A C   1 
ATOM   260  O O   . GLY A 1 32  ? 4.980   -9.546  -12.825 1.00 15.64 ? 32  GLY A O   1 
ATOM   261  N N   . LYS A 1 33  ? 4.298   -7.663  -11.789 1.00 16.46 ? 33  LYS A N   1 
ATOM   262  C CA  . LYS A 1 33  ? 2.993   -7.608  -12.454 1.00 17.33 ? 33  LYS A CA  1 
ATOM   263  C C   . LYS A 1 33  ? 2.856   -6.298  -13.230 1.00 17.16 ? 33  LYS A C   1 
ATOM   264  O O   . LYS A 1 33  ? 3.460   -5.290  -12.854 1.00 16.31 ? 33  LYS A O   1 
ATOM   265  C CB  . LYS A 1 33  ? 1.846   -7.758  -11.441 1.00 17.53 ? 33  LYS A CB  1 
ATOM   266  C CG  . LYS A 1 33  ? 1.850   -9.087  -10.683 1.00 19.83 ? 33  LYS A CG  1 
ATOM   267  C CD  . LYS A 1 33  ? 0.461   -9.465  -10.209 1.00 23.02 ? 33  LYS A CD  1 
ATOM   268  C CE  . LYS A 1 33  ? 0.430   -10.894 -9.682  1.00 25.42 ? 33  LYS A CE  1 
ATOM   269  N NZ  . LYS A 1 33  ? -0.888  -11.517 -9.942  1.00 26.23 ? 33  LYS A NZ  1 
ATOM   270  N N   . PRO A 1 34  ? 2.053   -6.303  -14.313 1.00 17.66 ? 34  PRO A N   1 
ATOM   271  C CA  . PRO A 1 34  ? 1.943   -5.085  -15.119 1.00 17.70 ? 34  PRO A CA  1 
ATOM   272  C C   . PRO A 1 34  ? 1.247   -3.979  -14.337 1.00 17.80 ? 34  PRO A C   1 
ATOM   273  O O   . PRO A 1 34  ? 0.310   -4.247  -13.575 1.00 17.27 ? 34  PRO A O   1 
ATOM   274  C CB  . PRO A 1 34  ? 1.078   -5.518  -16.317 1.00 17.89 ? 34  PRO A CB  1 
ATOM   275  C CG  . PRO A 1 34  ? 1.031   -7.009  -16.274 1.00 18.42 ? 34  PRO A CG  1 
ATOM   276  C CD  . PRO A 1 34  ? 1.220   -7.397  -14.844 1.00 17.67 ? 34  PRO A CD  1 
ATOM   277  N N   . LEU A 1 35  ? 1.719   -2.749  -14.516 1.00 17.93 ? 35  LEU A N   1 
ATOM   278  C CA  . LEU A 1 35  ? 1.088   -1.589  -13.901 1.00 18.70 ? 35  LEU A CA  1 
ATOM   279  C C   . LEU A 1 35  ? -0.418  -1.518  -14.203 1.00 18.33 ? 35  LEU A C   1 
ATOM   280  O O   . LEU A 1 35  ? -1.199  -1.054  -13.366 1.00 18.39 ? 35  LEU A O   1 
ATOM   281  C CB  . LEU A 1 35  ? 1.803   -0.308  -14.336 1.00 18.66 ? 35  LEU A CB  1 
ATOM   282  C CG  . LEU A 1 35  ? 1.283   1.030   -13.801 1.00 19.10 ? 35  LEU A CG  1 
ATOM   283  C CD1 . LEU A 1 35  ? 1.186   1.049   -12.273 1.00 19.21 ? 35  LEU A CD1 1 
ATOM   284  C CD2 . LEU A 1 35  ? 2.159   2.170   -14.311 1.00 19.81 ? 35  LEU A CD2 1 
ATOM   285  N N   . SER A 1 36  ? -0.825  -2.016  -15.373 1.00 18.25 ? 36  SER A N   1 
ATOM   286  C CA  . SER A 1 36  ? -2.244  -1.997  -15.787 1.00 18.32 ? 36  SER A CA  1 
ATOM   287  C C   . SER A 1 36  ? -3.203  -2.702  -14.814 1.00 18.16 ? 36  SER A C   1 
ATOM   288  O O   . SER A 1 36  ? -4.415  -2.435  -14.820 1.00 18.30 ? 36  SER A O   1 
ATOM   289  C CB  . SER A 1 36  ? -2.414  -2.574  -17.199 1.00 18.77 ? 36  SER A CB  1 
ATOM   290  O OG  . SER A 1 36  ? -2.000  -3.934  -17.251 1.00 19.75 ? 36  SER A OG  1 
ATOM   291  N N   A TYR A 1 37  ? -2.647  -3.578  -13.979 0.50 17.74 ? 37  TYR A N   1 
ATOM   292  N N   B TYR A 1 37  ? -2.673  -3.606  -13.993 0.50 17.71 ? 37  TYR A N   1 
ATOM   293  C CA  A TYR A 1 37  ? -3.433  -4.370  -13.035 0.50 17.51 ? 37  TYR A CA  1 
ATOM   294  C CA  B TYR A 1 37  ? -3.502  -4.339  -13.034 0.50 17.43 ? 37  TYR A CA  1 
ATOM   295  C C   A TYR A 1 37  ? -3.322  -3.860  -11.595 0.50 16.84 ? 37  TYR A C   1 
ATOM   296  C C   B TYR A 1 37  ? -3.351  -3.839  -11.591 0.50 16.79 ? 37  TYR A C   1 
ATOM   297  O O   A TYR A 1 37  ? -3.967  -4.393  -10.692 0.50 16.55 ? 37  TYR A O   1 
ATOM   298  O O   B TYR A 1 37  ? -3.990  -4.365  -10.679 0.50 16.51 ? 37  TYR A O   1 
ATOM   299  C CB  A TYR A 1 37  ? -3.013  -5.840  -13.111 0.50 18.17 ? 37  TYR A CB  1 
ATOM   300  C CB  B TYR A 1 37  ? -3.230  -5.846  -13.102 0.50 18.01 ? 37  TYR A CB  1 
ATOM   301  C CG  A TYR A 1 37  ? -3.386  -6.495  -14.419 0.50 19.06 ? 37  TYR A CG  1 
ATOM   302  C CG  B TYR A 1 37  ? -3.909  -6.563  -14.256 0.50 18.85 ? 37  TYR A CG  1 
ATOM   303  C CD1 A TYR A 1 37  ? -4.670  -7.002  -14.621 0.50 19.74 ? 37  TYR A CD1 1 
ATOM   304  C CD1 B TYR A 1 37  ? -5.290  -6.459  -14.460 0.50 19.13 ? 37  TYR A CD1 1 
ATOM   305  C CD2 A TYR A 1 37  ? -2.461  -6.599  -15.456 0.50 19.49 ? 37  TYR A CD2 1 
ATOM   306  C CD2 B TYR A 1 37  ? -3.171  -7.366  -15.124 0.50 19.85 ? 37  TYR A CD2 1 
ATOM   307  C CE1 A TYR A 1 37  ? -5.024  -7.599  -15.828 0.50 20.39 ? 37  TYR A CE1 1 
ATOM   308  C CE1 B TYR A 1 37  ? -5.917  -7.124  -15.521 0.50 19.66 ? 37  TYR A CE1 1 
ATOM   309  C CE2 A TYR A 1 37  ? -2.801  -7.198  -16.665 0.50 19.95 ? 37  TYR A CE2 1 
ATOM   310  C CE2 B TYR A 1 37  ? -3.782  -8.037  -16.180 0.50 19.96 ? 37  TYR A CE2 1 
ATOM   311  C CZ  A TYR A 1 37  ? -4.085  -7.691  -16.845 0.50 20.39 ? 37  TYR A CZ  1 
ATOM   312  C CZ  B TYR A 1 37  ? -5.155  -7.912  -16.373 0.50 19.56 ? 37  TYR A CZ  1 
ATOM   313  O OH  A TYR A 1 37  ? -4.434  -8.285  -18.038 0.50 20.44 ? 37  TYR A OH  1 
ATOM   314  O OH  B TYR A 1 37  ? -5.752  -8.575  -17.424 0.50 19.60 ? 37  TYR A OH  1 
ATOM   315  N N   . VAL A 1 38  ? -2.518  -2.821  -11.392 1.00 16.07 ? 38  VAL A N   1 
ATOM   316  C CA  . VAL A 1 38  ? -2.270  -2.295  -10.046 1.00 15.53 ? 38  VAL A CA  1 
ATOM   317  C C   . VAL A 1 38  ? -3.242  -1.165  -9.694  1.00 15.32 ? 38  VAL A C   1 
ATOM   318  O O   . VAL A 1 38  ? -3.336  -0.178  -10.415 1.00 15.22 ? 38  VAL A O   1 
ATOM   319  C CB  . VAL A 1 38  ? -0.799  -1.843  -9.873  1.00 15.68 ? 38  VAL A CB  1 
ATOM   320  C CG1 . VAL A 1 38  ? -0.578  -1.225  -8.493  1.00 15.91 ? 38  VAL A CG1 1 
ATOM   321  C CG2 . VAL A 1 38  ? 0.148   -3.035  -10.083 1.00 14.69 ? 38  VAL A CG2 1 
ATOM   322  N N   . MET A 1 39  ? -3.967  -1.341  -8.589  1.00 14.66 ? 39  MET A N   1 
ATOM   323  C CA  . MET A 1 39  ? -4.861  -0.315  -8.055  1.00 14.76 ? 39  MET A CA  1 
ATOM   324  C C   . MET A 1 39  ? -4.297  0.208   -6.737  1.00 14.39 ? 39  MET A C   1 
ATOM   325  O O   . MET A 1 39  ? -3.893  -0.575  -5.873  1.00 14.21 ? 39  MET A O   1 
ATOM   326  C CB  . MET A 1 39  ? -6.271  -0.884  -7.856  1.00 14.38 ? 39  MET A CB  1 
ATOM   327  C CG  . MET A 1 39  ? -7.312  0.138   -7.363  1.00 14.76 ? 39  MET A CG  1 
ATOM   328  S SD  . MET A 1 39  ? -9.019  -0.479  -7.328  1.00 16.03 ? 39  MET A SD  1 
ATOM   329  C CE  . MET A 1 39  ? -9.387  -0.616  -9.087  1.00 15.38 ? 39  MET A CE  1 
ATOM   330  N N   . VAL A 1 40  ? -4.262  1.531   -6.594  1.00 13.91 ? 40  VAL A N   1 
ATOM   331  C CA  . VAL A 1 40  ? -3.736  2.171   -5.391  1.00 13.70 ? 40  VAL A CA  1 
ATOM   332  C C   . VAL A 1 40  ? -4.675  3.294   -4.920  1.00 14.24 ? 40  VAL A C   1 
ATOM   333  O O   . VAL A 1 40  ? -5.328  3.958   -5.737  1.00 13.95 ? 40  VAL A O   1 
ATOM   334  C CB  . VAL A 1 40  ? -2.284  2.722   -5.592  1.00 13.92 ? 40  VAL A CB  1 
ATOM   335  C CG1 . VAL A 1 40  ? -1.262  1.588   -5.734  1.00 13.52 ? 40  VAL A CG1 1 
ATOM   336  C CG2 . VAL A 1 40  ? -2.201  3.665   -6.804  1.00 13.81 ? 40  VAL A CG2 1 
ATOM   337  N N   . GLY A 1 41  ? -4.757  3.497   -3.611  1.00 14.12 ? 41  GLY A N   1 
ATOM   338  C CA  . GLY A 1 41  ? -5.568  4.590   -3.091  1.00 14.71 ? 41  GLY A CA  1 
ATOM   339  C C   . GLY A 1 41  ? -5.105  5.127   -1.757  1.00 15.02 ? 41  GLY A C   1 
ATOM   340  O O   . GLY A 1 41  ? -4.328  4.483   -1.044  1.00 14.50 ? 41  GLY A O   1 
ATOM   341  N N   . TYR A 1 42  ? -5.579  6.329   -1.443  1.00 15.73 ? 42  TYR A N   1 
ATOM   342  C CA  . TYR A 1 42  ? -5.331  6.962   -0.156  1.00 16.61 ? 42  TYR A CA  1 
ATOM   343  C C   . TYR A 1 42  ? -6.661  7.264   0.506   1.00 17.28 ? 42  TYR A C   1 
ATOM   344  O O   . TYR A 1 42  ? -7.589  7.759   -0.128  1.00 17.46 ? 42  TYR A O   1 
ATOM   345  C CB  . TYR A 1 42  ? -4.513  8.251   -0.317  1.00 16.83 ? 42  TYR A CB  1 
ATOM   346  C CG  . TYR A 1 42  ? -4.109  8.893   0.996   1.00 17.00 ? 42  TYR A CG  1 
ATOM   347  C CD1 . TYR A 1 42  ? -4.857  9.936   1.549   1.00 16.98 ? 42  TYR A CD1 1 
ATOM   348  C CD2 . TYR A 1 42  ? -2.981  8.461   1.683   1.00 16.97 ? 42  TYR A CD2 1 
ATOM   349  C CE1 . TYR A 1 42  ? -4.484  10.530  2.758   1.00 17.82 ? 42  TYR A CE1 1 
ATOM   350  C CE2 . TYR A 1 42  ? -2.592  9.054   2.887   1.00 17.62 ? 42  TYR A CE2 1 
ATOM   351  C CZ  . TYR A 1 42  ? -3.350  10.083  3.421   1.00 17.21 ? 42  TYR A CZ  1 
ATOM   352  O OH  . TYR A 1 42  ? -2.970  10.670  4.612   1.00 17.83 ? 42  TYR A OH  1 
ATOM   353  N N   . SER A 1 43  ? -6.749  6.965   1.790   1.00 18.14 ? 43  SER A N   1 
ATOM   354  C CA  . SER A 1 43  ? -7.951  7.273   2.537   1.00 19.64 ? 43  SER A CA  1 
ATOM   355  C C   . SER A 1 43  ? -7.565  7.993   3.818   1.00 20.05 ? 43  SER A C   1 
ATOM   356  O O   . SER A 1 43  ? -6.863  7.427   4.661   1.00 19.84 ? 43  SER A O   1 
ATOM   357  C CB  . SER A 1 43  ? -8.752  5.990   2.814   1.00 19.63 ? 43  SER A CB  1 
ATOM   358  O OG  . SER A 1 43  ? -9.855  6.255   3.669   1.00 22.76 ? 43  SER A OG  1 
ATOM   359  N N   . GLN A 1 44  ? -7.991  9.254   3.945   1.00 20.41 ? 44  GLN A N   1 
ATOM   360  C CA  . GLN A 1 44  ? -7.784  9.999   5.187   1.00 21.10 ? 44  GLN A CA  1 
ATOM   361  C C   . GLN A 1 44  ? -8.762  9.472   6.229   1.00 20.79 ? 44  GLN A C   1 
ATOM   362  O O   . GLN A 1 44  ? -9.985  9.587   6.071   1.00 20.90 ? 44  GLN A O   1 
ATOM   363  C CB  . GLN A 1 44  ? -7.945  11.525  4.997   1.00 21.37 ? 44  GLN A CB  1 
ATOM   364  C CG  . GLN A 1 44  ? -7.459  12.346  6.216   1.00 22.17 ? 44  GLN A CG  1 
ATOM   365  C CD  . GLN A 1 44  ? -7.856  13.823  6.198   1.00 22.81 ? 44  GLN A CD  1 
ATOM   366  O OE1 . GLN A 1 44  ? -8.122  14.410  5.149   1.00 25.76 ? 44  GLN A OE1 1 
ATOM   367  N NE2 . GLN A 1 44  ? -7.865  14.433  7.376   1.00 25.48 ? 44  GLN A NE2 1 
ATOM   368  N N   . THR A 1 45  ? -8.215  8.877   7.284   1.00 20.15 ? 45  THR A N   1 
ATOM   369  C CA  . THR A 1 45  ? -9.023  8.391   8.385   1.00 19.74 ? 45  THR A CA  1 
ATOM   370  C C   . THR A 1 45  ? -9.376  9.560   9.303   1.00 19.73 ? 45  THR A C   1 
ATOM   371  O O   . THR A 1 45  ? -8.909  10.690  9.099   1.00 19.20 ? 45  THR A O   1 
ATOM   372  C CB  . THR A 1 45  ? -8.266  7.307   9.200   1.00 19.68 ? 45  THR A CB  1 
ATOM   373  O OG1 . THR A 1 45  ? -7.079  7.874   9.772   1.00 19.64 ? 45  THR A OG1 1 
ATOM   374  C CG2 . THR A 1 45  ? -7.883  6.128   8.309   1.00 19.00 ? 45  THR A CG2 1 
ATOM   375  N N   . GLY A 1 46  ? -10.211 9.289   10.301  1.00 19.41 ? 46  GLY A N   1 
ATOM   376  C CA  . GLY A 1 46  ? -10.271 10.139  11.482  1.00 19.40 ? 46  GLY A CA  1 
ATOM   377  C C   . GLY A 1 46  ? -9.015  9.858   12.293  1.00 19.35 ? 46  GLY A C   1 
ATOM   378  O O   . GLY A 1 46  ? -7.956  9.548   11.736  1.00 19.48 ? 46  GLY A O   1 
ATOM   379  N N   . GLN A 1 47  ? -9.130  9.944   13.608  1.00 19.48 ? 47  GLN A N   1 
ATOM   380  C CA  . GLN A 1 47  ? -7.991  9.742   14.489  1.00 19.61 ? 47  GLN A CA  1 
ATOM   381  C C   . GLN A 1 47  ? -7.428  8.332   14.376  1.00 19.20 ? 47  GLN A C   1 
ATOM   382  O O   . GLN A 1 47  ? -8.169  7.371   14.150  1.00 18.87 ? 47  GLN A O   1 
ATOM   383  C CB  . GLN A 1 47  ? -8.380  10.003  15.941  1.00 20.13 ? 47  GLN A CB  1 
ATOM   384  C CG  . GLN A 1 47  ? -8.926  11.392  16.202  1.00 22.97 ? 47  GLN A CG  1 
ATOM   385  C CD  . GLN A 1 47  ? -8.797  11.796  17.658  1.00 28.05 ? 47  GLN A CD  1 
ATOM   386  O OE1 . GLN A 1 47  ? -8.367  11.010  18.508  1.00 29.00 ? 47  GLN A OE1 1 
ATOM   387  N NE2 . GLN A 1 47  ? -9.160  13.034  17.954  1.00 28.52 ? 47  GLN A NE2 1 
ATOM   388  N N   . MET A 1 48  ? -6.113  8.234   14.534  1.00 18.68 ? 48  MET A N   1 
ATOM   389  C CA  . MET A 1 48  ? -5.431  6.950   14.628  1.00 19.06 ? 48  MET A CA  1 
ATOM   390  C C   . MET A 1 48  ? -4.419  6.996   15.765  1.00 18.41 ? 48  MET A C   1 
ATOM   391  O O   . MET A 1 48  ? -3.769  8.027   15.993  1.00 18.12 ? 48  MET A O   1 
ATOM   392  C CB  . MET A 1 48  ? -4.751  6.594   13.300  1.00 18.64 ? 48  MET A CB  1 
ATOM   393  C CG  . MET A 1 48  ? -5.693  5.963   12.260  1.00 20.23 ? 48  MET A CG  1 
ATOM   394  S SD  . MET A 1 48  ? -4.873  5.432   10.727  1.00 21.94 ? 48  MET A SD  1 
ATOM   395  C CE  . MET A 1 48  ? -3.552  4.427   11.375  1.00 16.07 ? 48  MET A CE  1 
ATOM   396  N N   . ARG A 1 49  ? -4.315  5.892   16.495  1.00 17.45 ? 49  ARG A N   1 
ATOM   397  C CA  . ARG A 1 49  ? -3.325  5.750   17.556  1.00 17.65 ? 49  ARG A CA  1 
ATOM   398  C C   . ARG A 1 49  ? -2.476  4.510   17.313  1.00 17.21 ? 49  ARG A C   1 
ATOM   399  O O   . ARG A 1 49  ? -2.954  3.522   16.748  1.00 17.02 ? 49  ARG A O   1 
ATOM   400  C CB  . ARG A 1 49  ? -4.003  5.648   18.925  1.00 17.10 ? 49  ARG A CB  1 
ATOM   401  C CG  . ARG A 1 49  ? -4.733  6.926   19.353  1.00 19.08 ? 49  ARG A CG  1 
ATOM   402  C CD  . ARG A 1 49  ? -5.605  6.692   20.573  1.00 20.01 ? 49  ARG A CD  1 
ATOM   403  N NE  . ARG A 1 49  ? -4.832  6.323   21.755  1.00 22.61 ? 49  ARG A NE  1 
ATOM   404  C CZ  . ARG A 1 49  ? -4.191  7.186   22.541  1.00 23.81 ? 49  ARG A CZ  1 
ATOM   405  N NH1 . ARG A 1 49  ? -3.520  6.744   23.591  1.00 24.39 ? 49  ARG A NH1 1 
ATOM   406  N NH2 . ARG A 1 49  ? -4.217  8.492   22.278  1.00 24.55 ? 49  ARG A NH2 1 
ATOM   407  N N   . PHE A 1 50  ? -1.219  4.573   17.736  1.00 17.16 ? 50  PHE A N   1 
ATOM   408  C CA  . PHE A 1 50  ? -0.313  3.431   17.662  1.00 17.57 ? 50  PHE A CA  1 
ATOM   409  C C   . PHE A 1 50  ? 0.621   3.463   18.859  1.00 18.36 ? 50  PHE A C   1 
ATOM   410  O O   . PHE A 1 50  ? 1.224   4.496   19.156  1.00 18.64 ? 50  PHE A O   1 
ATOM   411  C CB  . PHE A 1 50  ? 0.469   3.422   16.336  1.00 17.11 ? 50  PHE A CB  1 
ATOM   412  C CG  . PHE A 1 50  ? 1.438   2.264   16.189  1.00 16.85 ? 50  PHE A CG  1 
ATOM   413  C CD1 . PHE A 1 50  ? 1.058   0.962   16.523  1.00 15.40 ? 50  PHE A CD1 1 
ATOM   414  C CD2 . PHE A 1 50  ? 2.716   2.476   15.679  1.00 16.78 ? 50  PHE A CD2 1 
ATOM   415  C CE1 . PHE A 1 50  ? 1.950   -0.111  16.385  1.00 15.35 ? 50  PHE A CE1 1 
ATOM   416  C CE2 . PHE A 1 50  ? 3.624   1.410   15.528  1.00 17.19 ? 50  PHE A CE2 1 
ATOM   417  C CZ  . PHE A 1 50  ? 3.230   0.109   15.885  1.00 16.47 ? 50  PHE A CZ  1 
ATOM   418  N N   . GLY A 1 51  ? 0.710   2.332   19.555  1.00 18.78 ? 51  GLY A N   1 
ATOM   419  C CA  . GLY A 1 51  ? 1.547   2.215   20.743  1.00 19.94 ? 51  GLY A CA  1 
ATOM   420  C C   . GLY A 1 51  ? 1.098   3.060   21.923  1.00 20.51 ? 51  GLY A C   1 
ATOM   421  O O   . GLY A 1 51  ? 1.903   3.357   22.806  1.00 20.89 ? 51  GLY A O   1 
ATOM   422  N N   . GLY A 1 52  ? -0.181  3.434   21.945  1.00 20.98 ? 52  GLY A N   1 
ATOM   423  C CA  . GLY A 1 52  ? -0.726  4.322   22.979  1.00 21.71 ? 52  GLY A CA  1 
ATOM   424  C C   . GLY A 1 52  ? -0.447  5.803   22.747  1.00 22.17 ? 52  GLY A C   1 
ATOM   425  O O   . GLY A 1 52  ? -0.578  6.624   23.663  1.00 22.70 ? 52  GLY A O   1 
ATOM   426  N N   . SER A 1 53  ? -0.067  6.146   21.521  1.00 22.36 ? 53  SER A N   1 
ATOM   427  C CA  . SER A 1 53  ? 0.257   7.523   21.161  1.00 22.37 ? 53  SER A CA  1 
ATOM   428  C C   . SER A 1 53  ? -0.574  8.002   19.982  1.00 22.53 ? 53  SER A C   1 
ATOM   429  O O   . SER A 1 53  ? -0.811  7.248   19.038  1.00 22.15 ? 53  SER A O   1 
ATOM   430  C CB  . SER A 1 53  ? 1.747   7.658   20.842  1.00 22.68 ? 53  SER A CB  1 
ATOM   431  O OG  . SER A 1 53  ? 2.040   8.963   20.360  1.00 22.64 ? 53  SER A OG  1 
ATOM   432  N N   . SER A 1 54  ? -1.008  9.261   20.044  1.00 22.54 ? 54  SER A N   1 
ATOM   433  C CA  . SER A 1 54  ? -1.723  9.898   18.934  1.00 23.15 ? 54  SER A CA  1 
ATOM   434  C C   . SER A 1 54  ? -0.795  10.495  17.871  1.00 22.89 ? 54  SER A C   1 
ATOM   435  O O   . SER A 1 54  ? -1.272  11.078  16.897  1.00 23.17 ? 54  SER A O   1 
ATOM   436  C CB  . SER A 1 54  ? -2.671  10.982  19.448  1.00 23.26 ? 54  SER A CB  1 
ATOM   437  O OG  . SER A 1 54  ? -3.868  10.414  19.950  1.00 25.63 ? 54  SER A OG  1 
ATOM   438  N N   . ASP A 1 55  ? 0.519   10.359  18.056  1.00 23.17 ? 55  ASP A N   1 
ATOM   439  C CA  . ASP A 1 55  ? 1.488   10.808  17.049  1.00 23.27 ? 55  ASP A CA  1 
ATOM   440  C C   . ASP A 1 55  ? 1.165   10.160  15.692  1.00 22.90 ? 55  ASP A C   1 
ATOM   441  O O   . ASP A 1 55  ? 0.622   9.045   15.658  1.00 22.72 ? 55  ASP A O   1 
ATOM   442  C CB  . ASP A 1 55  ? 2.922   10.482  17.483  1.00 23.84 ? 55  ASP A CB  1 
ATOM   443  C CG  . ASP A 1 55  ? 3.372   11.289  18.710  1.00 25.56 ? 55  ASP A CG  1 
ATOM   444  O OD1 . ASP A 1 55  ? 2.734   12.309  19.037  1.00 27.73 ? 55  ASP A OD1 1 
ATOM   445  O OD2 . ASP A 1 55  ? 4.368   10.893  19.347  1.00 28.18 ? 55  ASP A OD2 1 
ATOM   446  N N   . PRO A 1 56  ? 1.455   10.867  14.578  1.00 22.32 ? 56  PRO A N   1 
ATOM   447  C CA  . PRO A 1 56  ? 1.109   10.344  13.255  1.00 21.62 ? 56  PRO A CA  1 
ATOM   448  C C   . PRO A 1 56  ? 1.606   8.918   13.030  1.00 20.73 ? 56  PRO A C   1 
ATOM   449  O O   . PRO A 1 56  ? 2.724   8.557   13.425  1.00 20.46 ? 56  PRO A O   1 
ATOM   450  C CB  . PRO A 1 56  ? 1.789   11.324  12.301  1.00 21.97 ? 56  PRO A CB  1 
ATOM   451  C CG  . PRO A 1 56  ? 1.794   12.612  13.064  1.00 22.28 ? 56  PRO A CG  1 
ATOM   452  C CD  . PRO A 1 56  ? 2.091   12.197  14.480  1.00 22.38 ? 56  PRO A CD  1 
ATOM   453  N N   . CYS A 1 57  ? 0.734   8.125   12.422  1.00 19.88 ? 57  CYS A N   1 
ATOM   454  C CA  . CYS A 1 57  ? 0.981   6.726   12.118  1.00 18.54 ? 57  CYS A CA  1 
ATOM   455  C C   . CYS A 1 57  ? 0.158   6.409   10.876  1.00 17.47 ? 57  CYS A C   1 
ATOM   456  O O   . CYS A 1 57  ? -0.635  7.238   10.422  1.00 17.24 ? 57  CYS A O   1 
ATOM   457  C CB  . CYS A 1 57  ? 0.565   5.836   13.300  1.00 18.97 ? 57  CYS A CB  1 
ATOM   458  S SG  . CYS A 1 57  ? -1.212  5.805   13.674  1.00 20.68 ? 57  CYS A SG  1 
ATOM   459  N N   . ALA A 1 58  ? 0.354   5.224   10.310  1.00 15.90 ? 58  ALA A N   1 
ATOM   460  C CA  . ALA A 1 58  ? -0.415  4.815   9.146   1.00 15.17 ? 58  ALA A CA  1 
ATOM   461  C C   . ALA A 1 58  ? -0.521  3.306   9.097   1.00 14.47 ? 58  ALA A C   1 
ATOM   462  O O   . ALA A 1 58  ? 0.287   2.592   9.699   1.00 13.50 ? 58  ALA A O   1 
ATOM   463  C CB  . ALA A 1 58  ? 0.227   5.341   7.862   1.00 14.88 ? 58  ALA A CB  1 
ATOM   464  N N   . PHE A 1 59  ? -1.534  2.822   8.396   1.00 14.34 ? 59  PHE A N   1 
ATOM   465  C CA  . PHE A 1 59  ? -1.521  1.424   8.020   1.00 14.73 ? 59  PHE A CA  1 
ATOM   466  C C   . PHE A 1 59  ? -1.897  1.255   6.569   1.00 13.91 ? 59  PHE A C   1 
ATOM   467  O O   . PHE A 1 59  ? -2.715  2.008   6.016   1.00 14.27 ? 59  PHE A O   1 
ATOM   468  C CB  . PHE A 1 59  ? -2.340  0.550   8.967   1.00 16.33 ? 59  PHE A CB  1 
ATOM   469  C CG  . PHE A 1 59  ? -3.789  0.544   8.677   1.00 17.91 ? 59  PHE A CG  1 
ATOM   470  C CD1 . PHE A 1 59  ? -4.596  1.582   9.104   1.00 20.16 ? 59  PHE A CD1 1 
ATOM   471  C CD2 . PHE A 1 59  ? -4.355  -0.500  7.965   1.00 20.04 ? 59  PHE A CD2 1 
ATOM   472  C CE1 . PHE A 1 59  ? -5.948  1.571   8.816   1.00 22.18 ? 59  PHE A CE1 1 
ATOM   473  C CE2 . PHE A 1 59  ? -5.700  -0.521  7.680   1.00 21.22 ? 59  PHE A CE2 1 
ATOM   474  C CZ  . PHE A 1 59  ? -6.505  0.514   8.112   1.00 21.60 ? 59  PHE A CZ  1 
ATOM   475  N N   A ILE A 1 60  ? -1.261  0.295   5.919   0.50 13.56 ? 60  ILE A N   1 
ATOM   476  N N   B ILE A 1 60  ? -1.283  0.250   5.952   0.50 12.86 ? 60  ILE A N   1 
ATOM   477  C CA  A ILE A 1 60  ? -1.556  0.071   4.520   0.50 13.07 ? 60  ILE A CA  1 
ATOM   478  C CA  B ILE A 1 60  ? -1.403  0.000   4.521   0.50 11.71 ? 60  ILE A CA  1 
ATOM   479  C C   A ILE A 1 60  ? -1.849  -1.406  4.287   0.50 12.78 ? 60  ILE A C   1 
ATOM   480  C C   B ILE A 1 60  ? -1.852  -1.445  4.313   0.50 12.01 ? 60  ILE A C   1 
ATOM   481  O O   A ILE A 1 60  ? -1.212  -2.286  4.875   0.50 12.40 ? 60  ILE A O   1 
ATOM   482  O O   B ILE A 1 60  ? -1.306  -2.357  4.938   0.50 11.68 ? 60  ILE A O   1 
ATOM   483  C CB  A ILE A 1 60  ? -0.472  0.682   3.547   0.50 13.50 ? 60  ILE A CB  1 
ATOM   484  C CB  B ILE A 1 60  ? -0.043  0.219   3.799   0.50 11.55 ? 60  ILE A CB  1 
ATOM   485  C CG1 A ILE A 1 60  ? 0.538   -0.353  3.060   0.50 13.84 ? 60  ILE A CG1 1 
ATOM   486  C CG1 B ILE A 1 60  ? 0.573   1.582   4.163   0.50 11.34 ? 60  ILE A CG1 1 
ATOM   487  C CG2 A ILE A 1 60  ? 0.232   1.908   4.154   0.50 13.20 ? 60  ILE A CG2 1 
ATOM   488  C CG2 B ILE A 1 60  ? -0.209  0.087   2.276   0.50 10.56 ? 60  ILE A CG2 1 
ATOM   489  C CD1 A ILE A 1 60  ? 0.112   -1.047  1.803   0.50 15.11 ? 60  ILE A CD1 1 
ATOM   490  C CD1 B ILE A 1 60  ? 1.981   1.802   3.634   0.50 10.60 ? 60  ILE A CD1 1 
ATOM   491  N N   . ARG A 1 61  ? -2.839  -1.656  3.442   1.00 12.28 ? 61  ARG A N   1 
ATOM   492  C CA  . ARG A 1 61  ? -3.271  -3.012  3.119   1.00 12.73 ? 61  ARG A CA  1 
ATOM   493  C C   . ARG A 1 61  ? -2.868  -3.328  1.697   1.00 12.30 ? 61  ARG A C   1 
ATOM   494  O O   . ARG A 1 61  ? -3.267  -2.614  0.770   1.00 12.55 ? 61  ARG A O   1 
ATOM   495  C CB  . ARG A 1 61  ? -4.795  -3.150  3.251   1.00 12.76 ? 61  ARG A CB  1 
ATOM   496  C CG  . ARG A 1 61  ? -5.368  -2.845  4.629   1.00 13.64 ? 61  ARG A CG  1 
ATOM   497  C CD  . ARG A 1 61  ? -6.811  -3.346  4.723   1.00 14.11 ? 61  ARG A CD  1 
ATOM   498  N NE  . ARG A 1 61  ? -6.860  -4.809  4.708   1.00 17.03 ? 61  ARG A NE  1 
ATOM   499  C CZ  . ARG A 1 61  ? -7.417  -5.540  3.746   1.00 18.76 ? 61  ARG A CZ  1 
ATOM   500  N NH1 . ARG A 1 61  ? -8.013  -4.953  2.708   1.00 20.30 ? 61  ARG A NH1 1 
ATOM   501  N NH2 . ARG A 1 61  ? -7.390  -6.862  3.832   1.00 19.63 ? 61  ARG A NH2 1 
ATOM   502  N N   A VAL A 1 62  ? -2.076  -4.379  1.506   0.50 12.48 ? 62  VAL A N   1 
ATOM   503  N N   B VAL A 1 62  ? -2.089  -4.398  1.539   0.50 11.89 ? 62  VAL A N   1 
ATOM   504  C CA  A VAL A 1 62  ? -1.730  -4.812  0.149   0.50 12.59 ? 62  VAL A CA  1 
ATOM   505  C CA  B VAL A 1 62  ? -1.661  -4.887  0.230   0.50 11.56 ? 62  VAL A CA  1 
ATOM   506  C C   A VAL A 1 62  ? -2.137  -6.259  -0.138  0.50 12.34 ? 62  VAL A C   1 
ATOM   507  C C   B VAL A 1 62  ? -2.304  -6.254  -0.054  0.50 11.68 ? 62  VAL A C   1 
ATOM   508  O O   A VAL A 1 62  ? -1.873  -7.162  0.654   0.50 12.39 ? 62  VAL A O   1 
ATOM   509  O O   B VAL A 1 62  ? -2.363  -7.110  0.831   0.50 11.75 ? 62  VAL A O   1 
ATOM   510  C CB  A VAL A 1 62  ? -0.238  -4.481  -0.259  0.50 13.02 ? 62  VAL A CB  1 
ATOM   511  C CB  B VAL A 1 62  ? -0.103  -4.979  0.129   0.50 11.09 ? 62  VAL A CB  1 
ATOM   512  C CG1 A VAL A 1 62  ? 0.628   -4.186  0.950   0.50 13.96 ? 62  VAL A CG1 1 
ATOM   513  C CG1 B VAL A 1 62  ? 0.328   -5.539  -1.226  0.50 11.56 ? 62  VAL A CG1 1 
ATOM   514  C CG2 A VAL A 1 62  ? 0.375   -5.553  -1.173  0.50 13.09 ? 62  VAL A CG2 1 
ATOM   515  C CG2 B VAL A 1 62  ? 0.549   -3.592  0.351   0.50 11.07 ? 62  VAL A CG2 1 
ATOM   516  N N   . ALA A 1 63  ? -2.801  -6.443  -1.276  1.00 11.95 ? 63  ALA A N   1 
ATOM   517  C CA  . ALA A 1 63  ? -3.358  -7.741  -1.695  1.00 12.20 ? 63  ALA A CA  1 
ATOM   518  C C   . ALA A 1 63  ? -2.897  -8.073  -3.104  1.00 12.25 ? 63  ALA A C   1 
ATOM   519  O O   . ALA A 1 63  ? -2.752  -7.187  -3.942  1.00 12.07 ? 63  ALA A O   1 
ATOM   520  C CB  . ALA A 1 63  ? -4.887  -7.705  -1.658  1.00 12.32 ? 63  ALA A CB  1 
ATOM   521  N N   . SER A 1 64  ? -2.677  -9.358  -3.364  1.00 12.56 ? 64  SER A N   1 
ATOM   522  C CA  . SER A 1 64  ? -2.271  -9.797  -4.684  1.00 12.45 ? 64  SER A CA  1 
ATOM   523  C C   . SER A 1 64  ? -2.718  -11.232 -4.893  1.00 12.26 ? 64  SER A C   1 
ATOM   524  O O   . SER A 1 64  ? -2.884  -11.988 -3.929  1.00 11.68 ? 64  SER A O   1 
ATOM   525  C CB  . SER A 1 64  ? -0.745  -9.701  -4.836  1.00 12.64 ? 64  SER A CB  1 
ATOM   526  O OG  . SER A 1 64  ? -0.356  -10.041 -6.161  1.00 14.41 ? 64  SER A OG  1 
ATOM   527  N N   . ILE A 1 65  ? -2.907  -11.602 -6.156  1.00 12.47 ? 65  ILE A N   1 
ATOM   528  C CA  . ILE A 1 65  ? -3.135  -12.999 -6.519  1.00 13.37 ? 65  ILE A CA  1 
ATOM   529  C C   . ILE A 1 65  ? -1.759  -13.628 -6.655  1.00 14.43 ? 65  ILE A C   1 
ATOM   530  O O   . ILE A 1 65  ? -1.082  -13.462 -7.673  1.00 14.30 ? 65  ILE A O   1 
ATOM   531  C CB  . ILE A 1 65  ? -3.930  -13.145 -7.830  1.00 13.35 ? 65  ILE A CB  1 
ATOM   532  C CG1 . ILE A 1 65  ? -5.262  -12.392 -7.733  1.00 13.44 ? 65  ILE A CG1 1 
ATOM   533  C CG2 . ILE A 1 65  ? -4.161  -14.639 -8.157  1.00 13.47 ? 65  ILE A CG2 1 
ATOM   534  C CD1 . ILE A 1 65  ? -5.903  -12.100 -9.095  1.00 14.69 ? 65  ILE A CD1 1 
ATOM   535  N N   . GLY A 1 66  ? -1.338  -14.324 -5.606  1.00 15.44 ? 66  GLY A N   1 
ATOM   536  C CA  . GLY A 1 66  ? 0.028   -14.846 -5.537  1.00 16.19 ? 66  GLY A CA  1 
ATOM   537  C C   . GLY A 1 66  ? 1.041   -13.739 -5.303  1.00 16.23 ? 66  GLY A C   1 
ATOM   538  O O   . GLY A 1 66  ? 0.701   -12.555 -5.317  1.00 16.75 ? 66  GLY A O   1 
ATOM   539  N N   . GLY A 1 67  ? 2.297   -14.130 -5.091  1.00 16.56 ? 67  GLY A N   1 
ATOM   540  C CA  . GLY A 1 67  ? 3.396   -13.175 -4.983  1.00 16.00 ? 67  GLY A CA  1 
ATOM   541  C C   . GLY A 1 67  ? 3.602   -12.707 -3.560  1.00 16.32 ? 67  GLY A C   1 
ATOM   542  O O   . GLY A 1 67  ? 4.529   -11.961 -3.284  1.00 17.08 ? 67  GLY A O   1 
ATOM   543  N N   . ILE A 1 68  ? 2.742   -13.155 -2.651  1.00 15.59 ? 68  ILE A N   1 
ATOM   544  C CA  . ILE A 1 68  ? 2.850   -12.765 -1.243  1.00 15.46 ? 68  ILE A CA  1 
ATOM   545  C C   . ILE A 1 68  ? 3.833   -13.707 -0.548  1.00 15.17 ? 68  ILE A C   1 
ATOM   546  O O   . ILE A 1 68  ? 3.534   -14.881 -0.354  1.00 15.61 ? 68  ILE A O   1 
ATOM   547  C CB  . ILE A 1 68  ? 1.454   -12.748 -0.537  1.00 15.54 ? 68  ILE A CB  1 
ATOM   548  C CG1 . ILE A 1 68  ? 0.495   -11.770 -1.244  1.00 15.14 ? 68  ILE A CG1 1 
ATOM   549  C CG2 . ILE A 1 68  ? 1.582   -12.423 0.975   1.00 14.62 ? 68  ILE A CG2 1 
ATOM   550  C CD1 . ILE A 1 68  ? 1.007   -10.308 -1.348  1.00 14.51 ? 68  ILE A CD1 1 
ATOM   551  N N   . THR A 1 69  ? 5.024   -13.202 -0.215  1.00 14.75 ? 69  THR A N   1 
ATOM   552  C CA  . THR A 1 69  ? 6.062   -14.028 0.423   1.00 14.97 ? 69  THR A CA  1 
ATOM   553  C C   . THR A 1 69  ? 6.838   -13.157 1.399   1.00 15.25 ? 69  THR A C   1 
ATOM   554  O O   . THR A 1 69  ? 6.835   -11.943 1.259   1.00 14.54 ? 69  THR A O   1 
ATOM   555  C CB  . THR A 1 69  ? 7.087   -14.596 -0.594  1.00 15.26 ? 69  THR A CB  1 
ATOM   556  O OG1 . THR A 1 69  ? 7.915   -13.534 -1.093  1.00 15.28 ? 69  THR A OG1 1 
ATOM   557  C CG2 . THR A 1 69  ? 6.397   -15.306 -1.754  1.00 14.96 ? 69  THR A CG2 1 
ATOM   558  N N   . SER A 1 70  ? 7.543   -13.766 2.348   1.00 15.79 ? 70  SER A N   1 
ATOM   559  C CA  . SER A 1 70  ? 8.312   -12.970 3.305   1.00 17.18 ? 70  SER A CA  1 
ATOM   560  C C   . SER A 1 70  ? 9.238   -11.941 2.627   1.00 16.78 ? 70  SER A C   1 
ATOM   561  O O   . SER A 1 70  ? 9.238   -10.772 3.013   1.00 16.93 ? 70  SER A O   1 
ATOM   562  C CB  . SER A 1 70  ? 9.094   -13.863 4.279   1.00 17.65 ? 70  SER A CB  1 
ATOM   563  O OG  . SER A 1 70  ? 9.548   -13.090 5.379   1.00 21.83 ? 70  SER A OG  1 
ATOM   564  N N   A SER A 1 71  ? 10.002  -12.373 1.623   0.50 16.80 ? 71  SER A N   1 
ATOM   565  N N   B SER A 1 71  ? 10.000  -12.374 1.622   0.50 16.90 ? 71  SER A N   1 
ATOM   566  C CA  A SER A 1 71  ? 10.967  -11.480 0.965   0.50 16.65 ? 71  SER A CA  1 
ATOM   567  C CA  B SER A 1 71  ? 10.973  -11.487 0.964   0.50 16.88 ? 71  SER A CA  1 
ATOM   568  C C   A SER A 1 71  ? 10.271  -10.361 0.195   0.50 16.57 ? 71  SER A C   1 
ATOM   569  C C   B SER A 1 71  ? 10.308  -10.375 0.149   0.50 16.69 ? 71  SER A C   1 
ATOM   570  O O   A SER A 1 71  ? 10.658  -9.193  0.296   0.50 16.46 ? 71  SER A O   1 
ATOM   571  O O   B SER A 1 71  ? 10.752  -9.222  0.175   0.50 16.55 ? 71  SER A O   1 
ATOM   572  C CB  A SER A 1 71  ? 11.908  -12.253 0.035   0.50 16.80 ? 71  SER A CB  1 
ATOM   573  C CB  B SER A 1 71  ? 11.961  -12.282 0.100   0.50 17.05 ? 71  SER A CB  1 
ATOM   574  O OG  A SER A 1 71  ? 12.442  -13.400 0.670   0.50 16.88 ? 71  SER A OG  1 
ATOM   575  O OG  B SER A 1 71  ? 11.286  -13.136 -0.812  0.50 18.06 ? 71  SER A OG  1 
ATOM   576  N N   . THR A 1 72  ? 9.249   -10.724 -0.573  1.00 16.24 ? 72  THR A N   1 
ATOM   577  C CA  . THR A 1 72  ? 8.532   -9.752  -1.397  1.00 16.11 ? 72  THR A CA  1 
ATOM   578  C C   . THR A 1 72  ? 7.732   -8.766  -0.543  1.00 15.35 ? 72  THR A C   1 
ATOM   579  O O   . THR A 1 72  ? 7.699   -7.568  -0.845  1.00 14.62 ? 72  THR A O   1 
ATOM   580  C CB  . THR A 1 72  ? 7.667   -10.465 -2.451  1.00 16.54 ? 72  THR A CB  1 
ATOM   581  O OG1 . THR A 1 72  ? 8.517   -11.305 -3.247  1.00 17.90 ? 72  THR A OG1 1 
ATOM   582  C CG2 . THR A 1 72  ? 6.960   -9.463  -3.350  1.00 17.38 ? 72  THR A CG2 1 
ATOM   583  N N   . ASN A 1 73  ? 7.108   -9.265  0.525   1.00 14.43 ? 73  ASN A N   1 
ATOM   584  C CA  . ASN A 1 73  ? 6.381   -8.403  1.462   1.00 14.47 ? 73  ASN A CA  1 
ATOM   585  C C   . ASN A 1 73  ? 7.307   -7.377  2.103   1.00 15.06 ? 73  ASN A C   1 
ATOM   586  O O   . ASN A 1 73  ? 6.956   -6.196  2.212   1.00 14.90 ? 73  ASN A O   1 
ATOM   587  C CB  . ASN A 1 73  ? 5.681   -9.228  2.552   1.00 14.19 ? 73  ASN A CB  1 
ATOM   588  C CG  . ASN A 1 73  ? 4.679   -10.229 1.988   1.00 12.94 ? 73  ASN A CG  1 
ATOM   589  O OD1 . ASN A 1 73  ? 4.384   -10.237 0.788   1.00 12.64 ? 73  ASN A OD1 1 
ATOM   590  N ND2 . ASN A 1 73  ? 4.166   -11.089 2.855   1.00 11.86 ? 73  ASN A ND2 1 
ATOM   591  N N   A CYS A 1 74  ? 8.486   -7.829  2.514   0.50 15.47 ? 74  CYS A N   1 
ATOM   592  N N   B CYS A 1 74  ? 8.478   -7.843  2.541   0.50 15.54 ? 74  CYS A N   1 
ATOM   593  C CA  A CYS A 1 74  ? 9.485   -6.941  3.097   0.50 15.81 ? 74  CYS A CA  1 
ATOM   594  C CA  B CYS A 1 74  ? 9.538   -6.977  3.072   0.50 16.57 ? 74  CYS A CA  1 
ATOM   595  C C   A CYS A 1 74  ? 9.932   -5.844  2.125   0.50 15.78 ? 74  CYS A C   1 
ATOM   596  C C   B CYS A 1 74  ? 9.871   -5.845  2.109   0.50 16.14 ? 74  CYS A C   1 
ATOM   597  O O   A CYS A 1 74  ? 10.077  -4.687  2.517   0.50 15.58 ? 74  CYS A O   1 
ATOM   598  O O   B CYS A 1 74  ? 9.883   -4.674  2.490   0.50 15.95 ? 74  CYS A O   1 
ATOM   599  C CB  A CYS A 1 74  ? 10.686  -7.741  3.592   0.50 15.95 ? 74  CYS A CB  1 
ATOM   600  C CB  B CYS A 1 74  ? 10.811  -7.783  3.339   0.50 16.88 ? 74  CYS A CB  1 
ATOM   601  S SG  A CYS A 1 74  ? 11.698  -6.819  4.745   0.50 16.61 ? 74  CYS A SG  1 
ATOM   602  S SG  B CYS A 1 74  ? 10.882  -8.583  4.939   0.50 20.99 ? 74  CYS A SG  1 
ATOM   603  N N   . LYS A 1 75  ? 10.147  -6.217  0.862   1.00 16.00 ? 75  LYS A N   1 
ATOM   604  C CA  . LYS A 1 75  ? 10.504  -5.260  -0.183  1.00 15.74 ? 75  LYS A CA  1 
ATOM   605  C C   . LYS A 1 75  ? 9.433   -4.187  -0.369  1.00 15.07 ? 75  LYS A C   1 
ATOM   606  O O   . LYS A 1 75  ? 9.749   -2.992  -0.409  1.00 14.61 ? 75  LYS A O   1 
ATOM   607  C CB  . LYS A 1 75  ? 10.761  -5.990  -1.500  1.00 16.38 ? 75  LYS A CB  1 
ATOM   608  C CG  . LYS A 1 75  ? 11.255  -5.091  -2.612  1.00 18.38 ? 75  LYS A CG  1 
ATOM   609  C CD  . LYS A 1 75  ? 12.191  -5.843  -3.547  1.00 23.98 ? 75  LYS A CD  1 
ATOM   610  C CE  . LYS A 1 75  ? 11.438  -6.402  -4.723  1.00 26.26 ? 75  LYS A CE  1 
ATOM   611  N NZ  . LYS A 1 75  ? 12.225  -6.175  -6.022  1.00 28.61 ? 75  LYS A NZ  1 
ATOM   612  N N   . ILE A 1 76  ? 8.174   -4.623  -0.468  1.00 13.98 ? 76  ILE A N   1 
ATOM   613  C CA  . ILE A 1 76  ? 7.037   -3.713  -0.637  1.00 14.08 ? 76  ILE A CA  1 
ATOM   614  C C   . ILE A 1 76  ? 6.866   -2.798  0.580   1.00 14.21 ? 76  ILE A C   1 
ATOM   615  O O   . ILE A 1 76  ? 6.672   -1.586  0.434   1.00 14.03 ? 76  ILE A O   1 
ATOM   616  C CB  . ILE A 1 76  ? 5.713   -4.486  -0.954  1.00 13.75 ? 76  ILE A CB  1 
ATOM   617  C CG1 . ILE A 1 76  ? 5.814   -5.189  -2.314  1.00 14.18 ? 76  ILE A CG1 1 
ATOM   618  C CG2 . ILE A 1 76  ? 4.505   -3.551  -0.947  1.00 13.72 ? 76  ILE A CG2 1 
ATOM   619  C CD1 . ILE A 1 76  ? 4.711   -6.251  -2.573  1.00 14.34 ? 76  ILE A CD1 1 
ATOM   620  N N   . ALA A 1 77  ? 6.954   -3.373  1.776   1.00 14.40 ? 77  ALA A N   1 
ATOM   621  C CA  . ALA A 1 77  ? 6.813   -2.590  3.003   1.00 15.21 ? 77  ALA A CA  1 
ATOM   622  C C   . ALA A 1 77  ? 7.912   -1.527  3.136   1.00 15.69 ? 77  ALA A C   1 
ATOM   623  O O   . ALA A 1 77  ? 7.637   -0.394  3.540   1.00 16.30 ? 77  ALA A O   1 
ATOM   624  C CB  . ALA A 1 77  ? 6.793   -3.500  4.219   1.00 15.09 ? 77  ALA A CB  1 
ATOM   625  N N   . ALA A 1 78  ? 9.143   -1.895  2.783   1.00 16.01 ? 78  ALA A N   1 
ATOM   626  C CA  . ALA A 1 78  ? 10.279  -0.963  2.815   1.00 16.60 ? 78  ALA A CA  1 
ATOM   627  C C   . ALA A 1 78  ? 10.019  0.232   1.903   1.00 16.87 ? 78  ALA A C   1 
ATOM   628  O O   . ALA A 1 78  ? 10.237  1.380   2.284   1.00 17.45 ? 78  ALA A O   1 
ATOM   629  C CB  . ALA A 1 78  ? 11.559  -1.677  2.402   1.00 16.86 ? 78  ALA A CB  1 
ATOM   630  N N   . ALA A 1 79  ? 9.520   -0.050  0.707   1.00 16.67 ? 79  ALA A N   1 
ATOM   631  C CA  . ALA A 1 79  ? 9.288   0.971   -0.297  1.00 16.54 ? 79  ALA A CA  1 
ATOM   632  C C   . ALA A 1 79  ? 8.086   1.847   0.045   1.00 16.52 ? 79  ALA A C   1 
ATOM   633  O O   . ALA A 1 79  ? 8.126   3.064   -0.151  1.00 16.58 ? 79  ALA A O   1 
ATOM   634  C CB  . ALA A 1 79  ? 9.116   0.328   -1.658  1.00 16.51 ? 79  ALA A CB  1 
ATOM   635  N N   . LEU A 1 80  ? 7.020   1.226   0.549   1.00 16.36 ? 80  LEU A N   1 
ATOM   636  C CA  . LEU A 1 80  ? 5.793   1.938   0.893   1.00 16.42 ? 80  LEU A CA  1 
ATOM   637  C C   . LEU A 1 80  ? 5.942   2.805   2.141   1.00 16.30 ? 80  LEU A C   1 
ATOM   638  O O   . LEU A 1 80  ? 5.491   3.952   2.153   1.00 16.00 ? 80  LEU A O   1 
ATOM   639  C CB  . LEU A 1 80  ? 4.619   0.959   1.045   1.00 16.36 ? 80  LEU A CB  1 
ATOM   640  C CG  . LEU A 1 80  ? 3.721   0.667   -0.169  1.00 17.48 ? 80  LEU A CG  1 
ATOM   641  C CD1 . LEU A 1 80  ? 4.400   0.804   -1.523  1.00 18.22 ? 80  LEU A CD1 1 
ATOM   642  C CD2 . LEU A 1 80  ? 3.036   -0.688  -0.032  1.00 16.68 ? 80  LEU A CD2 1 
ATOM   643  N N   A SER A 1 81  ? 6.561   2.247   3.180   0.50 16.63 ? 81  SER A N   1 
ATOM   644  N N   B SER A 1 81  ? 6.581   2.266   3.178   0.50 16.02 ? 81  SER A N   1 
ATOM   645  C CA  A SER A 1 81  ? 6.842   2.988   4.404   0.50 17.14 ? 81  SER A CA  1 
ATOM   646  C CA  B SER A 1 81  ? 6.795   3.020   4.412   0.50 15.81 ? 81  SER A CA  1 
ATOM   647  C C   A SER A 1 81  ? 7.681   4.221   4.093   0.50 17.17 ? 81  SER A C   1 
ATOM   648  C C   B SER A 1 81  ? 7.783   4.178   4.217   0.50 16.54 ? 81  SER A C   1 
ATOM   649  O O   A SER A 1 81  ? 7.383   5.320   4.568   0.50 17.16 ? 81  SER A O   1 
ATOM   650  O O   B SER A 1 81  ? 7.690   5.191   4.911   0.50 16.78 ? 81  SER A O   1 
ATOM   651  C CB  A SER A 1 81  ? 7.577   2.108   5.419   0.50 17.14 ? 81  SER A CB  1 
ATOM   652  C CB  B SER A 1 81  ? 7.237   2.110   5.565   0.50 15.54 ? 81  SER A CB  1 
ATOM   653  O OG  A SER A 1 81  ? 6.691   1.193   6.024   0.50 19.39 ? 81  SER A OG  1 
ATOM   654  O OG  B SER A 1 81  ? 8.489   1.501   5.304   0.50 12.44 ? 81  SER A OG  1 
ATOM   655  N N   . ALA A 1 82  ? 8.711   4.026   3.271   1.00 17.23 ? 82  ALA A N   1 
ATOM   656  C CA  . ALA A 1 82  ? 9.649   5.100   2.911   1.00 17.57 ? 82  ALA A CA  1 
ATOM   657  C C   . ALA A 1 82  ? 8.933   6.222   2.145   1.00 18.01 ? 82  ALA A C   1 
ATOM   658  O O   . ALA A 1 82  ? 9.191   7.402   2.382   1.00 18.25 ? 82  ALA A O   1 
ATOM   659  C CB  . ALA A 1 82  ? 10.825  4.551   2.109   1.00 17.75 ? 82  ALA A CB  1 
ATOM   660  N N   . ALA A 1 83  ? 8.014   5.842   1.259   1.00 18.07 ? 83  ALA A N   1 
ATOM   661  C CA  . ALA A 1 83  ? 7.223   6.795   0.474   1.00 18.14 ? 83  ALA A CA  1 
ATOM   662  C C   . ALA A 1 83  ? 6.266   7.608   1.348   1.00 18.41 ? 83  ALA A C   1 
ATOM   663  O O   . ALA A 1 83  ? 6.101   8.814   1.146   1.00 18.11 ? 83  ALA A O   1 
ATOM   664  C CB  . ALA A 1 83  ? 6.461   6.066   -0.625  1.00 18.13 ? 83  ALA A CB  1 
ATOM   665  N N   . CYS A 1 84  ? 5.640   6.948   2.323   1.00 18.31 ? 84  CYS A N   1 
ATOM   666  C CA  . CYS A 1 84  ? 4.760   7.637   3.270   1.00 18.74 ? 84  CYS A CA  1 
ATOM   667  C C   . CYS A 1 84  ? 5.560   8.621   4.123   1.00 19.24 ? 84  CYS A C   1 
ATOM   668  O O   . CYS A 1 84  ? 5.092   9.716   4.417   1.00 19.23 ? 84  CYS A O   1 
ATOM   669  C CB  . CYS A 1 84  ? 4.028   6.634   4.167   1.00 18.35 ? 84  CYS A CB  1 
ATOM   670  S SG  . CYS A 1 84  ? 2.736   5.678   3.304   1.00 17.74 ? 84  CYS A SG  1 
ATOM   671  N N   . GLU A 1 85  ? 6.762   8.224   4.518   1.00 19.86 ? 85  GLU A N   1 
ATOM   672  C CA  . GLU A 1 85  ? 7.627   9.098   5.314   1.00 21.21 ? 85  GLU A CA  1 
ATOM   673  C C   . GLU A 1 85  ? 7.999   10.339  4.511   1.00 21.43 ? 85  GLU A C   1 
ATOM   674  O O   . GLU A 1 85  ? 7.917   11.460  5.012   1.00 21.37 ? 85  GLU A O   1 
ATOM   675  C CB  . GLU A 1 85  ? 8.886   8.349   5.727   1.00 21.39 ? 85  GLU A CB  1 
ATOM   676  C CG  . GLU A 1 85  ? 9.760   9.088   6.725   1.00 24.00 ? 85  GLU A CG  1 
ATOM   677  C CD  . GLU A 1 85  ? 10.884  8.211   7.213   1.00 28.41 ? 85  GLU A CD  1 
ATOM   678  O OE1 . GLU A 1 85  ? 10.824  7.769   8.379   1.00 29.34 ? 85  GLU A OE1 1 
ATOM   679  O OE2 . GLU A 1 85  ? 11.810  7.932   6.414   1.00 31.45 ? 85  GLU A OE2 1 
ATOM   680  N N   . ARG A 1 86  ? 8.391   10.105  3.262   1.00 22.13 ? 86  ARG A N   1 
ATOM   681  C CA  . ARG A 1 86  ? 8.779   11.139  2.302   1.00 22.98 ? 86  ARG A CA  1 
ATOM   682  C C   . ARG A 1 86  ? 7.628   12.097  1.976   1.00 22.79 ? 86  ARG A C   1 
ATOM   683  O O   . ARG A 1 86  ? 7.805   13.316  1.992   1.00 22.89 ? 86  ARG A O   1 
ATOM   684  C CB  . ARG A 1 86  ? 9.285   10.448  1.030   1.00 23.31 ? 86  ARG A CB  1 
ATOM   685  C CG  . ARG A 1 86  ? 9.881   11.332  -0.057  1.00 25.74 ? 86  ARG A CG  1 
ATOM   686  C CD  . ARG A 1 86  ? 10.848  10.511  -0.935  1.00 29.86 ? 86  ARG A CD  1 
ATOM   687  N NE  . ARG A 1 86  ? 10.179  9.493   -1.760  1.00 33.41 ? 86  ARG A NE  1 
ATOM   688  C CZ  . ARG A 1 86  ? 10.255  8.169   -1.576  1.00 34.62 ? 86  ARG A CZ  1 
ATOM   689  N NH1 . ARG A 1 86  ? 10.974  7.653   -0.581  1.00 35.54 ? 86  ARG A NH1 1 
ATOM   690  N NH2 . ARG A 1 86  ? 9.604   7.351   -2.394  1.00 34.04 ? 86  ARG A NH2 1 
ATOM   691  N N   . HIS A 1 87  ? 6.449   11.549  1.691   1.00 22.23 ? 87  HIS A N   1 
ATOM   692  C CA  . HIS A 1 87  ? 5.316   12.364  1.249   1.00 22.13 ? 87  HIS A CA  1 
ATOM   693  C C   . HIS A 1 87  ? 4.389   12.863  2.356   1.00 22.03 ? 87  HIS A C   1 
ATOM   694  O O   . HIS A 1 87  ? 3.744   13.903  2.193   1.00 22.54 ? 87  HIS A O   1 
ATOM   695  C CB  . HIS A 1 87  ? 4.513   11.626  0.175   1.00 21.91 ? 87  HIS A CB  1 
ATOM   696  C CG  . HIS A 1 87  ? 5.293   11.357  -1.071  1.00 22.70 ? 87  HIS A CG  1 
ATOM   697  N ND1 . HIS A 1 87  ? 5.688   12.361  -1.928  1.00 23.41 ? 87  HIS A ND1 1 
ATOM   698  C CD2 . HIS A 1 87  ? 5.775   10.205  -1.591  1.00 23.36 ? 87  HIS A CD2 1 
ATOM   699  C CE1 . HIS A 1 87  ? 6.369   11.838  -2.931  1.00 24.05 ? 87  HIS A CE1 1 
ATOM   700  N NE2 . HIS A 1 87  ? 6.434   10.530  -2.752  1.00 24.52 ? 87  HIS A NE2 1 
ATOM   701  N N   . LEU A 1 88  ? 4.313   12.135  3.465   1.00 21.63 ? 88  LEU A N   1 
ATOM   702  C CA  . LEU A 1 88  ? 3.352   12.466  4.527   1.00 21.42 ? 88  LEU A CA  1 
ATOM   703  C C   . LEU A 1 88  ? 4.001   12.922  5.834   1.00 21.15 ? 88  LEU A C   1 
ATOM   704  O O   . LEU A 1 88  ? 3.328   13.496  6.689   1.00 21.02 ? 88  LEU A O   1 
ATOM   705  C CB  . LEU A 1 88  ? 2.401   11.288  4.806   1.00 21.33 ? 88  LEU A CB  1 
ATOM   706  C CG  . LEU A 1 88  ? 1.645   10.639  3.637   1.00 21.04 ? 88  LEU A CG  1 
ATOM   707  C CD1 . LEU A 1 88  ? 0.864   9.419   4.118   1.00 21.24 ? 88  LEU A CD1 1 
ATOM   708  C CD2 . LEU A 1 88  ? 0.718   11.618  2.930   1.00 20.96 ? 88  LEU A CD2 1 
ATOM   709  N N   . GLY A 1 89  ? 5.296   12.653  5.981   1.00 21.21 ? 89  GLY A N   1 
ATOM   710  C CA  . GLY A 1 89  ? 6.034   12.974  7.203   1.00 21.29 ? 89  GLY A CA  1 
ATOM   711  C C   . GLY A 1 89  ? 5.861   11.966  8.327   1.00 21.40 ? 89  GLY A C   1 
ATOM   712  O O   . GLY A 1 89  ? 6.312   12.206  9.448   1.00 21.65 ? 89  GLY A O   1 
ATOM   713  N N   . VAL A 1 90  ? 5.207   10.841  8.032   1.00 21.01 ? 90  VAL A N   1 
ATOM   714  C CA  . VAL A 1 90  ? 4.962   9.793   9.025   1.00 20.73 ? 90  VAL A CA  1 
ATOM   715  C C   . VAL A 1 90  ? 6.204   8.919   9.162   1.00 20.61 ? 90  VAL A C   1 
ATOM   716  O O   . VAL A 1 90  ? 6.674   8.376   8.166   1.00 20.36 ? 90  VAL A O   1 
ATOM   717  C CB  . VAL A 1 90  ? 3.739   8.901   8.631   1.00 20.61 ? 90  VAL A CB  1 
ATOM   718  C CG1 . VAL A 1 90  ? 3.509   7.796   9.666   1.00 20.38 ? 90  VAL A CG1 1 
ATOM   719  C CG2 . VAL A 1 90  ? 2.479   9.744   8.449   1.00 20.62 ? 90  VAL A CG2 1 
ATOM   720  N N   . PRO A 1 91  ? 6.735   8.768   10.397  1.00 20.85 ? 91  PRO A N   1 
ATOM   721  C CA  . PRO A 1 91  ? 7.925   7.948   10.619  1.00 21.05 ? 91  PRO A CA  1 
ATOM   722  C C   . PRO A 1 91  ? 7.652   6.529   10.149  1.00 21.17 ? 91  PRO A C   1 
ATOM   723  O O   . PRO A 1 91  ? 6.589   5.985   10.449  1.00 20.93 ? 91  PRO A O   1 
ATOM   724  C CB  . PRO A 1 91  ? 8.096   7.965   12.142  1.00 21.29 ? 91  PRO A CB  1 
ATOM   725  C CG  . PRO A 1 91  ? 7.351   9.159   12.606  1.00 21.32 ? 91  PRO A CG  1 
ATOM   726  C CD  . PRO A 1 91  ? 6.225   9.357   11.651  1.00 21.09 ? 91  PRO A CD  1 
ATOM   727  N N   . LYS A 1 92  ? 8.591   5.934   9.422   1.00 21.57 ? 92  LYS A N   1 
ATOM   728  C CA  . LYS A 1 92  ? 8.337   4.609   8.864   1.00 22.11 ? 92  LYS A CA  1 
ATOM   729  C C   . LYS A 1 92  ? 8.083   3.548   9.929   1.00 21.39 ? 92  LYS A C   1 
ATOM   730  O O   . LYS A 1 92  ? 7.287   2.634   9.709   1.00 21.09 ? 92  LYS A O   1 
ATOM   731  C CB  . LYS A 1 92  ? 9.382   4.175   7.823   1.00 22.40 ? 92  LYS A CB  1 
ATOM   732  C CG  . LYS A 1 92  ? 10.824  4.123   8.259   1.00 23.85 ? 92  LYS A CG  1 
ATOM   733  C CD  . LYS A 1 92  ? 11.675  3.629   7.087   1.00 24.18 ? 92  LYS A CD  1 
ATOM   734  C CE  . LYS A 1 92  ? 13.130  3.997   7.239   1.00 27.78 ? 92  LYS A CE  1 
ATOM   735  N NZ  . LYS A 1 92  ? 13.890  3.575   6.026   1.00 30.00 ? 92  LYS A NZ  1 
ATOM   736  N N   . ASN A 1 93  ? 8.710   3.703   11.097  1.00 20.79 ? 93  ASN A N   1 
ATOM   737  C CA  . ASN A 1 93  ? 8.476   2.788   12.223  1.00 20.32 ? 93  ASN A CA  1 
ATOM   738  C C   . ASN A 1 93  ? 7.101   2.916   12.894  1.00 19.21 ? 93  ASN A C   1 
ATOM   739  O O   . ASN A 1 93  ? 6.789   2.163   13.822  1.00 18.91 ? 93  ASN A O   1 
ATOM   740  C CB  . ASN A 1 93  ? 9.621   2.846   13.262  1.00 21.28 ? 93  ASN A CB  1 
ATOM   741  C CG  . ASN A 1 93  ? 9.625   4.127   14.104  1.00 23.38 ? 93  ASN A CG  1 
ATOM   742  O OD1 . ASN A 1 93  ? 8.753   4.999   13.987  1.00 25.88 ? 93  ASN A OD1 1 
ATOM   743  N ND2 . ASN A 1 93  ? 10.632  4.240   14.968  1.00 27.08 ? 93  ASN A ND2 1 
ATOM   744  N N   . ARG A 1 94  ? 6.288   3.860   12.418  1.00 17.74 ? 94  ARG A N   1 
ATOM   745  C CA  . ARG A 1 94  ? 4.894   3.978   12.856  1.00 16.54 ? 94  ARG A CA  1 
ATOM   746  C C   . ARG A 1 94  ? 3.918   3.617   11.734  1.00 15.90 ? 94  ARG A C   1 
ATOM   747  O O   . ARG A 1 94  ? 2.763   4.019   11.747  1.00 15.00 ? 94  ARG A O   1 
ATOM   748  C CB  . ARG A 1 94  ? 4.611   5.367   13.438  1.00 17.04 ? 94  ARG A CB  1 
ATOM   749  C CG  . ARG A 1 94  ? 5.256   5.535   14.814  1.00 16.71 ? 94  ARG A CG  1 
ATOM   750  C CD  . ARG A 1 94  ? 4.979   6.872   15.465  1.00 17.74 ? 94  ARG A CD  1 
ATOM   751  N NE  . ARG A 1 94  ? 3.580   7.103   15.824  1.00 17.63 ? 94  ARG A NE  1 
ATOM   752  C CZ  . ARG A 1 94  ? 2.936   6.532   16.845  1.00 17.30 ? 94  ARG A CZ  1 
ATOM   753  N NH1 . ARG A 1 94  ? 3.535   5.636   17.626  1.00 18.01 ? 94  ARG A NH1 1 
ATOM   754  N NH2 . ARG A 1 94  ? 1.676   6.860   17.080  1.00 19.35 ? 94  ARG A NH2 1 
ATOM   755  N N   . ILE A 1 95  ? 4.402   2.825   10.779  1.00 14.92 ? 95  ILE A N   1 
ATOM   756  C CA  . ILE A 1 95  ? 3.578   2.360   9.669   1.00 14.67 ? 95  ILE A CA  1 
ATOM   757  C C   . ILE A 1 95  ? 3.498   0.846   9.677   1.00 14.28 ? 95  ILE A C   1 
ATOM   758  O O   . ILE A 1 95  ? 4.535   0.162   9.648   1.00 14.24 ? 95  ILE A O   1 
ATOM   759  C CB  . ILE A 1 95  ? 4.135   2.851   8.309   1.00 14.48 ? 95  ILE A CB  1 
ATOM   760  C CG1 . ILE A 1 95  ? 4.163   4.377   8.283   1.00 14.98 ? 95  ILE A CG1 1 
ATOM   761  C CG2 . ILE A 1 95  ? 3.304   2.286   7.129   1.00 14.62 ? 95  ILE A CG2 1 
ATOM   762  C CD1 . ILE A 1 95  ? 4.957   4.954   7.135   1.00 17.11 ? 95  ILE A CD1 1 
ATOM   763  N N   . TYR A 1 96  ? 2.267   0.334   9.758   1.00 14.01 ? 96  TYR A N   1 
ATOM   764  C CA  . TYR A 1 96  ? 2.009   -1.097  9.605   1.00 13.58 ? 96  TYR A CA  1 
ATOM   765  C C   . TYR A 1 96  ? 1.572   -1.374  8.181   1.00 13.31 ? 96  TYR A C   1 
ATOM   766  O O   . TYR A 1 96  ? 0.675   -0.706  7.662   1.00 13.97 ? 96  TYR A O   1 
ATOM   767  C CB  . TYR A 1 96  ? 0.894   -1.578  10.535  1.00 13.29 ? 96  TYR A CB  1 
ATOM   768  C CG  . TYR A 1 96  ? 1.304   -2.047  11.924  1.00 13.10 ? 96  TYR A CG  1 
ATOM   769  C CD1 . TYR A 1 96  ? 2.641   -2.350  12.238  1.00 13.70 ? 96  TYR A CD1 1 
ATOM   770  C CD2 . TYR A 1 96  ? 0.330   -2.235  12.915  1.00 13.21 ? 96  TYR A CD2 1 
ATOM   771  C CE1 . TYR A 1 96  ? 2.994   -2.792  13.524  1.00 13.28 ? 96  TYR A CE1 1 
ATOM   772  C CE2 . TYR A 1 96  ? 0.671   -2.682  14.192  1.00 12.99 ? 96  TYR A CE2 1 
ATOM   773  C CZ  . TYR A 1 96  ? 2.003   -2.961  14.486  1.00 12.74 ? 96  TYR A CZ  1 
ATOM   774  O OH  . TYR A 1 96  ? 2.345   -3.407  15.751  1.00 13.25 ? 96  TYR A OH  1 
ATOM   775  N N   . THR A 1 97  ? 2.203   -2.360  7.553   1.00 13.08 ? 97  THR A N   1 
ATOM   776  C CA  . THR A 1 97  ? 1.763   -2.855  6.251   1.00 13.10 ? 97  THR A CA  1 
ATOM   777  C C   . THR A 1 97  ? 1.410   -4.331  6.411   1.00 12.67 ? 97  THR A C   1 
ATOM   778  O O   . THR A 1 97  ? 2.224   -5.105  6.913   1.00 13.05 ? 97  THR A O   1 
ATOM   779  C CB  . THR A 1 97  ? 2.855   -2.684  5.167   1.00 13.15 ? 97  THR A CB  1 
ATOM   780  O OG1 . THR A 1 97  ? 3.275   -1.313  5.098   1.00 14.38 ? 97  THR A OG1 1 
ATOM   781  C CG2 . THR A 1 97  ? 2.317   -3.090  3.806   1.00 13.95 ? 97  THR A CG2 1 
ATOM   782  N N   . THR A 1 98  ? 0.192   -4.705  6.020   1.00 12.25 ? 98  THR A N   1 
ATOM   783  C CA  . THR A 1 98  ? -0.222  -6.115  6.071   1.00 12.29 ? 98  THR A CA  1 
ATOM   784  C C   . THR A 1 98  ? -0.577  -6.621  4.685   1.00 11.62 ? 98  THR A C   1 
ATOM   785  O O   . THR A 1 98  ? -1.067  -5.862  3.835   1.00 11.01 ? 98  THR A O   1 
ATOM   786  C CB  . THR A 1 98  ? -1.381  -6.374  7.073   1.00 12.47 ? 98  THR A CB  1 
ATOM   787  O OG1 . THR A 1 98  ? -2.583  -5.739  6.616   1.00 13.65 ? 98  THR A OG1 1 
ATOM   788  C CG2 . THR A 1 98  ? -1.024  -5.861  8.464   1.00 13.47 ? 98  THR A CG2 1 
ATOM   789  N N   . PHE A 1 99  ? -0.333  -7.912  4.477   1.00 11.33 ? 99  PHE A N   1 
ATOM   790  C CA  . PHE A 1 99  ? -0.385  -8.530  3.160   1.00 11.55 ? 99  PHE A CA  1 
ATOM   791  C C   . PHE A 1 99  ? -1.395  -9.661  3.131   1.00 11.31 ? 99  PHE A C   1 
ATOM   792  O O   . PHE A 1 99  ? -1.524  -10.421 4.100   1.00 11.69 ? 99  PHE A O   1 
ATOM   793  C CB  . PHE A 1 99  ? 1.008   -9.028  2.768   1.00 11.27 ? 99  PHE A CB  1 
ATOM   794  C CG  . PHE A 1 99  ? 2.026   -7.925  2.670   1.00 11.73 ? 99  PHE A CG  1 
ATOM   795  C CD1 . PHE A 1 99  ? 2.331   -7.348  1.433   1.00 12.02 ? 99  PHE A CD1 1 
ATOM   796  C CD2 . PHE A 1 99  ? 2.657   -7.434  3.812   1.00 11.95 ? 99  PHE A CD2 1 
ATOM   797  C CE1 . PHE A 1 99  ? 3.251   -6.305  1.339   1.00 12.37 ? 99  PHE A CE1 1 
ATOM   798  C CE2 . PHE A 1 99  ? 3.586   -6.374  3.722   1.00 12.12 ? 99  PHE A CE2 1 
ATOM   799  C CZ  . PHE A 1 99  ? 3.875   -5.823  2.488   1.00 11.90 ? 99  PHE A CZ  1 
ATOM   800  N N   . THR A 1 100 ? -2.112  -9.763  2.016   1.00 11.41 ? 100 THR A N   1 
ATOM   801  C CA  . THR A 1 100 ? -3.141  -10.786 1.848   1.00 11.92 ? 100 THR A CA  1 
ATOM   802  C C   . THR A 1 100 ? -2.986  -11.460 0.492   1.00 12.18 ? 100 THR A C   1 
ATOM   803  O O   . THR A 1 100 ? -2.978  -10.785 -0.545  1.00 11.48 ? 100 THR A O   1 
ATOM   804  C CB  . THR A 1 100 ? -4.561  -10.179 1.992   1.00 12.34 ? 100 THR A CB  1 
ATOM   805  O OG1 . THR A 1 100 ? -4.691  -9.558  3.283   1.00 12.77 ? 100 THR A OG1 1 
ATOM   806  C CG2 . THR A 1 100 ? -5.631  -11.255 1.840   1.00 13.63 ? 100 THR A CG2 1 
ATOM   807  N N   . ASN A 1 101 ? -2.825  -12.782 0.515   1.00 12.23 ? 101 ASN A N   1 
ATOM   808  C CA  . ASN A 1 101 ? -2.799  -13.578 -0.708  1.00 13.43 ? 101 ASN A CA  1 
ATOM   809  C C   . ASN A 1 101 ? -4.210  -14.008 -1.090  1.00 13.49 ? 101 ASN A C   1 
ATOM   810  O O   . ASN A 1 101 ? -4.906  -14.692 -0.316  1.00 13.35 ? 101 ASN A O   1 
ATOM   811  C CB  . ASN A 1 101 ? -1.931  -14.822 -0.549  1.00 14.12 ? 101 ASN A CB  1 
ATOM   812  C CG  . ASN A 1 101 ? -1.978  -15.710 -1.782  1.00 17.37 ? 101 ASN A CG  1 
ATOM   813  O OD1 . ASN A 1 101 ? -2.477  -16.843 -1.741  1.00 23.48 ? 101 ASN A OD1 1 
ATOM   814  N ND2 . ASN A 1 101 ? -1.497  -15.186 -2.892  1.00 18.07 ? 101 ASN A ND2 1 
ATOM   815  N N   . LYS A 1 102 ? -4.630  -13.597 -2.279  1.00 12.71 ? 102 LYS A N   1 
ATOM   816  C CA  . LYS A 1 102 ? -5.947  -13.949 -2.783  1.00 13.04 ? 102 LYS A CA  1 
ATOM   817  C C   . LYS A 1 102 ? -5.861  -15.042 -3.832  1.00 13.19 ? 102 LYS A C   1 
ATOM   818  O O   . LYS A 1 102 ? -4.930  -15.063 -4.639  1.00 13.48 ? 102 LYS A O   1 
ATOM   819  C CB  . LYS A 1 102 ? -6.638  -12.719 -3.394  1.00 12.45 ? 102 LYS A CB  1 
ATOM   820  C CG  . LYS A 1 102 ? -6.653  -11.464 -2.513  1.00 12.61 ? 102 LYS A CG  1 
ATOM   821  C CD  . LYS A 1 102 ? -7.441  -11.669 -1.211  1.00 12.48 ? 102 LYS A CD  1 
ATOM   822  C CE  . LYS A 1 102 ? -8.925  -11.914 -1.458  1.00 13.85 ? 102 LYS A CE  1 
ATOM   823  N NZ  . LYS A 1 102 ? -9.670  -11.803 -0.171  1.00 14.66 ? 102 LYS A NZ  1 
ATOM   824  N N   A SER A 1 103 ? -6.841  -15.943 -3.818  0.50 13.18 ? 103 SER A N   1 
ATOM   825  N N   B SER A 1 103 ? -6.824  -15.960 -3.822  0.50 13.14 ? 103 SER A N   1 
ATOM   826  C CA  A SER A 1 103 ? -7.023  -16.906 -4.897  0.50 13.23 ? 103 SER A CA  1 
ATOM   827  C CA  B SER A 1 103 ? -6.947  -16.918 -4.911  0.50 13.12 ? 103 SER A CA  1 
ATOM   828  C C   A SER A 1 103 ? -7.576  -16.172 -6.123  0.50 13.01 ? 103 SER A C   1 
ATOM   829  C C   B SER A 1 103 ? -7.560  -16.191 -6.115  0.50 12.97 ? 103 SER A C   1 
ATOM   830  O O   A SER A 1 103 ? -8.257  -15.154 -5.969  0.50 12.56 ? 103 SER A O   1 
ATOM   831  O O   B SER A 1 103 ? -8.268  -15.197 -5.936  0.50 12.54 ? 103 SER A O   1 
ATOM   832  C CB  A SER A 1 103 ? -7.987  -18.012 -4.461  0.50 13.43 ? 103 SER A CB  1 
ATOM   833  C CB  B SER A 1 103 ? -7.812  -18.111 -4.494  0.50 13.33 ? 103 SER A CB  1 
ATOM   834  O OG  A SER A 1 103 ? -7.488  -18.706 -3.331  0.50 13.50 ? 103 SER A OG  1 
ATOM   835  O OG  B SER A 1 103 ? -9.179  -17.754 -4.459  0.50 12.94 ? 103 SER A OG  1 
ATOM   836  N N   . PRO A 1 104 ? -7.280  -16.669 -7.341  1.00 13.18 ? 104 PRO A N   1 
ATOM   837  C CA  . PRO A 1 104 ? -7.834  -16.017 -8.541  1.00 13.41 ? 104 PRO A CA  1 
ATOM   838  C C   . PRO A 1 104 ? -9.366  -15.896 -8.517  1.00 13.26 ? 104 PRO A C   1 
ATOM   839  O O   . PRO A 1 104 ? -9.899  -14.867 -8.922  1.00 13.73 ? 104 PRO A O   1 
ATOM   840  C CB  . PRO A 1 104 ? -7.379  -16.933 -9.684  1.00 13.86 ? 104 PRO A CB  1 
ATOM   841  C CG  . PRO A 1 104 ? -6.163  -17.605 -9.169  1.00 13.95 ? 104 PRO A CG  1 
ATOM   842  C CD  . PRO A 1 104 ? -6.432  -17.825 -7.704  1.00 13.37 ? 104 PRO A CD  1 
ATOM   843  N N   . SER A 1 105 ? -10.064 -16.920 -8.024  1.00 13.10 ? 105 SER A N   1 
ATOM   844  C CA  . SER A 1 105 ? -11.534 -16.883 -7.965  1.00 13.30 ? 105 SER A CA  1 
ATOM   845  C C   . SER A 1 105 ? -12.085 -15.825 -6.993  1.00 12.87 ? 105 SER A C   1 
ATOM   846  O O   . SER A 1 105 ? -13.261 -15.475 -7.069  1.00 12.91 ? 105 SER A O   1 
ATOM   847  C CB  . SER A 1 105 ? -12.096 -18.254 -7.583  1.00 13.79 ? 105 SER A CB  1 
ATOM   848  O OG  . SER A 1 105 ? -11.711 -18.568 -6.254  1.00 15.01 ? 105 SER A OG  1 
ATOM   849  N N   . GLU A 1 106 ? -11.233 -15.327 -6.094  1.00 12.38 ? 106 GLU A N   1 
ATOM   850  C CA  . GLU A 1 106 ? -11.630 -14.320 -5.095  1.00 12.34 ? 106 GLU A CA  1 
ATOM   851  C C   . GLU A 1 106 ? -11.443 -12.887 -5.588  1.00 12.23 ? 106 GLU A C   1 
ATOM   852  O O   . GLU A 1 106 ? -11.620 -11.945 -4.828  1.00 11.72 ? 106 GLU A O   1 
ATOM   853  C CB  . GLU A 1 106 ? -10.819 -14.491 -3.801  1.00 11.95 ? 106 GLU A CB  1 
ATOM   854  C CG  . GLU A 1 106 ? -11.187 -15.724 -2.997  1.00 13.11 ? 106 GLU A CG  1 
ATOM   855  C CD  . GLU A 1 106 ? -10.196 -16.041 -1.892  1.00 13.46 ? 106 GLU A CD  1 
ATOM   856  O OE1 . GLU A 1 106 ? -9.064  -15.506 -1.896  1.00 13.88 ? 106 GLU A OE1 1 
ATOM   857  O OE2 . GLU A 1 106 ? -10.558 -16.847 -1.008  1.00 14.89 ? 106 GLU A OE2 1 
ATOM   858  N N   . TRP A 1 107 ? -11.080 -12.722 -6.854  1.00 12.34 ? 107 TRP A N   1 
ATOM   859  C CA  . TRP A 1 107 ? -10.754 -11.399 -7.372  1.00 12.37 ? 107 TRP A CA  1 
ATOM   860  C C   . TRP A 1 107 ? -11.462 -11.188 -8.703  1.00 12.55 ? 107 TRP A C   1 
ATOM   861  O O   . TRP A 1 107 ? -11.312 -11.994 -9.628  1.00 12.68 ? 107 TRP A O   1 
ATOM   862  C CB  . TRP A 1 107 ? -9.237  -11.270 -7.544  1.00 12.68 ? 107 TRP A CB  1 
ATOM   863  C CG  . TRP A 1 107 ? -8.714  -9.849  -7.574  1.00 12.72 ? 107 TRP A CG  1 
ATOM   864  C CD1 . TRP A 1 107 ? -9.121  -8.832  -8.395  1.00 13.45 ? 107 TRP A CD1 1 
ATOM   865  C CD2 . TRP A 1 107 ? -7.655  -9.314  -6.770  1.00 12.44 ? 107 TRP A CD2 1 
ATOM   866  N NE1 . TRP A 1 107 ? -8.393  -7.690  -8.130  1.00 13.44 ? 107 TRP A NE1 1 
ATOM   867  C CE2 . TRP A 1 107 ? -7.487  -7.961  -7.141  1.00 13.12 ? 107 TRP A CE2 1 
ATOM   868  C CE3 . TRP A 1 107 ? -6.847  -9.842  -5.754  1.00 11.41 ? 107 TRP A CE3 1 
ATOM   869  C CZ2 . TRP A 1 107 ? -6.529  -7.127  -6.536  1.00 12.66 ? 107 TRP A CZ2 1 
ATOM   870  C CZ3 . TRP A 1 107 ? -5.893  -9.016  -5.156  1.00 12.58 ? 107 TRP A CZ3 1 
ATOM   871  C CH2 . TRP A 1 107 ? -5.743  -7.675  -5.551  1.00 12.53 ? 107 TRP A CH2 1 
ATOM   872  N N   . ALA A 1 108 ? -12.253 -10.117 -8.780  1.00 12.58 ? 108 ALA A N   1 
ATOM   873  C CA  . ALA A 1 108 ? -12.981 -9.769  -9.996  1.00 12.62 ? 108 ALA A CA  1 
ATOM   874  C C   . ALA A 1 108 ? -12.586 -8.391  -10.525 1.00 12.90 ? 108 ALA A C   1 
ATOM   875  O O   . ALA A 1 108 ? -12.257 -7.489  -9.763  1.00 12.13 ? 108 ALA A O   1 
ATOM   876  C CB  . ALA A 1 108 ? -14.482 -9.812  -9.741  1.00 12.65 ? 108 ALA A CB  1 
ATOM   877  N N   . MET A 1 109 ? -12.605 -8.250  -11.845 1.00 13.68 ? 109 MET A N   1 
ATOM   878  C CA  . MET A 1 109 ? -12.513 -6.941  -12.482 1.00 14.76 ? 109 MET A CA  1 
ATOM   879  C C   . MET A 1 109 ? -13.759 -6.804  -13.341 1.00 14.64 ? 109 MET A C   1 
ATOM   880  O O   . MET A 1 109 ? -14.018 -7.636  -14.219 1.00 14.03 ? 109 MET A O   1 
ATOM   881  C CB  . MET A 1 109 ? -11.239 -6.821  -13.319 1.00 14.63 ? 109 MET A CB  1 
ATOM   882  C CG  . MET A 1 109 ? -10.963 -5.413  -13.844 1.00 15.19 ? 109 MET A CG  1 
ATOM   883  S SD  . MET A 1 109 ? -9.473  -5.325  -14.855 1.00 18.51 ? 109 MET A SD  1 
ATOM   884  C CE  . MET A 1 109 ? -10.047 -6.151  -16.338 1.00 20.17 ? 109 MET A CE  1 
ATOM   885  N N   . GLY A 1 110 ? -14.566 -5.787  -13.046 1.00 15.22 ? 110 GLY A N   1 
ATOM   886  C CA  . GLY A 1 110 ? -15.899 -5.708  -13.632 1.00 16.37 ? 110 GLY A CA  1 
ATOM   887  C C   . GLY A 1 110 ? -16.696 -6.976  -13.357 1.00 17.52 ? 110 GLY A C   1 
ATOM   888  O O   . GLY A 1 110 ? -16.823 -7.405  -12.208 1.00 16.46 ? 110 GLY A O   1 
ATOM   889  N N   . ASP A 1 111 ? -17.223 -7.581  -14.418 1.00 18.38 ? 111 ASP A N   1 
ATOM   890  C CA  . ASP A 1 111 ? -18.108 -8.733  -14.274 1.00 20.29 ? 111 ASP A CA  1 
ATOM   891  C C   . ASP A 1 111 ? -17.426 -10.090 -14.479 1.00 20.98 ? 111 ASP A C   1 
ATOM   892  O O   . ASP A 1 111 ? -18.094 -11.092 -14.750 1.00 21.37 ? 111 ASP A O   1 
ATOM   893  C CB  . ASP A 1 111 ? -19.332 -8.582  -15.196 1.00 20.42 ? 111 ASP A CB  1 
ATOM   894  C CG  . ASP A 1 111 ? -18.970 -8.538  -16.674 1.00 22.84 ? 111 ASP A CG  1 
ATOM   895  O OD1 . ASP A 1 111 ? -19.917 -8.498  -17.488 1.00 25.06 ? 111 ASP A OD1 1 
ATOM   896  O OD2 . ASP A 1 111 ? -17.765 -8.543  -17.033 1.00 23.83 ? 111 ASP A OD2 1 
ATOM   897  N N   . ARG A 1 112 ? -16.102 -10.121 -14.329 1.00 21.57 ? 112 ARG A N   1 
ATOM   898  C CA  . ARG A 1 112 ? -15.308 -11.334 -14.553 1.00 22.53 ? 112 ARG A CA  1 
ATOM   899  C C   . ARG A 1 112 ? -14.336 -11.581 -13.392 1.00 21.83 ? 112 ARG A C   1 
ATOM   900  O O   . ARG A 1 112 ? -13.674 -10.654 -12.934 1.00 20.66 ? 112 ARG A O   1 
ATOM   901  C CB  . ARG A 1 112 ? -14.517 -11.214 -15.861 1.00 22.29 ? 112 ARG A CB  1 
ATOM   902  C CG  . ARG A 1 112 ? -15.369 -10.888 -17.095 1.00 24.40 ? 112 ARG A CG  1 
ATOM   903  C CD  . ARG A 1 112 ? -14.535 -10.744 -18.366 1.00 25.46 ? 112 ARG A CD  1 
ATOM   904  N NE  . ARG A 1 112 ? -13.650 -9.578  -18.325 1.00 30.51 ? 112 ARG A NE  1 
ATOM   905  C CZ  . ARG A 1 112 ? -12.836 -9.211  -19.312 1.00 32.91 ? 112 ARG A CZ  1 
ATOM   906  N NH1 . ARG A 1 112 ? -12.786 -9.908  -20.445 1.00 34.36 ? 112 ARG A NH1 1 
ATOM   907  N NH2 . ARG A 1 112 ? -12.072 -8.136  -19.170 1.00 34.55 ? 112 ARG A NH2 1 
ATOM   908  N N   . THR A 1 113 ? -14.261 -12.826 -12.918 1.00 22.22 ? 113 THR A N   1 
ATOM   909  C CA  . THR A 1 113 ? -13.192 -13.215 -11.983 1.00 22.62 ? 113 THR A CA  1 
ATOM   910  C C   . THR A 1 113 ? -11.924 -13.612 -12.729 1.00 22.52 ? 113 THR A C   1 
ATOM   911  O O   . THR A 1 113 ? -11.963 -13.962 -13.915 1.00 22.37 ? 113 THR A O   1 
ATOM   912  C CB  . THR A 1 113 ? -13.575 -14.393 -11.055 1.00 22.94 ? 113 THR A CB  1 
ATOM   913  O OG1 . THR A 1 113 ? -14.140 -15.456 -11.831 1.00 23.67 ? 113 THR A OG1 1 
ATOM   914  C CG2 . THR A 1 113 ? -14.555 -13.958 -9.963  1.00 23.57 ? 113 THR A CG2 1 
ATOM   915  N N   . PHE A 1 114 ? -10.799 -13.575 -12.020 1.00 22.37 ? 114 PHE A N   1 
ATOM   916  C CA  . PHE A 1 114 ? -9.517  -13.979 -12.583 1.00 22.44 ? 114 PHE A CA  1 
ATOM   917  C C   . PHE A 1 114 ? -9.350  -15.495 -12.623 1.00 22.52 ? 114 PHE A C   1 
ATOM   918  O O   . PHE A 1 114 ? -10.157 -16.259 -12.085 1.00 22.54 ? 114 PHE A O   1 
ATOM   919  C CB  . PHE A 1 114 ? -8.364  -13.337 -11.806 1.00 22.43 ? 114 PHE A CB  1 
ATOM   920  C CG  . PHE A 1 114 ? -8.125  -11.904 -12.164 1.00 22.24 ? 114 PHE A CG  1 
ATOM   921  C CD1 . PHE A 1 114 ? -8.702  -10.882 -11.420 1.00 22.58 ? 114 PHE A CD1 1 
ATOM   922  C CD2 . PHE A 1 114 ? -7.325  -11.575 -13.253 1.00 23.45 ? 114 PHE A CD2 1 
ATOM   923  C CE1 . PHE A 1 114 ? -8.484  -9.548  -11.751 1.00 23.31 ? 114 PHE A CE1 1 
ATOM   924  C CE2 . PHE A 1 114 ? -7.106  -10.250 -13.598 1.00 23.43 ? 114 PHE A CE2 1 
ATOM   925  C CZ  . PHE A 1 114 ? -7.683  -9.231  -12.843 1.00 23.06 ? 114 PHE A CZ  1 
ATOM   926  O OXT . PHE A 1 114 ? -8.384  -15.991 -13.204 1.00 22.98 ? 114 PHE A OXT 1 
HETATM 927  S S   . SO4 B 2 .   ? -8.762  -8.053  0.305   1.00 24.50 ? 201 SO4 A S   1 
HETATM 928  O O1  . SO4 B 2 .   ? -8.573  -8.126  -1.144  1.00 27.06 ? 201 SO4 A O1  1 
HETATM 929  O O2  . SO4 B 2 .   ? -9.131  -6.686  0.640   1.00 24.72 ? 201 SO4 A O2  1 
HETATM 930  O O3  . SO4 B 2 .   ? -9.808  -8.989  0.666   1.00 25.70 ? 201 SO4 A O3  1 
HETATM 931  O O4  . SO4 B 2 .   ? -7.491  -8.403  0.939   1.00 25.66 ? 201 SO4 A O4  1 
HETATM 932  O O   . HOH C 3 .   ? -8.373  -2.181  1.574   1.00 16.12 ? 301 HOH A O   1 
HETATM 933  O O   . HOH C 3 .   ? -9.121  -20.003 -7.586  1.00 21.36 ? 302 HOH A O   1 
HETATM 934  O O   . HOH C 3 .   ? -3.692  -9.147  -8.216  1.00 26.37 ? 303 HOH A O   1 
HETATM 935  O O   . HOH C 3 .   ? -2.485  2.651   20.283  1.00 20.37 ? 304 HOH A O   1 
HETATM 936  O O   . HOH C 3 .   ? -3.768  -6.938  3.471   1.00 15.62 ? 305 HOH A O   1 
HETATM 937  O O   . HOH C 3 .   ? -5.658  -3.965  -0.260  1.00 20.63 ? 306 HOH A O   1 
HETATM 938  O O   . HOH C 3 .   ? -0.022  10.689  -14.762 1.00 41.35 ? 307 HOH A O   1 
HETATM 939  O O   . HOH C 3 .   ? 1.010   -2.227  -17.735 1.00 24.16 ? 308 HOH A O   1 
HETATM 940  O O   . HOH C 3 .   ? 11.970  -1.901  -1.288  1.00 21.15 ? 309 HOH A O   1 
HETATM 941  O O   . HOH C 3 .   ? -15.648 -6.093  -10.013 1.00 16.87 ? 310 HOH A O   1 
HETATM 942  O O   . HOH C 3 .   ? -3.126  -13.958 3.072   1.00 15.84 ? 311 HOH A O   1 
HETATM 943  O O   . HOH C 3 .   ? 10.666  -8.913  -6.246  1.00 14.58 ? 312 HOH A O   1 
HETATM 944  O O   . HOH C 3 .   ? 10.413  -15.091 1.075   1.00 21.14 ? 313 HOH A O   1 
HETATM 945  O O   . HOH C 3 .   ? -5.495  -6.446  1.278   1.00 19.65 ? 314 HOH A O   1 
HETATM 946  O O   . HOH C 3 .   ? 6.853   -10.625 -14.304 1.00 32.13 ? 315 HOH A O   1 
HETATM 947  O O   . HOH C 3 .   ? 3.824   -11.870 -8.016  1.00 24.09 ? 316 HOH A O   1 
HETATM 948  O O   . HOH C 3 .   ? -1.974  9.340   14.568  1.00 22.92 ? 317 HOH A O   1 
HETATM 949  O O   . HOH C 3 .   ? -4.950  -12.879 5.467   1.00 27.02 ? 318 HOH A O   1 
HETATM 950  O O   . HOH C 3 .   ? -4.760  10.956  14.718  1.00 25.33 ? 319 HOH A O   1 
HETATM 951  O O   . HOH C 3 .   ? 10.027  4.355   -1.453  1.00 25.69 ? 320 HOH A O   1 
HETATM 952  O O   . HOH C 3 .   ? 8.339   3.680   -6.368  1.00 24.47 ? 321 HOH A O   1 
HETATM 953  O O   . HOH C 3 .   ? 11.288  -10.056 -3.746  1.00 20.80 ? 322 HOH A O   1 
HETATM 954  O O   . HOH C 3 .   ? 8.502   7.405   15.734  1.00 38.87 ? 323 HOH A O   1 
HETATM 955  O O   . HOH C 3 .   ? -10.738 5.856   6.014   1.00 30.80 ? 324 HOH A O   1 
HETATM 956  O O   . HOH C 3 .   ? 1.768   15.617  -7.540  1.00 30.56 ? 325 HOH A O   1 
HETATM 957  O O   . HOH C 3 .   ? -2.842  16.649  8.657   1.00 29.24 ? 326 HOH A O   1 
HETATM 958  O O   . HOH C 3 .   ? 4.627   10.189  14.586  1.00 19.66 ? 327 HOH A O   1 
HETATM 959  O O   . HOH C 3 .   ? -2.475  -3.006  7.188   1.00 29.40 ? 328 HOH A O   1 
HETATM 960  O O   . HOH C 3 .   ? 3.872   -14.293 3.405   1.00 17.87 ? 329 HOH A O   1 
HETATM 961  O O   . HOH C 3 .   ? 5.606   12.519  13.480  1.00 32.96 ? 330 HOH A O   1 
HETATM 962  O O   . HOH C 3 .   ? -7.760  12.931  10.102  1.00 28.27 ? 331 HOH A O   1 
HETATM 963  O O   . HOH C 3 .   ? 10.552  -6.277  -11.342 1.00 33.38 ? 332 HOH A O   1 
HETATM 964  O O   . HOH C 3 .   ? 2.833   13.581  9.548   1.00 28.24 ? 333 HOH A O   1 
HETATM 965  O O   . HOH C 3 .   ? -8.850  14.068  -1.343  1.00 28.14 ? 334 HOH A O   1 
HETATM 966  O O   . HOH C 3 .   ? 10.939  5.560   11.542  1.00 25.07 ? 335 HOH A O   1 
HETATM 967  O O   . HOH C 3 .   ? 8.305   -11.554 -7.213  1.00 26.69 ? 336 HOH A O   1 
HETATM 968  O O   . HOH C 3 .   ? 7.490   -16.691 2.631   1.00 33.66 ? 337 HOH A O   1 
HETATM 969  O O   . HOH C 3 .   ? -2.636  19.260  8.010   1.00 37.41 ? 338 HOH A O   1 
HETATM 970  O O   . HOH C 3 .   ? -5.314  10.106  17.694  1.00 35.96 ? 339 HOH A O   1 
HETATM 971  O O   . HOH C 3 .   ? -9.912  10.727  2.166   1.00 32.14 ? 340 HOH A O   1 
HETATM 972  O O   . HOH C 3 .   ? -6.808  -10.192 5.038   1.00 28.15 ? 341 HOH A O   1 
HETATM 973  O O   . HOH C 3 .   ? -6.491  13.988  2.501   1.00 35.23 ? 342 HOH A O   1 
HETATM 974  O O   . HOH C 3 .   ? 11.793  8.021   3.086   1.00 31.98 ? 343 HOH A O   1 
HETATM 975  O O   . HOH C 3 .   ? -0.694  10.853  22.644  1.00 36.00 ? 344 HOH A O   1 
HETATM 976  O O   . HOH C 3 .   ? -8.921  17.175  7.645   1.00 47.29 ? 345 HOH A O   1 
HETATM 977  O O   . HOH C 3 .   ? 13.199  -8.527  0.826   1.00 30.55 ? 346 HOH A O   1 
HETATM 978  O O   . HOH C 3 .   ? 9.584   -2.642  -5.341  1.00 30.42 ? 347 HOH A O   1 
HETATM 979  O O   . HOH C 3 .   ? 4.026   -9.154  -15.512 1.00 35.93 ? 348 HOH A O   1 
HETATM 980  O O   . HOH C 3 .   ? 0.995   -16.394 0.557   1.00 31.77 ? 349 HOH A O   1 
HETATM 981  O O   . HOH C 3 .   ? 5.883   10.552  -7.415  1.00 31.37 ? 350 HOH A O   1 
HETATM 982  O O   . HOH C 3 .   ? 6.319   4.556   17.797  1.00 30.75 ? 351 HOH A O   1 
HETATM 983  O O   . HOH C 3 .   ? -6.906  17.177  9.478   1.00 48.72 ? 352 HOH A O   1 
HETATM 984  O O   . HOH C 3 .   ? -2.354  12.043  13.870  1.00 34.67 ? 353 HOH A O   1 
HETATM 985  O O   . HOH C 3 .   ? -7.943  -13.075 4.729   0.33 27.25 ? 354 HOH A O   1 
HETATM 986  O O   . HOH C 3 .   ? 1.380   -15.607 3.124   1.00 22.19 ? 355 HOH A O   1 
HETATM 987  O O   . HOH C 3 .   ? -1.450  20.480  -3.553  1.00 36.56 ? 356 HOH A O   1 
HETATM 988  O O   . HOH C 3 .   ? -4.656  -19.643 -4.411  1.00 29.75 ? 357 HOH A O   1 
HETATM 989  O O   . HOH C 3 .   ? 3.936   5.562   -11.246 1.00 30.41 ? 358 HOH A O   1 
HETATM 990  O O   . HOH C 3 .   ? -8.424  12.810  1.007   1.00 34.90 ? 359 HOH A O   1 
HETATM 991  O O   . HOH C 3 .   ? -3.317  -17.148 -5.096  1.00 35.45 ? 360 HOH A O   1 
HETATM 992  O O   . HOH C 3 .   ? 12.769  0.751   -0.388  1.00 34.79 ? 361 HOH A O   1 
HETATM 993  O O   . HOH C 3 .   ? -1.949  -17.772 -7.268  1.00 34.62 ? 362 HOH A O   1 
HETATM 994  O O   . HOH C 3 .   ? -9.109  13.547  13.063  1.00 42.57 ? 363 HOH A O   1 
HETATM 995  O O   . HOH C 3 .   ? -10.829 12.682  7.631   1.00 34.68 ? 364 HOH A O   1 
HETATM 996  O O   . HOH C 3 .   ? 10.347  0.079   -7.380  1.00 47.63 ? 365 HOH A O   1 
HETATM 997  O O   . HOH C 3 .   ? -13.683 -7.249  -16.867 1.00 32.07 ? 366 HOH A O   1 
HETATM 998  O O   . HOH C 3 .   ? -3.179  10.964  23.592  1.00 45.14 ? 367 HOH A O   1 
HETATM 999  O O   . HOH C 3 .   ? 2.614   13.407  -8.981  1.00 44.17 ? 368 HOH A O   1 
HETATM 1000 O O   . HOH C 3 .   ? -10.451 -20.055 -3.496  1.00 42.68 ? 369 HOH A O   1 
HETATM 1001 O O   . HOH C 3 .   ? 12.645  1.791   3.465   1.00 42.23 ? 370 HOH A O   1 
HETATM 1002 O O   . HOH C 3 .   ? 6.853   9.006   -9.470  1.00 43.35 ? 371 HOH A O   1 
HETATM 1003 O O   . HOH C 3 .   ? -2.665  12.904  -11.635 1.00 47.16 ? 372 HOH A O   1 
HETATM 1004 O O   . HOH C 3 .   ? 12.604  6.777   9.833   1.00 42.34 ? 373 HOH A O   1 
HETATM 1005 O O   . HOH C 3 .   ? 2.542   10.395  22.651  1.00 38.59 ? 374 HOH A O   1 
HETATM 1006 O O   . HOH C 3 .   ? -16.589 -8.396  -19.425 1.00 41.51 ? 375 HOH A O   1 
HETATM 1007 O O   . HOH C 3 .   ? -5.789  -21.376 -6.084  1.00 39.08 ? 376 HOH A O   1 
HETATM 1008 O O   . HOH C 3 .   ? 3.791   -17.456 0.289   1.00 35.33 ? 377 HOH A O   1 
HETATM 1009 O O   . HOH C 3 .   ? 4.929   -16.702 2.804   1.00 41.36 ? 378 HOH A O   1 
HETATM 1010 O O   . HOH C 3 .   ? 5.750   8.449   19.328  1.00 43.21 ? 379 HOH A O   1 
HETATM 1011 O O   . HOH C 3 .   ? 7.434   2.510   16.401  1.00 44.88 ? 380 HOH A O   1 
HETATM 1012 O O   . HOH C 3 .   ? 8.915   15.864  2.998   1.00 49.86 ? 381 HOH A O   1 
HETATM 1013 O O   . HOH C 3 .   ? -7.366  -15.611 0.346   1.00 37.24 ? 382 HOH A O   1 
HETATM 1014 O O   . HOH C 3 .   ? 6.781   9.597   16.518  1.00 33.36 ? 383 HOH A O   1 
HETATM 1015 O O   . HOH C 3 .   ? 7.059   -7.161  -14.587 1.00 35.94 ? 384 HOH A O   1 
HETATM 1016 O O   . HOH C 3 .   ? -1.970  -18.086 1.649   1.00 41.72 ? 385 HOH A O   1 
HETATM 1017 O O   . HOH C 3 .   ? 7.816   -3.004  -13.112 1.00 37.82 ? 386 HOH A O   1 
HETATM 1018 O O   . HOH C 3 .   ? -5.568  -0.807  -16.627 1.00 39.55 ? 387 HOH A O   1 
HETATM 1019 O O   . HOH C 3 .   ? -10.406 -2.645  4.716   0.33 31.94 ? 388 HOH A O   1 
HETATM 1020 O O   . HOH C 3 .   ? -10.212 -1.283  2.493   1.00 46.00 ? 389 HOH A O   1 
HETATM 1021 O O   . HOH C 3 .   ? -7.673  -2.624  -0.480  1.00 54.37 ? 390 HOH A O   1 
HETATM 1022 O O   . HOH C 3 .   ? -7.553  0.025   -4.277  1.00 55.08 ? 391 HOH A O   1 
# 
